data_1RKJ
#
_entry.id   1RKJ
#
loop_
_entity.id
_entity.type
_entity.pdbx_description
1 polymer "5'-R(*GP*GP*AP*UP*GP*CP*CP*UP*CP*CP*CP*GP*AP*GP*UP*GP*CP*AP*UP*CP*C)-3'"
2 polymer Nucleolin
#
loop_
_entity_poly.entity_id
_entity_poly.type
_entity_poly.pdbx_seq_one_letter_code
_entity_poly.pdbx_strand_id
1 'polyribonucleotide' GGAUGCCUCCCGAGUGCAUCC B
2 'polypeptide(L)'
;GSHMVEGSESTTPFNLFIGNLNPNKSVAELKVAISELFAKNDLAVVDVRTGTNRKFGYVDFESAEDLEKALELTGLKVFG
NEIKLEKPKGRDSKKVRAARTLLAKNLSFNITEDELKEVFEDALEIRLVSQDGKSKGIAYIEFKSEADAEKNLEEKQGAE
IDGRSVSLYYTGEKG
;
A
#
# COMPACT_ATOMS: atom_id res chain seq x y z
N GLY B 1 -11.77 -18.96 5.51
CA GLY B 1 -11.81 -17.51 5.17
C GLY B 1 -13.14 -17.10 4.55
N SER B 2 -14.22 -17.67 5.05
CA SER B 2 -15.55 -17.37 4.54
C SER B 2 -15.80 -15.86 4.55
N HIS B 3 -16.44 -15.37 3.49
CA HIS B 3 -16.73 -13.95 3.37
C HIS B 3 -15.47 -13.14 3.14
N MET B 4 -14.72 -12.91 4.21
CA MET B 4 -13.48 -12.15 4.12
C MET B 4 -12.82 -12.03 5.50
N VAL B 5 -11.61 -11.48 5.52
CA VAL B 5 -10.87 -11.31 6.77
C VAL B 5 -10.93 -9.85 7.23
N GLU B 6 -10.21 -8.98 6.52
CA GLU B 6 -10.18 -7.57 6.87
C GLU B 6 -11.03 -6.75 5.90
N GLY B 7 -11.78 -5.79 6.44
CA GLY B 7 -12.64 -4.96 5.62
C GLY B 7 -12.74 -3.53 6.14
N SER B 8 -13.38 -2.67 5.36
CA SER B 8 -13.57 -1.28 5.76
C SER B 8 -14.75 -1.12 6.71
N GLU B 9 -14.68 -0.14 7.59
CA GLU B 9 -15.75 0.11 8.55
C GLU B 9 -15.86 1.61 8.85
N SER B 10 -16.67 2.30 8.05
CA SER B 10 -16.87 3.73 8.22
C SER B 10 -18.33 4.11 8.02
N THR B 11 -18.60 5.40 7.84
CA THR B 11 -19.96 5.88 7.64
C THR B 11 -20.50 5.42 6.29
N THR B 12 -19.67 5.50 5.26
CA THR B 12 -20.08 5.10 3.92
C THR B 12 -18.88 4.63 3.10
N PRO B 13 -19.07 3.63 2.24
CA PRO B 13 -18.00 3.08 1.39
C PRO B 13 -17.50 4.10 0.38
N PHE B 14 -18.42 4.87 -0.19
CA PHE B 14 -18.08 5.87 -1.19
C PHE B 14 -16.72 6.50 -0.88
N ASN B 15 -15.68 5.99 -1.53
CA ASN B 15 -14.33 6.50 -1.32
C ASN B 15 -13.74 7.05 -2.61
N LEU B 16 -12.58 7.70 -2.50
CA LEU B 16 -11.90 8.27 -3.65
C LEU B 16 -10.49 8.70 -3.29
N PHE B 17 -9.52 8.26 -4.09
CA PHE B 17 -8.12 8.60 -3.86
C PHE B 17 -7.69 9.75 -4.76
N ILE B 18 -6.79 10.59 -4.26
CA ILE B 18 -6.30 11.72 -5.02
C ILE B 18 -4.80 11.63 -5.26
N GLY B 19 -4.43 11.40 -6.52
CA GLY B 19 -3.02 11.28 -6.86
C GLY B 19 -2.54 12.43 -7.73
N ASN B 20 -1.22 12.58 -7.83
CA ASN B 20 -0.63 13.65 -8.64
C ASN B 20 -0.94 15.01 -8.02
N LEU B 21 -0.62 15.16 -6.74
CA LEU B 21 -0.86 16.42 -6.03
C LEU B 21 0.27 17.41 -6.29
N ASN B 22 1.41 16.89 -6.74
CA ASN B 22 2.57 17.74 -7.03
C ASN B 22 3.26 18.16 -5.73
N PRO B 23 4.21 17.34 -5.25
CA PRO B 23 4.97 17.62 -4.03
C PRO B 23 5.92 18.80 -4.19
N ASN B 24 5.37 19.95 -4.55
CA ASN B 24 6.17 21.16 -4.74
C ASN B 24 6.04 22.09 -3.54
N LYS B 25 4.84 22.62 -3.33
CA LYS B 25 4.59 23.54 -2.22
C LYS B 25 4.69 22.80 -0.89
N SER B 26 3.75 21.89 -0.63
CA SER B 26 3.75 21.12 0.60
C SER B 26 2.54 20.18 0.65
N VAL B 27 2.80 18.90 0.48
CA VAL B 27 1.73 17.89 0.51
C VAL B 27 0.66 18.26 1.53
N ALA B 28 1.05 18.30 2.80
CA ALA B 28 0.12 18.64 3.87
C ALA B 28 -0.87 19.71 3.42
N GLU B 29 -0.34 20.75 2.78
CA GLU B 29 -1.18 21.84 2.30
C GLU B 29 -2.04 21.38 1.14
N LEU B 30 -1.44 20.66 0.20
CA LEU B 30 -2.17 20.16 -0.95
C LEU B 30 -3.41 19.40 -0.51
N LYS B 31 -3.22 18.46 0.41
CA LYS B 31 -4.33 17.66 0.92
C LYS B 31 -5.40 18.56 1.54
N VAL B 32 -4.95 19.52 2.35
CA VAL B 32 -5.87 20.46 2.98
C VAL B 32 -6.65 21.24 1.93
N ALA B 33 -5.92 21.83 0.98
CA ALA B 33 -6.55 22.60 -0.08
C ALA B 33 -7.78 21.84 -0.57
N ILE B 34 -7.59 20.58 -0.93
CA ILE B 34 -8.69 19.74 -1.39
C ILE B 34 -9.74 19.63 -0.30
N SER B 35 -9.28 19.63 0.95
CA SER B 35 -10.18 19.55 2.09
C SER B 35 -11.09 20.78 2.13
N GLU B 36 -10.53 21.89 2.58
CA GLU B 36 -11.29 23.14 2.66
C GLU B 36 -12.26 23.24 1.49
N LEU B 37 -11.82 22.74 0.33
CA LEU B 37 -12.65 22.77 -0.86
C LEU B 37 -13.90 21.92 -0.65
N PHE B 38 -13.70 20.67 -0.24
CA PHE B 38 -14.81 19.76 0.00
C PHE B 38 -15.77 20.37 1.03
N ALA B 39 -15.26 21.29 1.82
CA ALA B 39 -16.06 21.97 2.83
C ALA B 39 -16.89 23.08 2.21
N LYS B 40 -16.25 23.93 1.42
CA LYS B 40 -16.93 25.04 0.76
C LYS B 40 -17.62 24.58 -0.51
N ASN B 41 -17.58 23.27 -0.76
CA ASN B 41 -18.21 22.71 -1.95
C ASN B 41 -19.63 22.24 -1.63
N ASP B 42 -20.15 22.72 -0.50
CA ASP B 42 -21.49 22.36 -0.06
C ASP B 42 -21.59 20.87 0.23
N LEU B 43 -20.93 20.43 1.30
CA LEU B 43 -20.94 19.02 1.68
C LEU B 43 -20.11 18.79 2.93
N ALA B 44 -19.97 17.53 3.33
CA ALA B 44 -19.20 17.19 4.51
C ALA B 44 -18.28 16.00 4.22
N VAL B 45 -17.12 16.29 3.64
CA VAL B 45 -16.15 15.25 3.33
C VAL B 45 -16.13 14.18 4.41
N VAL B 46 -16.67 13.00 4.07
CA VAL B 46 -16.73 11.90 5.01
C VAL B 46 -15.35 11.58 5.59
N ASP B 47 -14.45 11.10 4.74
CA ASP B 47 -13.10 10.76 5.17
C ASP B 47 -12.06 11.69 4.55
N VAL B 48 -10.98 11.91 5.28
CA VAL B 48 -9.90 12.78 4.81
C VAL B 48 -8.58 12.43 5.49
N ARG B 49 -7.79 11.60 4.83
CA ARG B 49 -6.49 11.18 5.37
C ARG B 49 -5.42 11.23 4.29
N THR B 50 -4.16 11.21 4.72
CA THR B 50 -3.04 11.26 3.78
C THR B 50 -2.30 9.92 3.75
N GLY B 51 -1.42 9.77 2.76
CA GLY B 51 -0.66 8.55 2.63
C GLY B 51 0.77 8.81 2.26
N THR B 52 1.70 8.44 3.14
CA THR B 52 3.13 8.63 2.91
C THR B 52 3.45 10.08 2.58
N ASN B 53 4.39 10.65 3.33
CA ASN B 53 4.84 12.02 3.17
C ASN B 53 4.49 12.61 1.79
N ARG B 54 4.74 11.84 0.73
CA ARG B 54 4.45 12.32 -0.62
C ARG B 54 3.93 11.20 -1.52
N LYS B 55 2.85 10.53 -1.09
CA LYS B 55 2.26 9.47 -1.88
C LYS B 55 0.94 9.92 -2.49
N PHE B 56 -0.09 10.05 -1.66
CA PHE B 56 -1.41 10.49 -2.12
C PHE B 56 -2.34 10.73 -0.94
N GLY B 57 -3.54 11.21 -1.23
CA GLY B 57 -4.50 11.48 -0.17
C GLY B 57 -5.84 10.81 -0.45
N TYR B 58 -6.38 10.10 0.55
CA TYR B 58 -7.65 9.42 0.39
C TYR B 58 -8.79 10.23 0.99
N VAL B 59 -10.01 9.93 0.56
CA VAL B 59 -11.19 10.65 1.06
C VAL B 59 -12.48 9.89 0.75
N ASP B 60 -13.43 9.96 1.67
CA ASP B 60 -14.72 9.30 1.50
C ASP B 60 -15.82 10.34 1.30
N PHE B 61 -16.81 10.00 0.49
CA PHE B 61 -17.91 10.91 0.20
C PHE B 61 -19.17 10.51 0.98
N GLU B 62 -19.97 11.50 1.32
CA GLU B 62 -21.21 11.27 2.07
C GLU B 62 -22.07 10.23 1.38
N SER B 63 -22.15 10.32 0.05
CA SER B 63 -22.94 9.37 -0.74
C SER B 63 -23.18 9.89 -2.15
N ALA B 64 -23.76 9.06 -3.00
CA ALA B 64 -24.04 9.44 -4.38
C ALA B 64 -24.46 10.91 -4.46
N GLU B 65 -25.11 11.40 -3.41
CA GLU B 65 -25.56 12.78 -3.38
C GLU B 65 -24.37 13.74 -3.40
N ASP B 66 -23.66 13.81 -2.28
CA ASP B 66 -22.49 14.69 -2.17
C ASP B 66 -21.47 14.36 -3.25
N LEU B 67 -21.38 13.08 -3.61
CA LEU B 67 -20.44 12.64 -4.63
C LEU B 67 -20.80 13.22 -5.99
N GLU B 68 -22.07 13.12 -6.35
CA GLU B 68 -22.54 13.64 -7.63
C GLU B 68 -22.22 15.12 -7.76
N LYS B 69 -22.57 15.91 -6.75
CA LYS B 69 -22.31 17.34 -6.76
C LYS B 69 -20.82 17.61 -7.00
N ALA B 70 -19.97 16.89 -6.29
CA ALA B 70 -18.53 17.06 -6.43
C ALA B 70 -18.10 16.86 -7.88
N LEU B 71 -18.27 15.65 -8.39
CA LEU B 71 -17.89 15.34 -9.76
C LEU B 71 -18.36 16.44 -10.71
N GLU B 72 -19.54 16.99 -10.43
CA GLU B 72 -20.10 18.05 -11.25
C GLU B 72 -19.24 19.32 -11.17
N LEU B 73 -18.70 19.57 -9.99
CA LEU B 73 -17.87 20.74 -9.77
C LEU B 73 -16.38 20.38 -9.84
N THR B 74 -15.92 20.00 -11.03
CA THR B 74 -14.53 19.62 -11.23
C THR B 74 -13.60 20.45 -10.35
N GLY B 75 -13.30 21.66 -10.80
CA GLY B 75 -12.42 22.53 -10.05
C GLY B 75 -11.32 21.78 -9.33
N LEU B 76 -11.56 21.44 -8.07
CA LEU B 76 -10.58 20.71 -7.27
C LEU B 76 -9.16 21.24 -7.55
N LYS B 77 -8.27 20.36 -8.02
CA LYS B 77 -6.90 20.77 -8.31
C LYS B 77 -6.21 21.32 -7.06
N VAL B 78 -4.98 20.88 -6.82
CA VAL B 78 -4.23 21.33 -5.65
C VAL B 78 -4.01 22.84 -5.68
N PHE B 79 -3.67 23.36 -6.85
CA PHE B 79 -3.44 24.80 -7.01
C PHE B 79 -3.39 25.18 -8.49
N GLY B 80 -2.79 24.31 -9.30
CA GLY B 80 -2.68 24.57 -10.72
C GLY B 80 -2.82 23.33 -11.56
N ASN B 81 -2.00 22.32 -11.24
CA ASN B 81 -2.03 21.05 -11.97
C ASN B 81 -3.20 20.18 -11.50
N GLU B 82 -3.87 19.54 -12.46
CA GLU B 82 -5.00 18.68 -12.14
C GLU B 82 -4.54 17.43 -11.39
N ILE B 83 -5.50 16.66 -10.89
CA ILE B 83 -5.19 15.43 -10.15
C ILE B 83 -6.01 14.26 -10.67
N LYS B 84 -5.76 13.08 -10.11
CA LYS B 84 -6.48 11.87 -10.52
C LYS B 84 -7.44 11.42 -9.44
N LEU B 85 -8.69 11.17 -9.82
CA LEU B 85 -9.71 10.73 -8.88
C LEU B 85 -10.10 9.27 -9.13
N GLU B 86 -9.79 8.42 -8.17
CA GLU B 86 -10.10 6.99 -8.28
C GLU B 86 -9.64 6.25 -7.03
N LYS B 87 -10.40 5.23 -6.64
CA LYS B 87 -10.06 4.46 -5.45
C LYS B 87 -9.86 2.98 -5.80
N PRO B 88 -8.62 2.59 -6.08
CA PRO B 88 -8.26 1.23 -6.43
C PRO B 88 -7.71 0.44 -5.25
N LYS B 89 -7.47 1.11 -4.14
CA LYS B 89 -6.93 0.47 -2.95
C LYS B 89 -7.73 -0.79 -2.59
N GLY B 90 -8.67 -0.66 -1.67
CA GLY B 90 -9.46 -1.79 -1.26
C GLY B 90 -8.76 -2.62 -0.20
N ARG B 91 -7.55 -2.21 0.15
CA ARG B 91 -6.74 -2.91 1.15
C ARG B 91 -5.61 -2.02 1.67
N ASP B 92 -4.69 -2.62 2.39
CA ASP B 92 -3.55 -1.87 2.94
C ASP B 92 -2.27 -2.69 2.86
N SER B 93 -1.33 -2.21 2.06
CA SER B 93 -0.05 -2.91 1.89
C SER B 93 1.05 -2.25 2.72
N LYS B 94 0.86 -0.96 3.01
CA LYS B 94 1.85 -0.21 3.80
C LYS B 94 1.42 -0.14 5.26
N LYS B 95 2.34 0.28 6.12
CA LYS B 95 2.06 0.39 7.55
C LYS B 95 1.49 -0.91 8.10
N VAL B 96 1.73 -2.00 7.37
CA VAL B 96 1.23 -3.31 7.79
C VAL B 96 2.34 -4.36 7.72
N ARG B 97 3.55 -3.92 7.41
CA ARG B 97 4.69 -4.83 7.31
C ARG B 97 4.28 -6.16 6.68
N ALA B 98 3.30 -6.11 5.78
CA ALA B 98 2.83 -7.29 5.09
C ALA B 98 2.47 -8.40 6.09
N ALA B 99 1.52 -8.12 6.98
CA ALA B 99 1.10 -9.09 7.97
C ALA B 99 1.13 -10.51 7.42
N ARG B 100 1.91 -11.37 8.06
CA ARG B 100 2.04 -12.76 7.63
C ARG B 100 2.86 -12.86 6.35
N THR B 101 4.04 -12.26 6.36
CA THR B 101 4.91 -12.29 5.19
C THR B 101 6.32 -12.72 5.55
N LEU B 102 7.14 -12.91 4.53
CA LEU B 102 8.53 -13.32 4.72
C LEU B 102 9.45 -12.68 3.67
N LEU B 103 10.41 -11.91 4.14
CA LEU B 103 11.36 -11.25 3.26
C LEU B 103 12.65 -12.06 3.19
N ALA B 104 13.22 -12.19 1.99
CA ALA B 104 14.46 -12.95 1.80
C ALA B 104 15.63 -12.02 1.47
N LYS B 105 16.66 -12.06 2.30
CA LYS B 105 17.83 -11.23 2.09
C LYS B 105 18.95 -12.04 1.43
N ASN B 106 20.03 -11.36 1.05
CA ASN B 106 21.16 -12.02 0.40
C ASN B 106 20.73 -12.73 -0.88
N LEU B 107 20.91 -12.06 -2.01
CA LEU B 107 20.55 -12.63 -3.30
C LEU B 107 21.78 -12.82 -4.18
N SER B 108 21.61 -13.54 -5.29
CA SER B 108 22.69 -13.81 -6.21
C SER B 108 22.71 -12.79 -7.34
N PHE B 109 21.97 -11.71 -7.16
CA PHE B 109 21.89 -10.65 -8.17
C PHE B 109 21.44 -11.21 -9.51
N ASN B 110 20.84 -12.39 -9.49
CA ASN B 110 20.36 -13.02 -10.71
C ASN B 110 19.36 -14.13 -10.38
N ILE B 111 18.68 -14.01 -9.24
CA ILE B 111 17.70 -15.01 -8.83
C ILE B 111 16.32 -14.67 -9.36
N THR B 112 15.43 -15.66 -9.34
CA THR B 112 14.07 -15.47 -9.84
C THR B 112 13.07 -16.29 -9.01
N GLU B 113 12.03 -16.80 -9.65
CA GLU B 113 11.02 -17.60 -8.96
C GLU B 113 11.43 -19.05 -8.91
N ASP B 114 12.26 -19.46 -9.87
CA ASP B 114 12.74 -20.84 -9.93
C ASP B 114 13.41 -21.22 -8.61
N GLU B 115 14.54 -20.56 -8.33
CA GLU B 115 15.28 -20.81 -7.10
C GLU B 115 14.45 -20.40 -5.88
N LEU B 116 13.72 -19.30 -6.02
CA LEU B 116 12.88 -18.81 -4.94
C LEU B 116 11.85 -19.86 -4.54
N LYS B 117 10.81 -19.99 -5.35
CA LYS B 117 9.76 -20.97 -5.08
C LYS B 117 10.39 -22.34 -4.85
N GLU B 118 11.60 -22.52 -5.36
CA GLU B 118 12.32 -23.77 -5.21
C GLU B 118 12.66 -24.04 -3.75
N VAL B 119 13.17 -23.00 -3.07
CA VAL B 119 13.53 -23.12 -1.66
C VAL B 119 12.29 -23.11 -0.78
N PHE B 120 11.35 -22.22 -1.11
CA PHE B 120 10.10 -22.11 -0.35
C PHE B 120 9.06 -23.10 -0.86
N GLU B 121 7.79 -22.79 -0.65
CA GLU B 121 6.71 -23.67 -1.10
C GLU B 121 5.35 -23.05 -0.80
N ASP B 122 5.16 -22.61 0.44
CA ASP B 122 3.90 -21.99 0.85
C ASP B 122 3.88 -20.51 0.53
N ALA B 123 4.81 -20.07 -0.31
CA ALA B 123 4.91 -18.67 -0.70
C ALA B 123 3.83 -18.31 -1.72
N LEU B 124 2.86 -17.51 -1.30
CA LEU B 124 1.78 -17.09 -2.18
C LEU B 124 2.19 -15.89 -3.02
N GLU B 125 3.07 -15.06 -2.46
CA GLU B 125 3.54 -13.87 -3.16
C GLU B 125 5.06 -13.90 -3.32
N ILE B 126 5.52 -14.30 -4.50
CA ILE B 126 6.95 -14.35 -4.77
C ILE B 126 7.41 -13.13 -5.56
N ARG B 127 8.30 -12.36 -4.95
CA ARG B 127 8.83 -11.15 -5.59
C ARG B 127 10.30 -10.96 -5.23
N LEU B 128 11.10 -10.57 -6.22
CA LEU B 128 12.53 -10.36 -5.99
C LEU B 128 12.91 -8.91 -6.29
N VAL B 129 13.83 -8.36 -5.50
CA VAL B 129 14.28 -6.99 -5.68
C VAL B 129 15.77 -6.93 -5.99
N SER B 130 16.10 -6.93 -7.28
CA SER B 130 17.49 -6.88 -7.72
C SER B 130 17.59 -7.10 -9.22
N GLN B 131 17.61 -6.01 -9.97
CA GLN B 131 17.70 -6.09 -11.43
C GLN B 131 18.08 -4.74 -12.02
N ASP B 132 19.37 -4.55 -12.29
CA ASP B 132 19.86 -3.30 -12.86
C ASP B 132 19.33 -2.10 -12.09
N GLY B 133 19.24 -0.95 -12.77
CA GLY B 133 18.75 0.26 -12.14
C GLY B 133 19.06 0.33 -10.66
N LYS B 134 20.33 0.18 -10.31
CA LYS B 134 20.75 0.21 -8.92
C LYS B 134 20.41 -1.10 -8.22
N SER B 135 21.28 -2.09 -8.38
CA SER B 135 21.07 -3.39 -7.77
C SER B 135 20.64 -3.27 -6.31
N LYS B 136 20.40 -4.41 -5.67
CA LYS B 136 19.99 -4.43 -4.27
C LYS B 136 20.35 -5.76 -3.63
N GLY B 137 20.17 -6.84 -4.37
CA GLY B 137 20.49 -8.17 -3.86
C GLY B 137 19.60 -8.59 -2.71
N ILE B 138 18.30 -8.30 -2.83
CA ILE B 138 17.35 -8.67 -1.78
C ILE B 138 15.99 -9.01 -2.38
N ALA B 139 15.44 -10.15 -1.97
CA ALA B 139 14.14 -10.60 -2.45
C ALA B 139 13.11 -10.55 -1.33
N TYR B 140 11.83 -10.44 -1.70
CA TYR B 140 10.75 -10.36 -0.72
C TYR B 140 9.64 -11.35 -1.08
N ILE B 141 9.01 -11.92 -0.06
CA ILE B 141 7.93 -12.88 -0.29
C ILE B 141 6.83 -12.78 0.78
N GLU B 142 5.61 -13.15 0.39
CA GLU B 142 4.47 -13.11 1.31
C GLU B 142 3.87 -14.50 1.49
N PHE B 143 3.30 -14.74 2.68
CA PHE B 143 2.70 -16.04 2.97
C PHE B 143 1.23 -15.89 3.33
N LYS B 144 0.42 -16.84 2.88
CA LYS B 144 -1.02 -16.81 3.15
C LYS B 144 -1.29 -16.65 4.65
N SER B 145 -0.30 -16.94 5.47
CA SER B 145 -0.45 -16.82 6.92
C SER B 145 0.91 -16.91 7.62
N GLU B 146 0.93 -16.58 8.90
CA GLU B 146 2.15 -16.62 9.68
C GLU B 146 2.56 -18.06 9.97
N ALA B 147 1.59 -18.90 10.28
CA ALA B 147 1.85 -20.31 10.57
C ALA B 147 2.82 -20.89 9.55
N ASP B 148 2.44 -20.87 8.28
CA ASP B 148 3.29 -21.40 7.22
C ASP B 148 4.55 -20.55 7.07
N ALA B 149 4.44 -19.27 7.43
CA ALA B 149 5.55 -18.35 7.35
C ALA B 149 6.69 -18.77 8.28
N GLU B 150 6.38 -18.90 9.56
CA GLU B 150 7.37 -19.30 10.56
C GLU B 150 7.96 -20.66 10.21
N LYS B 151 7.09 -21.62 9.92
CA LYS B 151 7.53 -22.96 9.58
C LYS B 151 8.53 -22.93 8.43
N ASN B 152 8.06 -22.55 7.25
CA ASN B 152 8.92 -22.48 6.07
C ASN B 152 10.14 -21.61 6.34
N LEU B 153 9.92 -20.46 6.97
CA LEU B 153 11.00 -19.53 7.29
C LEU B 153 12.14 -20.25 8.01
N GLU B 154 11.93 -20.54 9.29
CA GLU B 154 12.94 -21.22 10.08
C GLU B 154 13.51 -22.42 9.33
N GLU B 155 12.70 -22.98 8.44
CA GLU B 155 13.12 -24.14 7.65
C GLU B 155 14.16 -23.74 6.60
N LYS B 156 13.70 -23.07 5.55
CA LYS B 156 14.59 -22.64 4.47
C LYS B 156 15.63 -21.66 5.00
N GLN B 157 15.37 -21.09 6.17
CA GLN B 157 16.29 -20.13 6.78
C GLN B 157 17.74 -20.52 6.49
N GLY B 158 17.97 -21.82 6.38
CA GLY B 158 19.31 -22.32 6.09
C GLY B 158 19.37 -23.06 4.78
N ALA B 159 19.45 -22.33 3.68
CA ALA B 159 19.50 -22.94 2.36
C ALA B 159 20.81 -22.58 1.65
N GLU B 160 20.76 -22.47 0.32
CA GLU B 160 21.94 -22.14 -0.47
C GLU B 160 21.54 -21.70 -1.87
N ILE B 161 21.15 -20.44 -2.00
CA ILE B 161 20.74 -19.89 -3.29
C ILE B 161 21.91 -19.21 -4.00
N ASP B 162 22.81 -18.64 -3.21
CA ASP B 162 23.98 -17.95 -3.76
C ASP B 162 25.23 -18.29 -2.97
N GLY B 163 25.43 -19.58 -2.69
CA GLY B 163 26.59 -20.00 -1.94
C GLY B 163 26.76 -19.24 -0.64
N ARG B 164 25.69 -18.61 -0.18
CA ARG B 164 25.71 -17.85 1.06
C ARG B 164 24.50 -18.16 1.92
N SER B 165 23.79 -19.23 1.56
CA SER B 165 22.60 -19.64 2.30
C SER B 165 21.63 -18.47 2.48
N VAL B 166 21.02 -18.06 1.37
CA VAL B 166 20.08 -16.94 1.36
C VAL B 166 19.46 -16.65 2.72
N SER B 167 19.13 -15.39 2.94
CA SER B 167 18.51 -14.96 4.19
C SER B 167 17.00 -14.89 4.02
N LEU B 168 16.28 -15.06 5.12
CA LEU B 168 14.82 -15.01 5.07
C LEU B 168 14.23 -14.75 6.45
N TYR B 169 13.78 -13.52 6.66
CA TYR B 169 13.18 -13.13 7.93
C TYR B 169 11.68 -12.94 7.77
N TYR B 170 11.00 -12.70 8.88
CA TYR B 170 9.55 -12.50 8.85
C TYR B 170 9.23 -11.01 8.87
N THR B 171 8.08 -10.67 8.29
CA THR B 171 7.65 -9.27 8.24
C THR B 171 6.13 -9.17 8.41
N GLY B 172 5.70 -8.15 9.15
CA GLY B 172 4.28 -7.96 9.39
C GLY B 172 3.91 -8.02 10.86
N GLU B 173 2.96 -8.87 11.19
CA GLU B 173 2.52 -9.02 12.57
C GLU B 173 1.25 -9.86 12.65
N LYS B 174 0.12 -9.23 12.36
CA LYS B 174 -1.17 -9.92 12.39
C LYS B 174 -2.24 -9.10 11.68
N GLY B 175 -2.55 -7.94 12.22
CA GLY B 175 -3.56 -7.08 11.63
C GLY B 175 -3.02 -5.70 11.30
N GLY B 1 -16.15 -16.14 -1.52
CA GLY B 1 -17.13 -15.44 -0.65
C GLY B 1 -16.48 -14.35 0.19
N SER B 2 -16.37 -14.60 1.50
CA SER B 2 -15.77 -13.64 2.41
C SER B 2 -16.34 -12.24 2.20
N HIS B 3 -15.89 -11.29 3.01
CA HIS B 3 -16.36 -9.91 2.91
C HIS B 3 -15.30 -8.94 3.41
N MET B 4 -15.27 -8.74 4.73
CA MET B 4 -14.31 -7.84 5.34
C MET B 4 -14.29 -8.03 6.86
N VAL B 5 -13.12 -7.84 7.46
CA VAL B 5 -12.97 -7.97 8.91
C VAL B 5 -12.61 -6.65 9.56
N GLU B 6 -11.63 -5.96 8.99
CA GLU B 6 -11.19 -4.66 9.51
C GLU B 6 -10.37 -3.90 8.47
N GLY B 7 -9.73 -2.83 8.91
CA GLY B 7 -8.91 -2.04 8.00
C GLY B 7 -9.42 -0.60 7.88
N SER B 8 -8.85 0.29 8.67
CA SER B 8 -9.24 1.69 8.65
C SER B 8 -10.69 1.85 9.08
N GLU B 9 -11.61 1.41 8.22
CA GLU B 9 -13.04 1.50 8.50
C GLU B 9 -13.45 2.96 8.73
N SER B 10 -13.81 3.63 7.64
CA SER B 10 -14.23 5.03 7.71
C SER B 10 -15.74 5.14 7.89
N THR B 11 -16.23 6.36 8.03
CA THR B 11 -17.66 6.60 8.20
C THR B 11 -18.47 5.87 7.13
N THR B 12 -18.58 6.48 5.96
CA THR B 12 -19.33 5.89 4.86
C THR B 12 -18.39 5.37 3.77
N PRO B 13 -18.79 4.29 3.09
CA PRO B 13 -17.97 3.69 2.02
C PRO B 13 -17.55 4.71 0.98
N PHE B 14 -18.34 5.77 0.83
CA PHE B 14 -18.05 6.82 -0.14
C PHE B 14 -16.68 7.46 0.16
N ASN B 15 -15.70 7.12 -0.67
CA ASN B 15 -14.36 7.66 -0.50
C ASN B 15 -13.46 7.27 -1.67
N LEU B 16 -12.69 8.23 -2.17
CA LEU B 16 -11.78 8.00 -3.29
C LEU B 16 -10.40 8.53 -2.97
N PHE B 17 -9.39 7.98 -3.64
CA PHE B 17 -8.01 8.39 -3.44
C PHE B 17 -7.57 9.39 -4.51
N ILE B 18 -6.50 10.12 -4.22
CA ILE B 18 -5.97 11.11 -5.15
C ILE B 18 -4.45 11.18 -5.07
N GLY B 19 -3.81 11.23 -6.23
CA GLY B 19 -2.36 11.30 -6.27
C GLY B 19 -1.86 12.34 -7.25
N ASN B 20 -0.60 12.74 -7.09
CA ASN B 20 -0.01 13.74 -7.97
C ASN B 20 -0.61 15.12 -7.72
N LEU B 21 -0.48 15.60 -6.49
CA LEU B 21 -1.02 16.90 -6.11
C LEU B 21 0.09 17.96 -6.08
N ASN B 22 1.20 17.66 -6.76
CA ASN B 22 2.33 18.58 -6.81
C ASN B 22 2.65 19.13 -5.42
N PRO B 23 3.23 18.29 -4.55
CA PRO B 23 3.59 18.68 -3.18
C PRO B 23 4.76 19.67 -3.15
N ASN B 24 4.57 20.82 -3.80
CA ASN B 24 5.60 21.85 -3.84
C ASN B 24 5.48 22.80 -2.65
N LYS B 25 4.28 23.35 -2.47
CA LYS B 25 4.02 24.28 -1.38
C LYS B 25 4.03 23.55 -0.04
N SER B 26 3.05 22.67 0.16
CA SER B 26 2.94 21.91 1.40
C SER B 26 1.80 20.92 1.34
N VAL B 27 2.13 19.63 1.38
CA VAL B 27 1.13 18.58 1.31
C VAL B 27 -0.12 18.97 2.10
N ALA B 28 0.03 19.07 3.42
CA ALA B 28 -1.08 19.43 4.29
C ALA B 28 -2.00 20.44 3.62
N GLU B 29 -1.40 21.42 2.93
CA GLU B 29 -2.18 22.43 2.24
C GLU B 29 -2.91 21.84 1.05
N LEU B 30 -2.21 21.04 0.27
CA LEU B 30 -2.80 20.40 -0.90
C LEU B 30 -4.13 19.76 -0.53
N LYS B 31 -4.12 18.92 0.50
CA LYS B 31 -5.32 18.25 0.96
C LYS B 31 -6.40 19.26 1.34
N VAL B 32 -6.03 20.23 2.17
CA VAL B 32 -6.97 21.25 2.59
C VAL B 32 -7.59 21.93 1.38
N ALA B 33 -6.75 22.41 0.47
CA ALA B 33 -7.25 23.05 -0.73
C ALA B 33 -8.40 22.24 -1.29
N ILE B 34 -8.18 20.93 -1.42
CA ILE B 34 -9.20 20.02 -1.92
C ILE B 34 -10.37 19.99 -0.95
N SER B 35 -10.06 20.15 0.33
CA SER B 35 -11.07 20.16 1.38
C SER B 35 -11.94 21.40 1.23
N GLU B 36 -11.41 22.54 1.66
CA GLU B 36 -12.12 23.81 1.57
C GLU B 36 -12.97 23.85 0.31
N LEU B 37 -12.43 23.29 -0.78
CA LEU B 37 -13.14 23.25 -2.05
C LEU B 37 -14.46 22.48 -1.89
N PHE B 38 -14.34 21.21 -1.51
CA PHE B 38 -15.51 20.36 -1.31
C PHE B 38 -16.51 21.05 -0.41
N ALA B 39 -16.02 22.00 0.39
CA ALA B 39 -16.88 22.74 1.31
C ALA B 39 -17.63 23.84 0.57
N LYS B 40 -16.90 24.62 -0.22
CA LYS B 40 -17.51 25.71 -0.98
C LYS B 40 -18.17 25.19 -2.25
N ASN B 41 -18.14 23.87 -2.44
CA ASN B 41 -18.75 23.24 -3.60
C ASN B 41 -20.19 22.85 -3.30
N ASP B 42 -20.73 23.39 -2.22
CA ASP B 42 -22.10 23.11 -1.81
C ASP B 42 -22.17 21.83 -0.97
N LEU B 43 -21.61 20.76 -1.50
CA LEU B 43 -21.60 19.47 -0.80
C LEU B 43 -20.90 19.59 0.55
N ALA B 44 -20.79 18.48 1.24
CA ALA B 44 -20.13 18.45 2.54
C ALA B 44 -19.33 17.16 2.74
N VAL B 45 -18.23 17.04 2.01
CA VAL B 45 -17.37 15.87 2.10
C VAL B 45 -17.17 15.46 3.55
N VAL B 46 -16.98 14.16 3.79
CA VAL B 46 -16.78 13.65 5.13
C VAL B 46 -15.46 14.17 5.71
N ASP B 47 -14.36 13.87 5.04
CA ASP B 47 -13.05 14.31 5.50
C ASP B 47 -11.95 13.87 4.53
N VAL B 48 -10.75 14.38 4.74
CA VAL B 48 -9.62 14.04 3.89
C VAL B 48 -8.45 13.51 4.70
N ARG B 49 -8.01 12.31 4.38
CA ARG B 49 -6.89 11.68 5.08
C ARG B 49 -5.70 11.53 4.16
N THR B 50 -4.52 11.93 4.63
CA THR B 50 -3.31 11.83 3.83
C THR B 50 -2.50 10.59 4.17
N GLY B 51 -1.56 10.25 3.31
CA GLY B 51 -0.73 9.09 3.54
C GLY B 51 0.75 9.40 3.36
N THR B 52 1.45 9.52 4.48
CA THR B 52 2.88 9.82 4.45
C THR B 52 3.13 11.21 3.87
N ASN B 53 4.04 11.96 4.51
CA ASN B 53 4.40 13.31 4.10
C ASN B 53 4.01 13.60 2.65
N ARG B 54 4.37 12.69 1.75
CA ARG B 54 4.04 12.86 0.34
C ARG B 54 3.92 11.51 -0.36
N LYS B 55 2.86 10.77 -0.04
CA LYS B 55 2.63 9.48 -0.65
C LYS B 55 1.32 9.45 -1.43
N PHE B 56 0.21 9.62 -0.72
CA PHE B 56 -1.11 9.62 -1.35
C PHE B 56 -2.10 10.49 -0.57
N GLY B 57 -3.30 10.64 -1.12
CA GLY B 57 -4.32 11.43 -0.45
C GLY B 57 -5.70 10.82 -0.60
N TYR B 58 -6.22 10.26 0.49
CA TYR B 58 -7.54 9.63 0.46
C TYR B 58 -8.61 10.58 1.02
N VAL B 59 -9.86 10.34 0.65
CA VAL B 59 -10.96 11.18 1.11
C VAL B 59 -12.28 10.43 1.10
N ASP B 60 -13.18 10.83 2.00
CA ASP B 60 -14.50 10.22 2.11
C ASP B 60 -15.58 11.28 1.95
N PHE B 61 -16.66 10.92 1.24
CA PHE B 61 -17.75 11.85 0.99
C PHE B 61 -18.98 11.49 1.82
N GLU B 62 -19.64 12.52 2.35
CA GLU B 62 -20.84 12.34 3.17
C GLU B 62 -21.69 11.18 2.63
N SER B 63 -21.96 11.21 1.32
CA SER B 63 -22.76 10.18 0.69
C SER B 63 -23.00 10.49 -0.79
N ALA B 64 -23.63 9.56 -1.48
CA ALA B 64 -23.92 9.73 -2.90
C ALA B 64 -24.20 11.19 -3.24
N GLU B 65 -24.79 11.91 -2.29
CA GLU B 65 -25.13 13.31 -2.49
C GLU B 65 -23.85 14.13 -2.73
N ASP B 66 -23.07 14.32 -1.67
CA ASP B 66 -21.83 15.07 -1.77
C ASP B 66 -20.93 14.50 -2.86
N LEU B 67 -21.03 13.18 -3.07
CA LEU B 67 -20.24 12.51 -4.10
C LEU B 67 -20.65 12.98 -5.49
N GLU B 68 -21.95 13.03 -5.72
CA GLU B 68 -22.47 13.46 -7.02
C GLU B 68 -21.99 14.87 -7.35
N LYS B 69 -22.08 15.77 -6.38
CA LYS B 69 -21.65 17.15 -6.58
C LYS B 69 -20.17 17.21 -6.89
N ALA B 70 -19.36 16.60 -6.03
CA ALA B 70 -17.91 16.57 -6.21
C ALA B 70 -17.55 15.87 -7.51
N LEU B 71 -18.47 15.05 -8.01
CA LEU B 71 -18.25 14.31 -9.25
C LEU B 71 -18.55 15.19 -10.45
N GLU B 72 -19.54 16.07 -10.31
CA GLU B 72 -19.93 16.97 -11.39
C GLU B 72 -18.88 18.07 -11.58
N LEU B 73 -18.21 18.43 -10.49
CA LEU B 73 -17.17 19.46 -10.53
C LEU B 73 -15.79 18.84 -10.64
N THR B 74 -15.48 18.30 -11.82
CA THR B 74 -14.19 17.67 -12.07
C THR B 74 -13.04 18.62 -11.75
N GLY B 75 -13.34 19.91 -11.64
CA GLY B 75 -12.32 20.90 -11.35
C GLY B 75 -11.22 20.36 -10.46
N LEU B 76 -11.56 20.09 -9.19
CA LEU B 76 -10.60 19.56 -8.23
C LEU B 76 -9.22 20.16 -8.47
N LYS B 77 -8.18 19.39 -8.14
CA LYS B 77 -6.80 19.85 -8.32
C LYS B 77 -6.43 20.87 -7.25
N VAL B 78 -5.13 20.95 -6.93
CA VAL B 78 -4.66 21.88 -5.94
C VAL B 78 -4.84 23.33 -6.40
N PHE B 79 -4.35 23.62 -7.60
CA PHE B 79 -4.46 24.96 -8.16
C PHE B 79 -4.22 24.95 -9.67
N GLY B 80 -4.75 23.93 -10.33
CA GLY B 80 -4.58 23.81 -11.77
C GLY B 80 -3.78 22.59 -12.17
N ASN B 81 -3.08 22.00 -11.20
CA ASN B 81 -2.26 20.83 -11.46
C ASN B 81 -3.12 19.56 -11.49
N GLU B 82 -3.61 19.21 -12.67
CA GLU B 82 -4.44 18.03 -12.82
C GLU B 82 -3.95 16.89 -11.93
N ILE B 83 -4.90 16.14 -11.37
CA ILE B 83 -4.55 15.03 -10.49
C ILE B 83 -5.32 13.77 -10.87
N LYS B 84 -4.97 12.65 -10.25
CA LYS B 84 -5.62 11.37 -10.53
C LYS B 84 -6.58 11.01 -9.40
N LEU B 85 -7.84 10.75 -9.77
CA LEU B 85 -8.86 10.38 -8.79
C LEU B 85 -9.29 8.92 -8.97
N GLU B 86 -9.11 8.13 -7.93
CA GLU B 86 -9.47 6.71 -7.97
C GLU B 86 -9.17 6.04 -6.64
N LYS B 87 -9.78 4.88 -6.42
CA LYS B 87 -9.56 4.13 -5.18
C LYS B 87 -8.95 2.76 -5.49
N PRO B 88 -7.62 2.67 -5.46
CA PRO B 88 -6.89 1.44 -5.74
C PRO B 88 -6.51 0.68 -4.47
N LYS B 89 -6.69 1.31 -3.32
CA LYS B 89 -6.35 0.68 -2.05
C LYS B 89 -7.25 -0.52 -1.77
N GLY B 90 -8.24 -0.32 -0.89
CA GLY B 90 -9.14 -1.41 -0.56
C GLY B 90 -8.56 -2.35 0.47
N ARG B 91 -7.35 -2.83 0.22
CA ARG B 91 -6.67 -3.75 1.14
C ARG B 91 -6.01 -2.98 2.28
N ASP B 92 -4.67 -2.95 2.30
CA ASP B 92 -3.93 -2.23 3.34
C ASP B 92 -2.54 -2.83 3.54
N SER B 93 -1.66 -2.58 2.58
CA SER B 93 -0.30 -3.07 2.65
C SER B 93 0.57 -2.18 3.53
N LYS B 94 0.57 -0.87 3.25
CA LYS B 94 1.35 0.08 4.02
C LYS B 94 1.06 -0.04 5.51
N LYS B 95 2.09 0.19 6.33
CA LYS B 95 1.95 0.11 7.78
C LYS B 95 2.00 -1.34 8.25
N VAL B 96 1.21 -2.20 7.62
CA VAL B 96 1.17 -3.61 7.98
C VAL B 96 2.37 -4.37 7.43
N ARG B 97 3.29 -3.64 6.80
CA ARG B 97 4.48 -4.24 6.22
C ARG B 97 4.15 -5.53 5.49
N ALA B 98 3.04 -5.52 4.77
CA ALA B 98 2.60 -6.69 4.01
C ALA B 98 1.75 -7.62 4.89
N ALA B 99 2.19 -7.84 6.12
CA ALA B 99 1.47 -8.70 7.04
C ALA B 99 1.51 -10.16 6.58
N ARG B 100 2.09 -11.02 7.42
CA ARG B 100 2.17 -12.45 7.11
C ARG B 100 3.04 -12.68 5.87
N THR B 101 4.33 -12.41 5.98
CA THR B 101 5.23 -12.61 4.87
C THR B 101 6.64 -12.97 5.32
N LEU B 102 7.49 -13.24 4.34
CA LEU B 102 8.88 -13.62 4.59
C LEU B 102 9.81 -12.99 3.57
N LEU B 103 10.76 -12.19 4.06
CA LEU B 103 11.73 -11.53 3.20
C LEU B 103 13.04 -12.32 3.21
N ALA B 104 13.44 -12.82 2.04
CA ALA B 104 14.67 -13.59 1.92
C ALA B 104 15.84 -12.76 1.43
N LYS B 105 16.90 -12.72 2.23
CA LYS B 105 18.10 -11.96 1.89
C LYS B 105 19.17 -12.88 1.29
N ASN B 106 20.27 -12.28 0.86
CA ASN B 106 21.37 -13.06 0.26
C ASN B 106 20.99 -13.55 -1.13
N LEU B 107 20.80 -12.60 -2.05
CA LEU B 107 20.42 -12.94 -3.42
C LEU B 107 21.47 -12.43 -4.41
N SER B 108 21.84 -13.27 -5.36
CA SER B 108 22.83 -12.89 -6.37
C SER B 108 22.15 -12.33 -7.62
N PHE B 109 22.85 -11.46 -8.33
CA PHE B 109 22.30 -10.85 -9.53
C PHE B 109 22.11 -11.90 -10.63
N ASN B 110 21.27 -12.89 -10.34
CA ASN B 110 20.99 -13.97 -11.29
C ASN B 110 19.78 -14.77 -10.85
N ILE B 111 19.73 -15.12 -9.57
CA ILE B 111 18.63 -15.90 -9.03
C ILE B 111 17.29 -15.30 -9.46
N THR B 112 16.23 -16.09 -9.32
CA THR B 112 14.89 -15.65 -9.69
C THR B 112 13.81 -16.44 -8.94
N GLU B 113 12.74 -16.83 -9.63
CA GLU B 113 11.67 -17.57 -8.99
C GLU B 113 11.97 -19.07 -9.02
N ASP B 114 12.69 -19.52 -10.04
CA ASP B 114 13.04 -20.92 -10.17
C ASP B 114 13.74 -21.40 -8.89
N GLU B 115 14.77 -20.68 -8.48
CA GLU B 115 15.51 -21.02 -7.28
C GLU B 115 14.70 -20.70 -6.03
N LEU B 116 14.08 -19.52 -6.02
CA LEU B 116 13.26 -19.09 -4.89
C LEU B 116 12.19 -20.13 -4.60
N LYS B 117 11.20 -20.23 -5.49
CA LYS B 117 10.13 -21.20 -5.31
C LYS B 117 10.70 -22.60 -5.15
N GLU B 118 11.81 -22.86 -5.83
CA GLU B 118 12.46 -24.16 -5.75
C GLU B 118 12.62 -24.61 -4.30
N VAL B 119 13.18 -23.75 -3.47
CA VAL B 119 13.38 -24.07 -2.06
C VAL B 119 12.06 -23.97 -1.29
N PHE B 120 11.34 -22.87 -1.48
CA PHE B 120 10.07 -22.66 -0.81
C PHE B 120 9.01 -23.62 -1.35
N GLU B 121 7.74 -23.30 -1.13
CA GLU B 121 6.65 -24.15 -1.60
C GLU B 121 5.29 -23.53 -1.30
N ASP B 122 5.08 -23.14 -0.04
CA ASP B 122 3.83 -22.51 0.37
C ASP B 122 3.75 -21.08 -0.12
N ALA B 123 4.91 -20.45 -0.32
CA ALA B 123 4.96 -19.08 -0.79
C ALA B 123 3.86 -18.79 -1.80
N LEU B 124 2.99 -17.84 -1.47
CA LEU B 124 1.90 -17.47 -2.35
C LEU B 124 2.32 -16.37 -3.30
N GLU B 125 3.19 -15.48 -2.84
CA GLU B 125 3.67 -14.37 -3.66
C GLU B 125 5.19 -14.30 -3.64
N ILE B 126 5.80 -14.54 -4.80
CA ILE B 126 7.25 -14.51 -4.93
C ILE B 126 7.71 -13.26 -5.69
N ARG B 127 8.60 -12.48 -5.06
CA ARG B 127 9.11 -11.27 -5.68
C ARG B 127 10.58 -11.07 -5.32
N LEU B 128 11.39 -10.73 -6.32
CA LEU B 128 12.82 -10.50 -6.10
C LEU B 128 13.17 -9.04 -6.31
N VAL B 129 13.96 -8.48 -5.39
CA VAL B 129 14.36 -7.08 -5.49
C VAL B 129 15.80 -6.96 -6.00
N SER B 130 15.94 -6.79 -7.30
CA SER B 130 17.25 -6.65 -7.92
C SER B 130 17.13 -6.48 -9.44
N GLN B 131 16.26 -5.56 -9.86
CA GLN B 131 16.05 -5.31 -11.27
C GLN B 131 15.55 -3.88 -11.50
N ASP B 132 15.82 -3.34 -12.67
CA ASP B 132 15.40 -1.98 -13.01
C ASP B 132 16.03 -0.96 -12.07
N GLY B 133 16.97 -0.19 -12.59
CA GLY B 133 17.64 0.81 -11.78
C GLY B 133 19.10 0.49 -11.54
N LYS B 134 19.45 0.22 -10.29
CA LYS B 134 20.83 -0.11 -9.93
C LYS B 134 20.90 -1.45 -9.22
N SER B 135 19.85 -2.25 -9.37
CA SER B 135 19.79 -3.56 -8.74
C SER B 135 19.77 -3.44 -7.22
N LYS B 136 19.73 -4.57 -6.54
CA LYS B 136 19.70 -4.60 -5.08
C LYS B 136 20.46 -5.80 -4.55
N GLY B 137 19.94 -6.99 -4.82
CA GLY B 137 20.59 -8.21 -4.36
C GLY B 137 19.80 -8.93 -3.29
N ILE B 138 18.52 -8.59 -3.16
CA ILE B 138 17.67 -9.22 -2.17
C ILE B 138 16.37 -9.73 -2.79
N ALA B 139 15.62 -10.53 -2.02
CA ALA B 139 14.36 -11.08 -2.50
C ALA B 139 13.30 -11.05 -1.40
N TYR B 140 12.08 -10.66 -1.77
CA TYR B 140 10.98 -10.58 -0.82
C TYR B 140 9.84 -11.50 -1.24
N ILE B 141 9.26 -12.20 -0.26
CA ILE B 141 8.16 -13.12 -0.54
C ILE B 141 7.07 -13.03 0.53
N GLU B 142 5.83 -13.19 0.11
CA GLU B 142 4.69 -13.15 1.03
C GLU B 142 4.07 -14.54 1.18
N PHE B 143 3.55 -14.83 2.38
CA PHE B 143 2.95 -16.13 2.65
C PHE B 143 1.47 -15.97 3.01
N LYS B 144 0.67 -16.95 2.58
CA LYS B 144 -0.76 -16.93 2.86
C LYS B 144 -1.04 -16.65 4.33
N SER B 145 -0.04 -16.90 5.18
CA SER B 145 -0.18 -16.67 6.62
C SER B 145 1.17 -16.73 7.31
N GLU B 146 1.20 -16.34 8.58
CA GLU B 146 2.43 -16.34 9.36
C GLU B 146 2.83 -17.76 9.74
N ALA B 147 1.82 -18.61 9.97
CA ALA B 147 2.07 -20.01 10.35
C ALA B 147 3.08 -20.64 9.40
N ASP B 148 2.71 -20.76 8.13
CA ASP B 148 3.59 -21.36 7.13
C ASP B 148 4.90 -20.58 7.03
N ALA B 149 4.83 -19.30 7.37
CA ALA B 149 6.01 -18.43 7.31
C ALA B 149 7.06 -18.90 8.31
N GLU B 150 6.67 -19.00 9.57
CA GLU B 150 7.58 -19.43 10.63
C GLU B 150 8.14 -20.81 10.34
N LYS B 151 7.24 -21.78 10.15
CA LYS B 151 7.64 -23.15 9.86
C LYS B 151 8.63 -23.20 8.70
N ASN B 152 8.15 -22.83 7.52
CA ASN B 152 8.98 -22.84 6.32
C ASN B 152 10.23 -21.99 6.52
N LEU B 153 10.05 -20.69 6.71
CA LEU B 153 11.15 -19.77 6.91
C LEU B 153 12.26 -20.43 7.76
N GLU B 154 11.85 -21.30 8.68
CA GLU B 154 12.81 -21.97 9.55
C GLU B 154 13.43 -23.17 8.85
N GLU B 155 12.64 -23.87 8.05
CA GLU B 155 13.11 -25.04 7.33
C GLU B 155 13.96 -24.63 6.13
N LYS B 156 13.44 -23.71 5.33
CA LYS B 156 14.16 -23.23 4.15
C LYS B 156 15.54 -22.70 4.52
N GLN B 157 15.74 -22.42 5.80
CA GLN B 157 17.02 -21.91 6.28
C GLN B 157 18.18 -22.52 5.52
N GLY B 158 18.00 -23.76 5.08
CA GLY B 158 19.04 -24.45 4.33
C GLY B 158 18.90 -24.26 2.84
N ALA B 159 19.17 -23.05 2.36
CA ALA B 159 19.08 -22.75 0.93
C ALA B 159 20.30 -21.97 0.45
N GLU B 160 21.27 -22.69 -0.08
CA GLU B 160 22.50 -22.07 -0.59
C GLU B 160 22.17 -20.89 -1.50
N ILE B 161 21.61 -21.19 -2.65
CA ILE B 161 21.24 -20.15 -3.62
C ILE B 161 22.48 -19.52 -4.23
N ASP B 162 23.21 -18.76 -3.40
CA ASP B 162 24.42 -18.09 -3.86
C ASP B 162 25.62 -18.47 -3.00
N GLY B 163 25.71 -19.74 -2.63
CA GLY B 163 26.81 -20.20 -1.81
C GLY B 163 26.91 -19.44 -0.49
N ARG B 164 25.77 -18.96 0.00
CA ARG B 164 25.74 -18.21 1.26
C ARG B 164 24.50 -18.55 2.06
N SER B 165 23.83 -19.64 1.67
CA SER B 165 22.63 -20.08 2.36
C SER B 165 21.65 -18.92 2.56
N VAL B 166 21.00 -18.53 1.47
CA VAL B 166 20.03 -17.42 1.47
C VAL B 166 19.42 -17.20 2.86
N SER B 167 19.08 -15.95 3.14
CA SER B 167 18.47 -15.59 4.42
C SER B 167 16.97 -15.49 4.26
N LEU B 168 16.25 -15.53 5.38
CA LEU B 168 14.80 -15.44 5.37
C LEU B 168 14.26 -15.00 6.72
N TYR B 169 13.54 -13.89 6.73
CA TYR B 169 12.97 -13.36 7.95
C TYR B 169 11.46 -13.19 7.81
N TYR B 170 10.80 -12.82 8.89
CA TYR B 170 9.36 -12.62 8.89
C TYR B 170 9.02 -11.14 8.74
N THR B 171 7.91 -10.85 8.08
CA THR B 171 7.48 -9.47 7.87
C THR B 171 5.98 -9.31 8.12
N GLY B 172 5.61 -8.22 8.78
CA GLY B 172 4.20 -7.99 9.07
C GLY B 172 3.95 -7.70 10.54
N GLU B 173 2.68 -7.72 10.92
CA GLU B 173 2.30 -7.46 12.30
C GLU B 173 1.10 -8.30 12.71
N LYS B 174 0.33 -7.82 13.68
CA LYS B 174 -0.84 -8.53 14.17
C LYS B 174 -1.96 -7.55 14.52
N GLY B 175 -1.66 -6.63 15.42
CA GLY B 175 -2.65 -5.65 15.83
C GLY B 175 -2.57 -5.34 17.32
N GLY B 1 -9.67 -19.19 8.37
CA GLY B 1 -8.69 -18.12 8.05
C GLY B 1 -9.29 -16.73 8.17
N SER B 2 -8.50 -15.72 7.81
CA SER B 2 -8.97 -14.34 7.88
C SER B 2 -10.02 -14.06 6.82
N HIS B 3 -10.84 -13.04 7.05
CA HIS B 3 -11.89 -12.67 6.11
C HIS B 3 -11.71 -11.23 5.63
N MET B 4 -12.11 -10.98 4.39
CA MET B 4 -11.99 -9.65 3.81
C MET B 4 -12.76 -9.55 2.50
N VAL B 5 -13.09 -8.33 2.10
CA VAL B 5 -13.82 -8.11 0.86
C VAL B 5 -15.20 -8.77 0.90
N GLU B 6 -16.10 -8.20 1.70
CA GLU B 6 -17.44 -8.73 1.83
C GLU B 6 -18.35 -7.74 2.56
N GLY B 7 -19.09 -6.95 1.79
CA GLY B 7 -19.99 -5.97 2.38
C GLY B 7 -19.35 -4.60 2.49
N SER B 8 -19.19 -4.14 3.74
CA SER B 8 -18.59 -2.83 3.99
C SER B 8 -17.83 -2.83 5.30
N GLU B 9 -16.67 -2.18 5.31
CA GLU B 9 -15.83 -2.12 6.51
C GLU B 9 -15.79 -0.69 7.04
N SER B 10 -15.40 0.25 6.19
CA SER B 10 -15.32 1.65 6.58
C SER B 10 -16.71 2.28 6.67
N THR B 11 -16.74 3.60 6.77
CA THR B 11 -18.01 4.32 6.86
C THR B 11 -18.87 4.07 5.63
N THR B 12 -18.27 4.20 4.45
CA THR B 12 -18.98 3.99 3.19
C THR B 12 -18.01 3.69 2.06
N PRO B 13 -18.43 2.86 1.10
CA PRO B 13 -17.59 2.49 -0.04
C PRO B 13 -17.31 3.68 -0.96
N PHE B 14 -17.95 4.81 -0.68
CA PHE B 14 -17.76 6.01 -1.46
C PHE B 14 -16.37 6.60 -1.24
N ASN B 15 -15.39 6.08 -1.96
CA ASN B 15 -14.02 6.56 -1.84
C ASN B 15 -13.54 7.21 -3.13
N LEU B 16 -12.33 7.76 -3.09
CA LEU B 16 -11.76 8.42 -4.26
C LEU B 16 -10.24 8.49 -4.16
N PHE B 17 -9.57 8.51 -5.31
CA PHE B 17 -8.11 8.56 -5.35
C PHE B 17 -7.64 9.96 -5.75
N ILE B 18 -6.70 10.50 -4.99
CA ILE B 18 -6.17 11.83 -5.27
C ILE B 18 -4.67 11.89 -5.00
N GLY B 19 -3.92 12.32 -6.01
CA GLY B 19 -2.47 12.41 -5.86
C GLY B 19 -1.91 13.72 -6.39
N ASN B 20 -0.62 13.94 -6.17
CA ASN B 20 0.04 15.16 -6.62
C ASN B 20 -0.13 16.29 -5.60
N LEU B 21 -1.33 16.84 -5.52
CA LEU B 21 -1.62 17.92 -4.59
C LEU B 21 -0.41 18.82 -4.39
N ASN B 22 -0.18 19.72 -5.35
CA ASN B 22 0.95 20.67 -5.32
C ASN B 22 2.01 20.26 -4.29
N PRO B 23 2.87 19.30 -4.67
CA PRO B 23 3.94 18.81 -3.78
C PRO B 23 5.04 19.85 -3.58
N ASN B 24 4.71 20.94 -2.90
CA ASN B 24 5.67 22.00 -2.64
C ASN B 24 5.38 22.71 -1.33
N LYS B 25 4.12 23.05 -1.11
CA LYS B 25 3.71 23.74 0.11
C LYS B 25 3.47 22.76 1.25
N SER B 26 3.03 23.29 2.37
CA SER B 26 2.74 22.46 3.55
C SER B 26 1.62 21.48 3.26
N VAL B 27 1.99 20.20 3.09
CA VAL B 27 1.01 19.17 2.81
C VAL B 27 -0.26 19.42 3.61
N ALA B 28 -0.13 19.50 4.92
CA ALA B 28 -1.26 19.75 5.80
C ALA B 28 -2.28 20.66 5.14
N GLU B 29 -1.81 21.79 4.63
CA GLU B 29 -2.70 22.74 3.97
C GLU B 29 -3.31 22.12 2.72
N LEU B 30 -2.47 21.49 1.91
CA LEU B 30 -2.94 20.85 0.69
C LEU B 30 -4.21 20.06 0.97
N LYS B 31 -4.14 19.15 1.94
CA LYS B 31 -5.30 18.34 2.31
C LYS B 31 -6.48 19.23 2.64
N VAL B 32 -6.24 20.25 3.46
CA VAL B 32 -7.29 21.18 3.84
C VAL B 32 -7.92 21.81 2.61
N ALA B 33 -7.10 22.44 1.78
CA ALA B 33 -7.60 23.06 0.55
C ALA B 33 -8.67 22.18 -0.07
N ILE B 34 -8.33 20.91 -0.26
CA ILE B 34 -9.27 19.95 -0.83
C ILE B 34 -10.46 19.78 0.10
N SER B 35 -10.19 19.81 1.40
CA SER B 35 -11.24 19.68 2.40
C SER B 35 -12.22 20.85 2.26
N GLU B 36 -11.81 22.02 2.75
CA GLU B 36 -12.64 23.21 2.67
C GLU B 36 -13.37 23.23 1.33
N LEU B 37 -12.70 22.70 0.31
CA LEU B 37 -13.28 22.64 -1.03
C LEU B 37 -14.48 21.69 -1.03
N PHE B 38 -14.27 20.49 -0.52
CA PHE B 38 -15.35 19.49 -0.44
C PHE B 38 -16.51 20.04 0.35
N ALA B 39 -16.25 21.09 1.14
CA ALA B 39 -17.28 21.71 1.95
C ALA B 39 -18.16 22.60 1.10
N LYS B 40 -17.54 23.51 0.35
CA LYS B 40 -18.27 24.42 -0.52
C LYS B 40 -18.75 23.71 -1.78
N ASN B 41 -18.35 22.45 -1.93
CA ASN B 41 -18.75 21.65 -3.09
C ASN B 41 -20.16 21.11 -2.92
N ASP B 42 -20.80 21.45 -1.79
CA ASP B 42 -22.15 20.98 -1.52
C ASP B 42 -22.14 19.55 -1.01
N LEU B 43 -20.95 19.01 -0.78
CA LEU B 43 -20.81 17.64 -0.29
C LEU B 43 -20.07 17.62 1.05
N ALA B 44 -20.83 17.44 2.12
CA ALA B 44 -20.26 17.40 3.47
C ALA B 44 -19.07 16.46 3.52
N VAL B 45 -19.04 15.51 2.59
CA VAL B 45 -17.96 14.51 2.51
C VAL B 45 -17.79 13.78 3.84
N VAL B 46 -17.38 12.52 3.77
CA VAL B 46 -17.18 11.71 4.96
C VAL B 46 -15.91 12.13 5.70
N ASP B 47 -14.79 12.14 4.96
CA ASP B 47 -13.51 12.52 5.55
C ASP B 47 -12.41 12.47 4.49
N VAL B 48 -11.21 12.89 4.89
CA VAL B 48 -10.06 12.90 4.00
C VAL B 48 -8.81 12.43 4.71
N ARG B 49 -8.17 11.40 4.16
CA ARG B 49 -6.96 10.85 4.76
C ARG B 49 -5.79 10.96 3.78
N THR B 50 -4.63 11.34 4.29
CA THR B 50 -3.44 11.48 3.47
C THR B 50 -2.55 10.25 3.59
N GLY B 51 -1.64 10.08 2.62
CA GLY B 51 -0.74 8.95 2.64
C GLY B 51 0.70 9.37 2.58
N THR B 52 1.30 9.64 3.75
CA THR B 52 2.70 10.06 3.81
C THR B 52 2.88 11.45 3.20
N ASN B 53 3.87 12.17 3.72
CA ASN B 53 4.17 13.52 3.25
C ASN B 53 3.81 13.69 1.77
N ARG B 54 2.59 14.13 1.51
CA ARG B 54 2.13 14.35 0.14
C ARG B 54 1.83 13.01 -0.55
N LYS B 55 2.88 12.22 -0.77
CA LYS B 55 2.77 10.92 -1.42
C LYS B 55 1.45 10.74 -2.16
N PHE B 56 0.41 10.36 -1.43
CA PHE B 56 -0.91 10.16 -2.01
C PHE B 56 -2.00 10.58 -1.03
N GLY B 57 -3.26 10.55 -1.46
CA GLY B 57 -4.34 10.95 -0.59
C GLY B 57 -5.66 10.25 -0.90
N TYR B 58 -6.26 9.66 0.12
CA TYR B 58 -7.53 8.95 -0.03
C TYR B 58 -8.69 9.79 0.50
N VAL B 59 -9.83 9.73 -0.18
CA VAL B 59 -11.00 10.49 0.23
C VAL B 59 -12.25 9.63 0.22
N ASP B 60 -13.22 9.99 1.06
CA ASP B 60 -14.48 9.27 1.14
C ASP B 60 -15.66 10.24 1.24
N PHE B 61 -16.68 10.00 0.41
CA PHE B 61 -17.86 10.85 0.40
C PHE B 61 -18.99 10.25 1.23
N GLU B 62 -19.88 11.11 1.70
CA GLU B 62 -21.01 10.69 2.51
C GLU B 62 -22.28 10.58 1.67
N SER B 63 -22.11 10.16 0.42
CA SER B 63 -23.24 10.01 -0.50
C SER B 63 -22.77 9.72 -1.91
N ALA B 64 -23.68 9.24 -2.75
CA ALA B 64 -23.36 8.92 -4.14
C ALA B 64 -23.46 10.15 -5.02
N GLU B 65 -24.33 11.08 -4.64
CA GLU B 65 -24.52 12.31 -5.40
C GLU B 65 -23.36 13.26 -5.18
N ASP B 66 -22.92 13.35 -3.93
CA ASP B 66 -21.80 14.23 -3.58
C ASP B 66 -20.54 13.82 -4.34
N LEU B 67 -20.37 12.51 -4.51
CA LEU B 67 -19.20 11.98 -5.22
C LEU B 67 -19.28 12.33 -6.69
N GLU B 68 -20.40 12.00 -7.33
CA GLU B 68 -20.61 12.28 -8.74
C GLU B 68 -20.27 13.73 -9.06
N LYS B 69 -20.79 14.64 -8.22
CA LYS B 69 -20.55 16.06 -8.41
C LYS B 69 -19.06 16.39 -8.26
N ALA B 70 -18.53 16.16 -7.07
CA ALA B 70 -17.12 16.43 -6.80
C ALA B 70 -16.25 15.99 -7.96
N LEU B 71 -16.71 14.99 -8.70
CA LEU B 71 -15.97 14.47 -9.84
C LEU B 71 -16.26 15.30 -11.09
N GLU B 72 -17.48 15.81 -11.19
CA GLU B 72 -17.89 16.62 -12.33
C GLU B 72 -17.40 18.05 -12.18
N LEU B 73 -17.08 18.44 -10.94
CA LEU B 73 -16.59 19.78 -10.67
C LEU B 73 -15.10 19.90 -10.98
N THR B 74 -14.78 19.91 -12.26
CA THR B 74 -13.39 20.01 -12.69
C THR B 74 -12.63 21.03 -11.85
N GLY B 75 -13.32 22.09 -11.45
CA GLY B 75 -12.70 23.12 -10.64
C GLY B 75 -11.72 22.56 -9.63
N LEU B 76 -11.96 21.33 -9.19
CA LEU B 76 -11.10 20.67 -8.23
C LEU B 76 -9.64 21.07 -8.43
N LYS B 77 -9.04 21.67 -7.40
CA LYS B 77 -7.65 22.11 -7.48
C LYS B 77 -7.16 22.59 -6.12
N VAL B 78 -5.86 22.47 -5.88
CA VAL B 78 -5.27 22.90 -4.62
C VAL B 78 -4.33 24.08 -4.83
N PHE B 79 -4.69 25.23 -4.27
CA PHE B 79 -3.88 26.43 -4.40
C PHE B 79 -3.50 26.69 -5.85
N GLY B 80 -4.52 26.86 -6.69
CA GLY B 80 -4.27 27.11 -8.10
C GLY B 80 -3.39 26.06 -8.73
N ASN B 81 -3.35 24.89 -8.12
CA ASN B 81 -2.54 23.78 -8.62
C ASN B 81 -3.40 22.58 -8.99
N GLU B 82 -3.32 22.16 -10.25
CA GLU B 82 -4.09 21.03 -10.73
C GLU B 82 -3.67 19.74 -10.03
N ILE B 83 -4.65 18.97 -9.58
CA ILE B 83 -4.38 17.70 -8.90
C ILE B 83 -4.64 16.51 -9.81
N LYS B 84 -4.51 15.31 -9.27
CA LYS B 84 -4.72 14.09 -10.04
C LYS B 84 -5.77 13.21 -9.38
N LEU B 85 -6.88 12.99 -10.08
CA LEU B 85 -7.95 12.15 -9.57
C LEU B 85 -7.87 10.75 -10.15
N GLU B 86 -7.72 9.75 -9.29
CA GLU B 86 -7.61 8.37 -9.74
C GLU B 86 -8.64 7.48 -9.05
N LYS B 87 -8.70 6.23 -9.49
CA LYS B 87 -9.65 5.26 -8.93
C LYS B 87 -8.98 4.39 -7.88
N PRO B 88 -9.76 3.97 -6.87
CA PRO B 88 -9.27 3.14 -5.77
C PRO B 88 -8.35 2.02 -6.26
N LYS B 89 -7.61 1.43 -5.33
CA LYS B 89 -6.68 0.35 -5.66
C LYS B 89 -7.08 -0.94 -4.94
N GLY B 90 -7.62 -0.81 -3.74
CA GLY B 90 -8.02 -1.97 -2.97
C GLY B 90 -6.93 -2.48 -2.05
N ARG B 91 -7.30 -2.87 -0.85
CA ARG B 91 -6.35 -3.37 0.13
C ARG B 91 -5.44 -2.26 0.64
N ASP B 92 -4.51 -2.61 1.51
CA ASP B 92 -3.58 -1.63 2.07
C ASP B 92 -2.20 -2.25 2.28
N SER B 93 -1.21 -1.75 1.55
CA SER B 93 0.15 -2.25 1.65
C SER B 93 0.96 -1.44 2.66
N LYS B 94 0.70 -0.14 2.71
CA LYS B 94 1.41 0.74 3.63
C LYS B 94 0.81 0.66 5.04
N LYS B 95 1.59 1.06 6.03
CA LYS B 95 1.13 1.03 7.41
C LYS B 95 1.24 -0.39 7.99
N VAL B 96 0.61 -1.34 7.31
CA VAL B 96 0.62 -2.73 7.75
C VAL B 96 2.03 -3.33 7.63
N ARG B 97 2.94 -2.57 7.03
CA ARG B 97 4.32 -3.01 6.84
C ARG B 97 4.36 -4.30 6.01
N ALA B 98 3.97 -5.40 6.62
CA ALA B 98 3.96 -6.69 5.95
C ALA B 98 3.68 -7.82 6.93
N ALA B 99 2.81 -7.56 7.90
CA ALA B 99 2.46 -8.55 8.90
C ALA B 99 2.49 -9.96 8.32
N ARG B 100 3.17 -10.88 9.01
CA ARG B 100 3.27 -12.26 8.57
C ARG B 100 3.98 -12.35 7.22
N THR B 101 5.26 -12.02 7.21
CA THR B 101 6.04 -12.06 5.98
C THR B 101 7.44 -12.62 6.21
N LEU B 102 8.13 -12.89 5.11
CA LEU B 102 9.48 -13.43 5.15
C LEU B 102 10.32 -12.85 4.01
N LEU B 103 11.31 -12.04 4.36
CA LEU B 103 12.16 -11.41 3.37
C LEU B 103 13.47 -12.18 3.20
N ALA B 104 13.72 -12.65 1.98
CA ALA B 104 14.93 -13.41 1.69
C ALA B 104 15.99 -12.52 1.05
N LYS B 105 17.09 -12.33 1.76
CA LYS B 105 18.18 -11.50 1.27
C LYS B 105 19.28 -12.34 0.63
N ASN B 106 20.27 -11.66 0.07
CA ASN B 106 21.39 -12.34 -0.58
C ASN B 106 20.89 -13.35 -1.61
N LEU B 107 20.72 -12.89 -2.85
CA LEU B 107 20.25 -13.75 -3.93
C LEU B 107 20.96 -13.44 -5.24
N SER B 108 21.43 -14.47 -5.92
CA SER B 108 22.13 -14.31 -7.19
C SER B 108 21.19 -13.78 -8.26
N PHE B 109 21.74 -13.00 -9.19
CA PHE B 109 20.95 -12.44 -10.28
C PHE B 109 20.60 -13.50 -11.31
N ASN B 110 19.94 -14.55 -10.85
CA ASN B 110 19.54 -15.65 -11.73
C ASN B 110 18.33 -16.39 -11.17
N ILE B 111 18.41 -16.73 -9.88
CA ILE B 111 17.32 -17.44 -9.22
C ILE B 111 15.96 -16.93 -9.67
N THR B 112 14.92 -17.70 -9.41
CA THR B 112 13.57 -17.32 -9.80
C THR B 112 12.51 -17.97 -8.90
N GLU B 113 11.35 -17.32 -8.82
CA GLU B 113 10.26 -17.82 -8.00
C GLU B 113 10.25 -19.35 -7.97
N ASP B 114 10.66 -19.95 -9.09
CA ASP B 114 10.72 -21.41 -9.17
C ASP B 114 11.55 -21.96 -8.03
N GLU B 115 12.80 -21.50 -7.94
CA GLU B 115 13.71 -21.93 -6.89
C GLU B 115 13.20 -21.44 -5.54
N LEU B 116 12.72 -20.20 -5.51
CA LEU B 116 12.19 -19.61 -4.28
C LEU B 116 11.14 -20.53 -3.69
N LYS B 117 9.96 -20.54 -4.30
CA LYS B 117 8.87 -21.40 -3.84
C LYS B 117 9.38 -22.82 -3.64
N GLU B 118 10.40 -23.17 -4.42
CA GLU B 118 11.01 -24.49 -4.35
C GLU B 118 11.51 -24.77 -2.94
N VAL B 119 12.07 -23.75 -2.30
CA VAL B 119 12.57 -23.90 -0.94
C VAL B 119 11.46 -23.66 0.07
N PHE B 120 10.47 -22.89 -0.33
CA PHE B 120 9.32 -22.58 0.52
C PHE B 120 8.08 -22.30 -0.32
N GLU B 121 7.45 -23.37 -0.80
CA GLU B 121 6.25 -23.25 -1.62
C GLU B 121 5.02 -23.01 -0.76
N ASP B 122 5.21 -23.02 0.56
CA ASP B 122 4.11 -22.80 1.49
C ASP B 122 3.70 -21.33 1.51
N ALA B 123 4.56 -20.47 0.96
CA ALA B 123 4.29 -19.04 0.90
C ALA B 123 3.13 -18.74 -0.04
N LEU B 124 2.15 -18.01 0.46
CA LEU B 124 0.98 -17.64 -0.33
C LEU B 124 1.33 -16.60 -1.38
N GLU B 125 2.34 -15.78 -1.09
CA GLU B 125 2.77 -14.74 -2.02
C GLU B 125 4.29 -14.70 -2.15
N ILE B 126 4.76 -14.62 -3.39
CA ILE B 126 6.20 -14.58 -3.66
C ILE B 126 6.55 -13.39 -4.55
N ARG B 127 7.50 -12.57 -4.10
CA ARG B 127 7.93 -11.41 -4.87
C ARG B 127 9.44 -11.26 -4.85
N LEU B 128 10.04 -11.21 -6.03
CA LEU B 128 11.49 -11.07 -6.15
C LEU B 128 11.88 -9.63 -6.48
N VAL B 129 12.81 -9.08 -5.73
CA VAL B 129 13.27 -7.72 -5.95
C VAL B 129 14.71 -7.68 -6.45
N SER B 130 14.88 -7.65 -7.76
CA SER B 130 16.21 -7.60 -8.36
C SER B 130 16.22 -6.69 -9.58
N GLN B 131 15.78 -5.45 -9.39
CA GLN B 131 15.75 -4.48 -10.47
C GLN B 131 15.77 -3.05 -9.92
N ASP B 132 14.60 -2.58 -9.48
CA ASP B 132 14.48 -1.23 -8.93
C ASP B 132 15.34 -0.24 -9.72
N GLY B 133 15.46 -0.46 -11.02
CA GLY B 133 16.25 0.41 -11.85
C GLY B 133 17.62 -0.17 -12.16
N LYS B 134 18.27 -0.73 -11.15
CA LYS B 134 19.59 -1.33 -11.33
C LYS B 134 19.74 -2.56 -10.44
N SER B 135 18.92 -3.57 -10.69
CA SER B 135 18.96 -4.80 -9.92
C SER B 135 18.98 -4.51 -8.43
N LYS B 136 18.94 -5.57 -7.63
CA LYS B 136 18.95 -5.45 -6.18
C LYS B 136 19.65 -6.64 -5.54
N GLY B 137 19.12 -7.83 -5.77
CA GLY B 137 19.71 -9.03 -5.20
C GLY B 137 18.99 -9.51 -3.97
N ILE B 138 17.67 -9.34 -3.95
CA ILE B 138 16.86 -9.77 -2.82
C ILE B 138 15.52 -10.35 -3.26
N ALA B 139 15.08 -11.39 -2.55
CA ALA B 139 13.80 -12.03 -2.85
C ALA B 139 12.91 -12.01 -1.62
N TYR B 140 11.87 -11.17 -1.66
CA TYR B 140 10.95 -11.03 -0.53
C TYR B 140 9.69 -11.87 -0.74
N ILE B 141 9.32 -12.64 0.29
CA ILE B 141 8.13 -13.47 0.24
C ILE B 141 7.16 -13.08 1.35
N GLU B 142 5.94 -13.62 1.29
CA GLU B 142 4.93 -13.30 2.30
C GLU B 142 4.07 -14.54 2.58
N PHE B 143 3.68 -14.70 3.85
CA PHE B 143 2.87 -15.84 4.26
C PHE B 143 1.54 -15.38 4.84
N LYS B 144 0.63 -16.32 5.05
CA LYS B 144 -0.68 -16.01 5.60
C LYS B 144 -0.68 -16.16 7.12
N SER B 145 0.48 -16.47 7.68
CA SER B 145 0.61 -16.63 9.12
C SER B 145 2.07 -16.74 9.54
N GLU B 146 2.33 -16.57 10.83
CA GLU B 146 3.69 -16.66 11.35
C GLU B 146 4.14 -18.11 11.48
N ALA B 147 3.16 -19.02 11.49
CA ALA B 147 3.46 -20.44 11.61
C ALA B 147 4.36 -20.91 10.48
N ASP B 148 3.92 -20.69 9.24
CA ASP B 148 4.70 -21.09 8.08
C ASP B 148 5.90 -20.17 7.89
N ALA B 149 5.82 -18.97 8.42
CA ALA B 149 6.90 -18.00 8.32
C ALA B 149 8.08 -18.40 9.20
N GLU B 150 7.79 -18.73 10.45
CA GLU B 150 8.82 -19.14 11.40
C GLU B 150 9.45 -20.47 10.99
N LYS B 151 8.60 -21.46 10.73
CA LYS B 151 9.08 -22.78 10.33
C LYS B 151 9.94 -22.70 9.08
N ASN B 152 9.33 -22.24 7.98
CA ASN B 152 10.04 -22.12 6.71
C ASN B 152 11.34 -21.33 6.89
N LEU B 153 11.23 -20.17 7.52
CA LEU B 153 12.40 -19.32 7.75
C LEU B 153 13.46 -20.06 8.55
N GLU B 154 13.03 -20.91 9.47
CA GLU B 154 13.95 -21.68 10.31
C GLU B 154 14.72 -22.69 9.48
N GLU B 155 14.00 -23.54 8.76
CA GLU B 155 14.62 -24.55 7.92
C GLU B 155 15.45 -23.92 6.80
N LYS B 156 14.78 -23.14 5.96
CA LYS B 156 15.46 -22.47 4.85
C LYS B 156 16.62 -21.62 5.35
N GLN B 157 16.63 -21.32 6.63
CA GLN B 157 17.67 -20.52 7.23
C GLN B 157 19.06 -21.00 6.78
N GLY B 158 19.56 -20.40 5.71
CA GLY B 158 20.86 -20.78 5.20
C GLY B 158 20.78 -21.58 3.92
N ALA B 159 19.55 -21.96 3.53
CA ALA B 159 19.34 -22.74 2.33
C ALA B 159 19.99 -22.07 1.12
N GLU B 160 21.28 -22.32 0.94
CA GLU B 160 22.03 -21.75 -0.18
C GLU B 160 21.18 -21.74 -1.44
N ILE B 161 20.51 -20.63 -1.70
CA ILE B 161 19.66 -20.50 -2.88
C ILE B 161 20.29 -21.22 -4.07
N ASP B 162 21.55 -20.93 -4.33
CA ASP B 162 22.28 -21.55 -5.43
C ASP B 162 23.78 -21.59 -5.14
N GLY B 163 24.11 -21.69 -3.85
CA GLY B 163 25.50 -21.74 -3.45
C GLY B 163 25.98 -20.44 -2.82
N ARG B 164 25.14 -19.87 -1.95
CA ARG B 164 25.48 -18.62 -1.27
C ARG B 164 24.67 -18.45 0.01
N SER B 165 24.22 -19.57 0.57
CA SER B 165 23.44 -19.55 1.81
C SER B 165 22.52 -18.33 1.84
N VAL B 166 21.43 -18.40 1.09
CA VAL B 166 20.47 -17.31 1.01
C VAL B 166 20.14 -16.76 2.41
N SER B 167 19.74 -15.49 2.45
CA SER B 167 19.38 -14.85 3.70
C SER B 167 17.87 -14.78 3.85
N LEU B 168 17.39 -14.74 5.08
CA LEU B 168 15.95 -14.68 5.33
C LEU B 168 15.67 -14.14 6.73
N TYR B 169 14.53 -13.45 6.86
CA TYR B 169 14.14 -12.87 8.13
C TYR B 169 12.62 -12.73 8.21
N TYR B 170 12.11 -12.46 9.40
CA TYR B 170 10.68 -12.31 9.61
C TYR B 170 10.28 -10.84 9.61
N THR B 171 9.22 -10.52 8.89
CA THR B 171 8.72 -9.15 8.80
C THR B 171 7.26 -9.06 9.25
N GLY B 172 7.01 -8.24 10.26
CA GLY B 172 5.66 -8.08 10.75
C GLY B 172 5.51 -8.54 12.19
N GLU B 173 5.05 -9.77 12.37
CA GLU B 173 4.86 -10.33 13.70
C GLU B 173 3.92 -9.46 14.53
N LYS B 174 2.64 -9.47 14.17
CA LYS B 174 1.63 -8.68 14.87
C LYS B 174 0.90 -9.54 15.90
N GLY B 175 0.81 -10.83 15.63
CA GLY B 175 0.14 -11.74 16.54
C GLY B 175 0.98 -12.07 17.76
N GLY B 1 -17.61 -5.73 17.30
CA GLY B 1 -17.91 -6.06 18.72
C GLY B 1 -18.44 -4.87 19.50
N SER B 2 -18.04 -4.77 20.77
CA SER B 2 -18.48 -3.67 21.62
C SER B 2 -17.57 -3.52 22.83
N HIS B 3 -16.28 -3.33 22.58
CA HIS B 3 -15.30 -3.17 23.64
C HIS B 3 -15.51 -1.84 24.38
N MET B 4 -15.45 -0.75 23.63
CA MET B 4 -15.63 0.58 24.21
C MET B 4 -17.08 0.79 24.64
N VAL B 5 -17.98 -0.01 24.10
CA VAL B 5 -19.39 0.09 24.42
C VAL B 5 -20.02 1.32 23.79
N GLU B 6 -21.10 1.11 23.04
CA GLU B 6 -21.80 2.21 22.38
C GLU B 6 -20.92 2.83 21.29
N GLY B 7 -19.83 3.48 21.72
CA GLY B 7 -18.94 4.11 20.77
C GLY B 7 -18.16 3.09 19.95
N SER B 8 -18.53 2.96 18.68
CA SER B 8 -17.86 2.02 17.78
C SER B 8 -18.21 2.31 16.33
N GLU B 9 -18.32 3.59 15.99
CA GLU B 9 -18.65 4.01 14.64
C GLU B 9 -17.53 4.85 14.03
N SER B 10 -17.42 4.82 12.71
CA SER B 10 -16.39 5.58 12.01
C SER B 10 -17.01 6.51 10.99
N THR B 11 -17.97 7.32 11.43
CA THR B 11 -18.65 8.26 10.54
C THR B 11 -19.34 7.52 9.40
N THR B 12 -18.62 7.34 8.30
CA THR B 12 -19.17 6.66 7.14
C THR B 12 -18.07 5.98 6.33
N PRO B 13 -18.41 4.88 5.65
CA PRO B 13 -17.45 4.12 4.85
C PRO B 13 -17.14 4.79 3.52
N PHE B 14 -18.15 5.41 2.91
CA PHE B 14 -17.97 6.09 1.63
C PHE B 14 -16.59 6.74 1.56
N ASN B 15 -15.65 6.06 0.94
CA ASN B 15 -14.28 6.56 0.81
C ASN B 15 -13.90 6.78 -0.65
N LEU B 16 -12.74 7.37 -0.86
CA LEU B 16 -12.24 7.64 -2.21
C LEU B 16 -10.74 7.90 -2.19
N PHE B 17 -10.07 7.54 -3.28
CA PHE B 17 -8.63 7.73 -3.40
C PHE B 17 -8.31 8.90 -4.34
N ILE B 18 -7.41 9.77 -3.89
CA ILE B 18 -7.02 10.93 -4.69
C ILE B 18 -5.51 11.13 -4.65
N GLY B 19 -4.86 11.02 -5.80
CA GLY B 19 -3.42 11.18 -5.86
C GLY B 19 -2.99 12.12 -6.97
N ASN B 20 -1.69 12.40 -7.04
CA ASN B 20 -1.16 13.30 -8.05
C ASN B 20 -1.67 14.71 -7.86
N LEU B 21 -1.68 15.17 -6.62
CA LEU B 21 -2.17 16.51 -6.31
C LEU B 21 -1.06 17.55 -6.50
N ASN B 22 0.05 17.12 -7.10
CA ASN B 22 1.18 18.01 -7.36
C ASN B 22 2.09 18.08 -6.13
N PRO B 23 2.71 16.94 -5.77
CA PRO B 23 3.62 16.86 -4.62
C PRO B 23 4.94 17.60 -4.88
N ASN B 24 4.86 18.92 -4.95
CA ASN B 24 6.04 19.74 -5.19
C ASN B 24 5.88 21.12 -4.55
N LYS B 25 4.71 21.72 -4.73
CA LYS B 25 4.43 23.03 -4.17
C LYS B 25 4.35 22.98 -2.65
N SER B 26 3.31 22.33 -2.15
CA SER B 26 3.12 22.20 -0.71
C SER B 26 1.96 21.27 -0.39
N VAL B 27 2.29 20.05 0.05
CA VAL B 27 1.27 19.07 0.39
C VAL B 27 0.09 19.71 1.09
N ALA B 28 0.35 20.29 2.27
CA ALA B 28 -0.69 20.95 3.05
C ALA B 28 -1.73 21.60 2.15
N GLU B 29 -1.26 22.24 1.08
CA GLU B 29 -2.16 22.91 0.14
C GLU B 29 -2.95 21.89 -0.66
N LEU B 30 -2.25 21.05 -1.40
CA LEU B 30 -2.90 20.03 -2.22
C LEU B 30 -4.15 19.49 -1.52
N LYS B 31 -3.95 18.99 -0.30
CA LYS B 31 -5.07 18.44 0.47
C LYS B 31 -6.15 19.51 0.67
N VAL B 32 -5.77 20.65 1.21
CA VAL B 32 -6.72 21.73 1.43
C VAL B 32 -7.50 22.03 0.16
N ALA B 33 -6.77 22.30 -0.93
CA ALA B 33 -7.42 22.58 -2.21
C ALA B 33 -8.61 21.66 -2.39
N ILE B 34 -8.36 20.36 -2.30
CA ILE B 34 -9.42 19.37 -2.43
C ILE B 34 -10.45 19.56 -1.33
N SER B 35 -9.96 19.95 -0.15
CA SER B 35 -10.83 20.20 0.99
C SER B 35 -11.79 21.34 0.67
N GLU B 36 -11.27 22.57 0.76
CA GLU B 36 -12.07 23.75 0.47
C GLU B 36 -13.06 23.48 -0.66
N LEU B 37 -12.61 22.67 -1.63
CA LEU B 37 -13.46 22.31 -2.77
C LEU B 37 -14.71 21.58 -2.30
N PHE B 38 -14.51 20.57 -1.45
CA PHE B 38 -15.63 19.78 -0.93
C PHE B 38 -16.47 20.62 0.02
N ALA B 39 -15.91 21.74 0.49
CA ALA B 39 -16.61 22.63 1.40
C ALA B 39 -17.46 23.63 0.63
N LYS B 40 -16.83 24.33 -0.30
CA LYS B 40 -17.53 25.33 -1.11
C LYS B 40 -18.61 24.67 -1.95
N ASN B 41 -18.44 23.38 -2.24
CA ASN B 41 -19.41 22.64 -3.03
C ASN B 41 -20.52 22.06 -2.15
N ASP B 42 -20.47 22.40 -0.87
CA ASP B 42 -21.47 21.91 0.08
C ASP B 42 -21.44 20.40 0.18
N LEU B 43 -20.28 19.81 -0.11
CA LEU B 43 -20.11 18.37 -0.06
C LEU B 43 -19.76 17.91 1.36
N ALA B 44 -19.23 18.84 2.15
CA ALA B 44 -18.85 18.53 3.53
C ALA B 44 -17.95 17.30 3.59
N VAL B 45 -16.76 17.42 3.00
CA VAL B 45 -15.81 16.32 2.99
C VAL B 45 -15.81 15.57 4.32
N VAL B 46 -16.42 14.39 4.33
CA VAL B 46 -16.49 13.57 5.54
C VAL B 46 -15.11 13.30 6.12
N ASP B 47 -14.33 12.49 5.41
CA ASP B 47 -12.99 12.13 5.87
C ASP B 47 -11.93 12.82 5.01
N VAL B 48 -10.75 13.02 5.60
CA VAL B 48 -9.65 13.67 4.88
C VAL B 48 -8.30 13.30 5.51
N ARG B 49 -7.66 12.27 4.96
CA ARG B 49 -6.36 11.83 5.45
C ARG B 49 -5.34 11.80 4.33
N THR B 50 -4.07 12.00 4.68
CA THR B 50 -3.01 11.98 3.68
C THR B 50 -2.18 10.70 3.80
N GLY B 51 -1.24 10.53 2.88
CA GLY B 51 -0.41 9.35 2.90
C GLY B 51 1.03 9.67 2.56
N THR B 52 1.88 9.73 3.59
CA THR B 52 3.29 10.03 3.39
C THR B 52 3.47 11.38 2.72
N ASN B 53 4.34 12.22 3.29
CA ASN B 53 4.62 13.55 2.78
C ASN B 53 4.13 13.75 1.35
N ARG B 54 4.52 12.83 0.46
CA ARG B 54 4.11 12.91 -0.93
C ARG B 54 3.85 11.52 -1.51
N LYS B 55 2.71 10.92 -1.15
CA LYS B 55 2.35 9.60 -1.63
C LYS B 55 0.95 9.60 -2.25
N PHE B 56 -0.06 9.71 -1.39
CA PHE B 56 -1.45 9.72 -1.85
C PHE B 56 -2.37 10.34 -0.79
N GLY B 57 -3.65 10.49 -1.12
CA GLY B 57 -4.59 11.07 -0.17
C GLY B 57 -5.94 10.39 -0.18
N TYR B 58 -6.56 10.27 1.00
CA TYR B 58 -7.86 9.62 1.13
C TYR B 58 -8.93 10.63 1.52
N VAL B 59 -10.18 10.28 1.23
CA VAL B 59 -11.32 11.14 1.54
C VAL B 59 -12.63 10.36 1.56
N ASP B 60 -13.47 10.65 2.56
CA ASP B 60 -14.75 9.98 2.68
C ASP B 60 -15.88 10.95 2.33
N PHE B 61 -16.93 10.43 1.69
CA PHE B 61 -18.05 11.24 1.27
C PHE B 61 -19.22 11.13 2.25
N GLU B 62 -20.06 12.16 2.27
CA GLU B 62 -21.22 12.20 3.16
C GLU B 62 -22.09 10.96 2.97
N SER B 63 -22.25 10.55 1.72
CA SER B 63 -23.05 9.38 1.39
C SER B 63 -23.39 9.33 -0.09
N ALA B 64 -24.02 8.23 -0.51
CA ALA B 64 -24.40 8.05 -1.90
C ALA B 64 -24.81 9.37 -2.54
N GLU B 65 -25.37 10.27 -1.72
CA GLU B 65 -25.80 11.56 -2.21
C GLU B 65 -24.60 12.42 -2.61
N ASP B 66 -23.82 12.84 -1.62
CA ASP B 66 -22.64 13.64 -1.86
C ASP B 66 -21.69 12.94 -2.83
N LEU B 67 -21.58 11.61 -2.69
CA LEU B 67 -20.73 10.82 -3.55
C LEU B 67 -21.13 11.01 -5.01
N GLU B 68 -22.42 10.83 -5.29
CA GLU B 68 -22.93 10.98 -6.64
C GLU B 68 -22.52 12.33 -7.21
N LYS B 69 -22.72 13.38 -6.42
CA LYS B 69 -22.35 14.74 -6.84
C LYS B 69 -20.89 14.79 -7.26
N ALA B 70 -20.02 14.26 -6.39
CA ALA B 70 -18.60 14.24 -6.67
C ALA B 70 -18.32 13.72 -8.07
N LEU B 71 -18.63 12.43 -8.29
CA LEU B 71 -18.42 11.82 -9.59
C LEU B 71 -18.81 12.79 -10.71
N GLU B 72 -20.04 13.29 -10.66
CA GLU B 72 -20.53 14.22 -11.67
C GLU B 72 -19.56 15.39 -11.82
N LEU B 73 -18.87 15.72 -10.74
CA LEU B 73 -17.90 16.81 -10.75
C LEU B 73 -16.49 16.29 -10.55
N THR B 74 -15.83 15.95 -11.65
CA THR B 74 -14.47 15.43 -11.60
C THR B 74 -13.68 16.06 -10.46
N GLY B 75 -12.68 15.33 -10.00
CA GLY B 75 -11.83 15.78 -8.90
C GLY B 75 -11.87 17.27 -8.69
N LEU B 76 -10.84 17.98 -9.14
CA LEU B 76 -10.78 19.43 -8.99
C LEU B 76 -9.45 19.97 -9.51
N LYS B 77 -8.36 19.31 -9.16
CA LYS B 77 -7.03 19.74 -9.58
C LYS B 77 -6.57 20.95 -8.78
N VAL B 78 -5.27 21.07 -8.57
CA VAL B 78 -4.72 22.18 -7.81
C VAL B 78 -3.77 23.01 -8.67
N PHE B 79 -3.68 24.30 -8.36
CA PHE B 79 -2.80 25.21 -9.10
C PHE B 79 -2.80 24.87 -10.58
N GLY B 80 -3.95 24.46 -11.10
CA GLY B 80 -4.06 24.10 -12.50
C GLY B 80 -3.68 22.65 -12.77
N ASN B 81 -2.48 22.28 -12.35
CA ASN B 81 -2.00 20.92 -12.56
C ASN B 81 -3.13 19.91 -12.37
N GLU B 82 -3.22 18.95 -13.30
CA GLU B 82 -4.25 17.93 -13.24
C GLU B 82 -3.95 16.92 -12.14
N ILE B 83 -4.96 16.13 -11.79
CA ILE B 83 -4.81 15.12 -10.75
C ILE B 83 -5.30 13.76 -11.22
N LYS B 84 -5.30 12.78 -10.32
CA LYS B 84 -5.75 11.43 -10.65
C LYS B 84 -6.73 10.91 -9.61
N LEU B 85 -7.80 10.28 -10.07
CA LEU B 85 -8.82 9.73 -9.18
C LEU B 85 -8.75 8.21 -9.15
N GLU B 86 -9.12 7.63 -8.01
CA GLU B 86 -9.10 6.19 -7.84
C GLU B 86 -10.20 5.74 -6.89
N LYS B 87 -10.49 4.43 -6.90
CA LYS B 87 -11.52 3.88 -6.03
C LYS B 87 -10.90 3.24 -4.79
N PRO B 88 -11.74 2.86 -3.81
CA PRO B 88 -11.28 2.23 -2.58
C PRO B 88 -10.43 0.99 -2.84
N LYS B 89 -9.24 0.96 -2.24
CA LYS B 89 -8.33 -0.17 -2.41
C LYS B 89 -8.33 -1.06 -1.17
N GLY B 90 -8.51 -0.45 0.00
CA GLY B 90 -8.52 -1.20 1.23
C GLY B 90 -7.31 -2.09 1.39
N ARG B 91 -6.22 -1.70 0.75
CA ARG B 91 -4.98 -2.47 0.83
C ARG B 91 -4.07 -1.94 1.93
N ASP B 92 -3.62 -2.85 2.79
CA ASP B 92 -2.74 -2.48 3.90
C ASP B 92 -1.35 -3.09 3.72
N SER B 93 -0.37 -2.23 3.42
CA SER B 93 1.00 -2.68 3.22
C SER B 93 1.98 -1.75 3.94
N LYS B 94 1.74 -0.45 3.82
CA LYS B 94 2.59 0.55 4.47
C LYS B 94 2.27 0.67 5.94
N LYS B 95 3.31 0.89 6.75
CA LYS B 95 3.13 1.04 8.20
C LYS B 95 3.05 -0.33 8.86
N VAL B 96 2.18 -1.19 8.35
CA VAL B 96 2.01 -2.53 8.90
C VAL B 96 3.24 -3.40 8.63
N ARG B 97 4.17 -2.86 7.85
CA ARG B 97 5.40 -3.58 7.52
C ARG B 97 5.08 -4.89 6.82
N ALA B 98 4.10 -4.86 5.92
CA ALA B 98 3.71 -6.04 5.16
C ALA B 98 2.63 -6.83 5.91
N ALA B 99 2.64 -6.74 7.23
CA ALA B 99 1.66 -7.44 8.05
C ALA B 99 1.91 -8.94 8.03
N ARG B 100 1.87 -9.53 6.84
CA ARG B 100 2.09 -10.96 6.68
C ARG B 100 2.88 -11.25 5.41
N THR B 101 4.20 -11.27 5.54
CA THR B 101 5.06 -11.53 4.39
C THR B 101 6.37 -12.20 4.81
N LEU B 102 7.04 -12.81 3.84
CA LEU B 102 8.31 -13.49 4.09
C LEU B 102 9.39 -12.92 3.19
N LEU B 103 10.42 -12.33 3.81
CA LEU B 103 11.52 -11.73 3.08
C LEU B 103 12.72 -12.67 3.03
N ALA B 104 13.30 -12.82 1.85
CA ALA B 104 14.46 -13.68 1.66
C ALA B 104 15.72 -12.86 1.39
N LYS B 105 16.75 -13.09 2.19
CA LYS B 105 18.01 -12.37 2.04
C LYS B 105 19.11 -13.30 1.52
N ASN B 106 20.27 -12.72 1.25
CA ASN B 106 21.40 -13.49 0.74
C ASN B 106 21.11 -14.02 -0.65
N LEU B 107 20.82 -13.12 -1.59
CA LEU B 107 20.51 -13.51 -2.96
C LEU B 107 21.76 -13.40 -3.83
N SER B 108 21.82 -14.25 -4.85
CA SER B 108 22.96 -14.25 -5.78
C SER B 108 22.79 -13.17 -6.84
N PHE B 109 21.81 -12.30 -6.66
CA PHE B 109 21.55 -11.23 -7.61
C PHE B 109 21.02 -11.78 -8.93
N ASN B 110 21.81 -12.64 -9.57
CA ASN B 110 21.42 -13.24 -10.84
C ASN B 110 20.18 -14.10 -10.68
N ILE B 111 19.88 -14.47 -9.43
CA ILE B 111 18.71 -15.30 -9.14
C ILE B 111 17.42 -14.58 -9.52
N THR B 112 16.34 -15.35 -9.63
CA THR B 112 15.05 -14.78 -9.99
C THR B 112 13.91 -15.48 -9.23
N GLU B 113 12.73 -15.50 -9.83
CA GLU B 113 11.58 -16.14 -9.20
C GLU B 113 11.69 -17.66 -9.28
N ASP B 114 12.32 -18.14 -10.35
CA ASP B 114 12.50 -19.58 -10.53
C ASP B 114 13.00 -20.22 -9.24
N GLU B 115 14.15 -19.76 -8.77
CA GLU B 115 14.75 -20.28 -7.54
C GLU B 115 13.95 -19.81 -6.32
N LEU B 116 13.55 -18.54 -6.34
CA LEU B 116 12.79 -17.96 -5.24
C LEU B 116 11.58 -18.84 -4.91
N LYS B 117 10.58 -18.80 -5.80
CA LYS B 117 9.38 -19.60 -5.60
C LYS B 117 9.73 -21.08 -5.52
N GLU B 118 10.79 -21.47 -6.22
CA GLU B 118 11.24 -22.86 -6.22
C GLU B 118 11.33 -23.41 -4.80
N VAL B 119 11.93 -22.63 -3.91
CA VAL B 119 12.08 -23.04 -2.52
C VAL B 119 10.79 -22.83 -1.74
N PHE B 120 10.17 -21.67 -1.93
CA PHE B 120 8.93 -21.33 -1.25
C PHE B 120 7.91 -20.77 -2.24
N GLU B 121 7.25 -21.65 -2.98
CA GLU B 121 6.26 -21.23 -3.96
C GLU B 121 4.86 -21.25 -3.35
N ASP B 122 4.79 -21.17 -2.02
CA ASP B 122 3.51 -21.18 -1.32
C ASP B 122 3.15 -19.78 -0.84
N ALA B 123 3.79 -18.77 -1.44
CA ALA B 123 3.52 -17.39 -1.08
C ALA B 123 2.38 -16.82 -1.91
N LEU B 124 2.20 -15.50 -1.84
CA LEU B 124 1.14 -14.84 -2.59
C LEU B 124 1.71 -13.92 -3.66
N GLU B 125 2.81 -13.24 -3.33
CA GLU B 125 3.45 -12.34 -4.28
C GLU B 125 4.97 -12.46 -4.18
N ILE B 126 5.63 -12.56 -5.34
CA ILE B 126 7.08 -12.67 -5.39
C ILE B 126 7.70 -11.47 -6.06
N ARG B 127 8.61 -10.80 -5.36
CA ARG B 127 9.28 -9.62 -5.89
C ARG B 127 10.76 -9.62 -5.51
N LEU B 128 11.62 -9.33 -6.49
CA LEU B 128 13.06 -9.30 -6.26
C LEU B 128 13.54 -7.87 -6.05
N VAL B 129 14.39 -7.68 -5.04
CA VAL B 129 14.93 -6.35 -4.74
C VAL B 129 16.42 -6.42 -4.47
N SER B 130 17.23 -6.17 -5.49
CA SER B 130 18.68 -6.21 -5.34
C SER B 130 19.33 -5.11 -6.16
N GLN B 131 18.59 -4.03 -6.40
CA GLN B 131 19.10 -2.91 -7.18
C GLN B 131 18.34 -1.63 -6.83
N ASP B 132 17.27 -1.37 -7.57
CA ASP B 132 16.46 -0.18 -7.35
C ASP B 132 17.30 1.09 -7.48
N GLY B 133 18.00 1.44 -6.41
CA GLY B 133 18.84 2.62 -6.41
C GLY B 133 20.25 2.34 -6.90
N LYS B 134 20.80 1.20 -6.48
CA LYS B 134 22.14 0.82 -6.87
C LYS B 134 22.34 -0.68 -6.73
N SER B 135 22.04 -1.22 -5.55
CA SER B 135 22.19 -2.65 -5.30
C SER B 135 21.38 -3.07 -4.09
N LYS B 136 21.61 -4.29 -3.62
CA LYS B 136 20.90 -4.84 -2.46
C LYS B 136 21.08 -6.34 -2.38
N GLY B 137 20.96 -7.02 -3.53
CA GLY B 137 21.11 -8.46 -3.56
C GLY B 137 20.15 -9.17 -2.63
N ILE B 138 18.92 -8.69 -2.54
CA ILE B 138 17.92 -9.30 -1.67
C ILE B 138 16.62 -9.59 -2.43
N ALA B 139 15.69 -10.24 -1.75
CA ALA B 139 14.40 -10.57 -2.34
C ALA B 139 13.30 -10.54 -1.29
N TYR B 140 12.17 -9.94 -1.64
CA TYR B 140 11.04 -9.82 -0.72
C TYR B 140 9.81 -10.56 -1.27
N ILE B 141 9.13 -11.29 -0.40
CA ILE B 141 7.94 -12.03 -0.79
C ILE B 141 6.81 -11.83 0.22
N GLU B 142 5.57 -11.85 -0.26
CA GLU B 142 4.42 -11.69 0.60
C GLU B 142 3.60 -12.97 0.67
N PHE B 143 2.98 -13.20 1.83
CA PHE B 143 2.16 -14.40 2.03
C PHE B 143 0.75 -14.03 2.47
N LYS B 144 -0.16 -15.00 2.40
CA LYS B 144 -1.55 -14.78 2.79
C LYS B 144 -1.66 -14.52 4.28
N SER B 145 -0.63 -14.90 5.03
CA SER B 145 -0.61 -14.72 6.47
C SER B 145 0.75 -15.05 7.06
N GLU B 146 0.98 -14.63 8.30
CA GLU B 146 2.24 -14.90 8.98
C GLU B 146 2.54 -16.38 9.02
N ALA B 147 1.57 -17.16 9.49
CA ALA B 147 1.74 -18.61 9.59
C ALA B 147 2.42 -19.17 8.34
N ASP B 148 1.71 -19.11 7.21
CA ASP B 148 2.25 -19.61 5.95
C ASP B 148 3.69 -19.16 5.76
N ALA B 149 3.97 -17.91 6.14
CA ALA B 149 5.31 -17.36 6.01
C ALA B 149 6.30 -18.11 6.88
N GLU B 150 5.88 -18.45 8.10
CA GLU B 150 6.74 -19.17 9.03
C GLU B 150 7.01 -20.59 8.52
N LYS B 151 5.94 -21.28 8.13
CA LYS B 151 6.07 -22.64 7.62
C LYS B 151 7.14 -22.73 6.54
N ASN B 152 6.96 -21.95 5.48
CA ASN B 152 7.91 -21.94 4.37
C ASN B 152 9.29 -21.49 4.85
N LEU B 153 9.30 -20.47 5.71
CA LEU B 153 10.56 -19.94 6.25
C LEU B 153 11.37 -21.05 6.91
N GLU B 154 10.69 -21.99 7.55
CA GLU B 154 11.34 -23.10 8.22
C GLU B 154 11.58 -24.26 7.26
N GLU B 155 10.49 -24.80 6.73
CA GLU B 155 10.58 -25.93 5.79
C GLU B 155 11.58 -25.64 4.68
N LYS B 156 11.57 -24.40 4.19
CA LYS B 156 12.47 -23.99 3.12
C LYS B 156 13.83 -23.58 3.69
N GLN B 157 13.86 -23.23 4.97
CA GLN B 157 15.10 -22.83 5.62
C GLN B 157 16.26 -23.69 5.13
N GLY B 158 17.45 -23.12 5.13
CA GLY B 158 18.62 -23.85 4.66
C GLY B 158 18.44 -24.36 3.25
N ALA B 159 18.44 -23.44 2.28
CA ALA B 159 18.28 -23.80 0.88
C ALA B 159 19.34 -23.13 0.03
N GLU B 160 20.61 -23.34 0.39
CA GLU B 160 21.74 -22.77 -0.33
C GLU B 160 21.43 -22.66 -1.82
N ILE B 161 20.88 -21.53 -2.22
CA ILE B 161 20.54 -21.30 -3.63
C ILE B 161 21.80 -21.09 -4.47
N ASP B 162 22.86 -20.60 -3.82
CA ASP B 162 24.12 -20.37 -4.51
C ASP B 162 25.28 -20.84 -3.64
N GLY B 163 24.98 -21.66 -2.65
CA GLY B 163 26.00 -22.18 -1.76
C GLY B 163 26.26 -21.26 -0.58
N ARG B 164 25.20 -20.79 0.05
CA ARG B 164 25.33 -19.90 1.20
C ARG B 164 24.05 -19.90 2.03
N SER B 165 23.27 -20.98 1.92
CA SER B 165 22.02 -21.10 2.67
C SER B 165 21.31 -19.76 2.75
N VAL B 166 20.67 -19.36 1.66
CA VAL B 166 19.96 -18.10 1.60
C VAL B 166 19.28 -17.77 2.92
N SER B 167 18.96 -16.50 3.11
CA SER B 167 18.30 -16.03 4.32
C SER B 167 16.81 -15.89 4.09
N LEU B 168 16.04 -15.97 5.16
CA LEU B 168 14.58 -15.84 5.07
C LEU B 168 13.96 -15.53 6.41
N TYR B 169 13.15 -14.48 6.45
CA TYR B 169 12.48 -14.07 7.68
C TYR B 169 11.03 -13.69 7.41
N TYR B 170 10.19 -13.79 8.44
CA TYR B 170 8.78 -13.47 8.29
C TYR B 170 8.49 -12.06 8.81
N THR B 171 8.26 -11.14 7.89
CA THR B 171 8.00 -9.74 8.24
C THR B 171 6.50 -9.46 8.32
N GLY B 172 6.17 -8.23 8.69
CA GLY B 172 4.78 -7.85 8.82
C GLY B 172 4.16 -8.32 10.11
N GLU B 173 3.71 -7.38 10.93
CA GLU B 173 3.09 -7.72 12.22
C GLU B 173 2.19 -6.58 12.69
N LYS B 174 1.25 -6.92 13.57
CA LYS B 174 0.32 -5.94 14.11
C LYS B 174 0.30 -5.99 15.64
N GLY B 175 0.24 -7.20 16.18
CA GLY B 175 0.20 -7.36 17.62
C GLY B 175 0.48 -8.79 18.05
N GLY B 1 -15.06 -4.95 26.27
CA GLY B 1 -15.65 -3.65 25.83
C GLY B 1 -14.92 -2.45 26.39
N SER B 2 -14.75 -1.43 25.58
CA SER B 2 -14.07 -0.21 26.01
C SER B 2 -12.59 -0.49 26.27
N HIS B 3 -12.07 -1.52 25.63
CA HIS B 3 -10.66 -1.89 25.79
C HIS B 3 -9.75 -0.71 25.48
N MET B 4 -10.13 0.08 24.48
CA MET B 4 -9.35 1.24 24.08
C MET B 4 -9.97 2.53 24.62
N VAL B 5 -9.37 3.66 24.28
CA VAL B 5 -9.86 4.95 24.73
C VAL B 5 -10.76 5.60 23.68
N GLU B 6 -10.39 5.44 22.41
CA GLU B 6 -11.17 5.99 21.31
C GLU B 6 -10.67 5.45 19.98
N GLY B 7 -11.51 5.59 18.94
CA GLY B 7 -11.13 5.12 17.62
C GLY B 7 -12.10 5.57 16.55
N SER B 8 -11.66 5.54 15.30
CA SER B 8 -12.51 5.94 14.19
C SER B 8 -13.37 4.77 13.71
N GLU B 9 -14.68 4.97 13.75
CA GLU B 9 -15.62 3.94 13.32
C GLU B 9 -15.29 3.45 11.92
N SER B 10 -15.62 4.26 10.92
CA SER B 10 -15.36 3.91 9.53
C SER B 10 -15.62 5.10 8.61
N THR B 11 -16.91 5.32 8.30
CA THR B 11 -17.33 6.42 7.44
C THR B 11 -18.59 6.07 6.65
N THR B 12 -18.40 5.57 5.43
CA THR B 12 -19.52 5.22 4.57
C THR B 12 -19.03 4.71 3.22
N PRO B 13 -19.97 4.23 2.37
CA PRO B 13 -19.64 3.73 1.04
C PRO B 13 -19.19 4.84 0.11
N PHE B 14 -19.41 4.65 -1.19
CA PHE B 14 -19.02 5.64 -2.19
C PHE B 14 -17.73 6.34 -1.79
N ASN B 15 -16.63 5.58 -1.83
CA ASN B 15 -15.33 6.12 -1.48
C ASN B 15 -14.53 6.51 -2.72
N LEU B 16 -13.86 7.65 -2.65
CA LEU B 16 -13.06 8.13 -3.77
C LEU B 16 -11.60 8.29 -3.37
N PHE B 17 -10.73 8.38 -4.37
CA PHE B 17 -9.30 8.53 -4.13
C PHE B 17 -8.71 9.61 -5.02
N ILE B 18 -7.69 10.29 -4.51
CA ILE B 18 -7.02 11.35 -5.25
C ILE B 18 -5.57 11.00 -5.53
N GLY B 19 -4.98 11.66 -6.52
CA GLY B 19 -3.59 11.39 -6.88
C GLY B 19 -2.84 12.65 -7.26
N ASN B 20 -1.51 12.55 -7.28
CA ASN B 20 -0.67 13.70 -7.64
C ASN B 20 -0.79 14.80 -6.60
N LEU B 21 -1.71 15.73 -6.84
CA LEU B 21 -1.93 16.85 -5.92
C LEU B 21 -0.68 17.72 -5.81
N ASN B 22 0.29 17.49 -6.69
CA ASN B 22 1.52 18.26 -6.68
C ASN B 22 2.40 17.89 -5.48
N PRO B 23 3.34 16.96 -5.70
CA PRO B 23 4.26 16.50 -4.65
C PRO B 23 5.31 17.54 -4.29
N ASN B 24 4.86 18.66 -3.73
CA ASN B 24 5.76 19.74 -3.33
C ASN B 24 5.36 20.32 -1.98
N LYS B 25 4.50 21.35 -2.02
CA LYS B 25 4.04 22.00 -0.80
C LYS B 25 3.50 20.98 0.18
N SER B 26 3.04 21.45 1.33
CA SER B 26 2.50 20.59 2.37
C SER B 26 1.09 20.14 2.01
N VAL B 27 0.95 18.88 1.62
CA VAL B 27 -0.34 18.32 1.26
C VAL B 27 -1.42 18.88 2.19
N ALA B 28 -1.08 19.04 3.45
CA ALA B 28 -2.02 19.56 4.43
C ALA B 28 -2.74 20.79 3.88
N GLU B 29 -2.07 21.50 2.99
CA GLU B 29 -2.66 22.69 2.37
C GLU B 29 -3.77 22.27 1.41
N LEU B 30 -3.48 21.29 0.56
CA LEU B 30 -4.45 20.78 -0.39
C LEU B 30 -5.59 20.09 0.33
N LYS B 31 -5.24 19.35 1.39
CA LYS B 31 -6.23 18.64 2.19
C LYS B 31 -7.33 19.60 2.65
N VAL B 32 -6.92 20.67 3.32
CA VAL B 32 -7.87 21.66 3.81
C VAL B 32 -8.62 22.31 2.65
N ALA B 33 -7.92 22.48 1.53
CA ALA B 33 -8.54 23.07 0.35
C ALA B 33 -9.83 22.35 0.03
N ILE B 34 -9.72 21.04 -0.17
CA ILE B 34 -10.89 20.22 -0.46
C ILE B 34 -11.88 20.30 0.70
N SER B 35 -11.34 20.45 1.91
CA SER B 35 -12.17 20.56 3.10
C SER B 35 -13.16 21.72 2.94
N GLU B 36 -12.62 22.93 2.90
CA GLU B 36 -13.46 24.12 2.75
C GLU B 36 -14.47 23.91 1.62
N LEU B 37 -14.01 23.30 0.53
CA LEU B 37 -14.87 23.04 -0.61
C LEU B 37 -16.12 22.28 -0.17
N PHE B 38 -15.91 21.10 0.41
CA PHE B 38 -17.00 20.28 0.89
C PHE B 38 -17.94 21.09 1.77
N ALA B 39 -17.38 22.09 2.46
CA ALA B 39 -18.16 22.95 3.33
C ALA B 39 -18.94 23.96 2.50
N LYS B 40 -18.29 24.55 1.52
CA LYS B 40 -18.93 25.54 0.65
C LYS B 40 -20.27 25.01 0.15
N ASN B 41 -20.24 23.85 -0.50
CA ASN B 41 -21.46 23.23 -1.01
C ASN B 41 -22.19 22.52 0.12
N ASP B 42 -21.41 21.94 1.03
CA ASP B 42 -21.95 21.21 2.17
C ASP B 42 -22.13 19.73 1.84
N LEU B 43 -21.47 19.28 0.78
CA LEU B 43 -21.55 17.89 0.37
C LEU B 43 -21.57 16.97 1.60
N ALA B 44 -20.83 17.37 2.63
CA ALA B 44 -20.77 16.60 3.86
C ALA B 44 -19.66 15.55 3.79
N VAL B 45 -18.46 15.99 3.44
CA VAL B 45 -17.32 15.07 3.34
C VAL B 45 -17.40 14.00 4.41
N VAL B 46 -17.71 12.77 3.99
CA VAL B 46 -17.82 11.65 4.91
C VAL B 46 -16.48 11.24 5.48
N ASP B 47 -15.54 10.87 4.60
CA ASP B 47 -14.21 10.45 5.05
C ASP B 47 -13.14 11.41 4.53
N VAL B 48 -12.16 11.69 5.39
CA VAL B 48 -11.07 12.58 5.03
C VAL B 48 -9.75 12.06 5.57
N ARG B 49 -8.87 11.64 4.66
CA ARG B 49 -7.57 11.10 5.05
C ARG B 49 -6.53 11.35 3.96
N THR B 50 -5.26 11.47 4.36
CA THR B 50 -4.17 11.70 3.42
C THR B 50 -3.29 10.47 3.26
N GLY B 51 -2.37 10.54 2.30
CA GLY B 51 -1.46 9.44 2.05
C GLY B 51 -0.01 9.89 2.13
N THR B 52 0.55 9.80 3.33
CA THR B 52 1.94 10.20 3.57
C THR B 52 2.02 11.67 4.00
N ASN B 53 1.68 12.55 3.07
CA ASN B 53 1.68 14.00 3.31
C ASN B 53 2.06 14.72 2.01
N ARG B 54 1.48 14.24 0.91
CA ARG B 54 1.72 14.79 -0.43
C ARG B 54 1.71 13.65 -1.45
N LYS B 55 1.81 12.42 -0.97
CA LYS B 55 1.81 11.24 -1.84
C LYS B 55 0.47 11.11 -2.56
N PHE B 56 -0.57 10.76 -1.82
CA PHE B 56 -1.89 10.59 -2.40
C PHE B 56 -2.98 11.02 -1.42
N GLY B 57 -4.22 11.07 -1.90
CA GLY B 57 -5.34 11.46 -1.06
C GLY B 57 -6.39 10.38 -0.95
N TYR B 58 -7.30 10.53 0.01
CA TYR B 58 -8.36 9.54 0.21
C TYR B 58 -9.52 10.16 0.99
N VAL B 59 -10.73 9.96 0.49
CA VAL B 59 -11.93 10.47 1.12
C VAL B 59 -13.16 9.68 0.67
N ASP B 60 -14.24 9.75 1.44
CA ASP B 60 -15.47 9.04 1.10
C ASP B 60 -16.62 10.02 0.96
N PHE B 61 -17.58 9.68 0.10
CA PHE B 61 -18.73 10.53 -0.16
C PHE B 61 -19.94 10.08 0.65
N GLU B 62 -20.99 10.89 0.63
CA GLU B 62 -22.22 10.58 1.35
C GLU B 62 -23.16 9.73 0.51
N SER B 63 -23.01 9.83 -0.81
CA SER B 63 -23.86 9.07 -1.72
C SER B 63 -23.87 9.68 -3.11
N ALA B 64 -24.61 9.05 -4.02
CA ALA B 64 -24.71 9.52 -5.39
C ALA B 64 -25.20 10.97 -5.45
N GLU B 65 -25.76 11.44 -4.33
CA GLU B 65 -26.25 12.81 -4.25
C GLU B 65 -25.09 13.80 -4.16
N ASP B 66 -24.46 13.87 -2.99
CA ASP B 66 -23.33 14.77 -2.78
C ASP B 66 -22.23 14.48 -3.79
N LEU B 67 -22.00 13.20 -4.05
CA LEU B 67 -20.97 12.79 -5.01
C LEU B 67 -21.27 13.35 -6.39
N GLU B 68 -22.53 13.22 -6.81
CA GLU B 68 -22.95 13.72 -8.12
C GLU B 68 -22.57 15.19 -8.27
N LYS B 69 -22.88 15.98 -7.24
CA LYS B 69 -22.57 17.41 -7.26
C LYS B 69 -21.09 17.63 -7.50
N ALA B 70 -20.26 16.94 -6.72
CA ALA B 70 -18.81 17.07 -6.85
C ALA B 70 -18.38 16.92 -8.31
N LEU B 71 -18.85 15.85 -8.95
CA LEU B 71 -18.52 15.60 -10.34
C LEU B 71 -19.04 16.71 -11.23
N GLU B 72 -20.18 17.30 -10.83
CA GLU B 72 -20.78 18.38 -11.59
C GLU B 72 -19.88 19.61 -11.61
N LEU B 73 -19.11 19.78 -10.53
CA LEU B 73 -18.19 20.91 -10.43
C LEU B 73 -16.78 20.51 -10.85
N THR B 74 -16.28 21.13 -11.91
CA THR B 74 -14.95 20.84 -12.41
C THR B 74 -13.99 20.52 -11.28
N GLY B 75 -13.25 19.42 -11.44
CA GLY B 75 -12.28 18.97 -10.44
C GLY B 75 -11.84 20.08 -9.51
N LEU B 76 -11.72 19.76 -8.23
CA LEU B 76 -11.31 20.72 -7.22
C LEU B 76 -10.03 21.45 -7.63
N LYS B 77 -8.93 20.71 -7.72
CA LYS B 77 -7.64 21.28 -8.09
C LYS B 77 -6.93 21.86 -6.88
N VAL B 78 -6.20 21.00 -6.17
CA VAL B 78 -5.46 21.39 -4.97
C VAL B 78 -5.12 22.86 -4.97
N PHE B 79 -4.68 23.37 -6.12
CA PHE B 79 -4.32 24.77 -6.25
C PHE B 79 -4.30 25.20 -7.72
N GLY B 80 -3.14 25.09 -8.35
CA GLY B 80 -3.02 25.47 -9.75
C GLY B 80 -2.17 24.49 -10.54
N ASN B 81 -2.37 23.20 -10.27
CA ASN B 81 -1.62 22.16 -10.96
C ASN B 81 -2.50 20.94 -11.22
N GLU B 82 -3.81 21.16 -11.22
CA GLU B 82 -4.76 20.08 -11.46
C GLU B 82 -4.46 18.88 -10.56
N ILE B 83 -5.34 17.88 -10.60
CA ILE B 83 -5.15 16.68 -9.79
C ILE B 83 -5.66 15.43 -10.52
N LYS B 84 -5.34 14.27 -9.98
CA LYS B 84 -5.77 13.00 -10.57
C LYS B 84 -7.01 12.46 -9.86
N LEU B 85 -8.06 12.21 -10.62
CA LEU B 85 -9.31 11.70 -10.06
C LEU B 85 -9.44 10.20 -10.30
N GLU B 86 -9.58 9.45 -9.21
CA GLU B 86 -9.72 8.00 -9.30
C GLU B 86 -10.40 7.46 -8.05
N LYS B 87 -10.86 6.21 -8.13
CA LYS B 87 -11.54 5.58 -6.99
C LYS B 87 -10.57 4.69 -6.20
N PRO B 88 -11.03 4.15 -5.07
CA PRO B 88 -10.22 3.27 -4.22
C PRO B 88 -9.51 2.20 -5.02
N LYS B 89 -8.34 1.77 -4.52
CA LYS B 89 -7.55 0.74 -5.19
C LYS B 89 -7.52 -0.54 -4.36
N GLY B 90 -7.13 -0.41 -3.10
CA GLY B 90 -7.06 -1.57 -2.22
C GLY B 90 -5.64 -2.04 -2.00
N ARG B 91 -4.82 -1.20 -1.36
CA ARG B 91 -3.44 -1.54 -1.09
C ARG B 91 -2.85 -0.62 -0.02
N ASP B 92 -2.42 -1.21 1.09
CA ASP B 92 -1.84 -0.44 2.19
C ASP B 92 -0.33 -0.61 2.24
N SER B 93 0.35 -0.07 1.23
CA SER B 93 1.81 -0.15 1.17
C SER B 93 2.45 0.84 2.13
N LYS B 94 3.76 1.02 2.01
CA LYS B 94 4.49 1.95 2.87
C LYS B 94 4.23 1.67 4.34
N LYS B 95 5.10 2.18 5.21
CA LYS B 95 4.95 1.97 6.65
C LYS B 95 5.07 0.50 7.00
N VAL B 96 4.12 -0.29 6.53
CA VAL B 96 4.11 -1.73 6.79
C VAL B 96 5.48 -2.34 6.56
N ARG B 97 6.29 -1.68 5.73
CA ARG B 97 7.62 -2.15 5.41
C ARG B 97 7.57 -3.45 4.62
N ALA B 98 6.96 -4.47 5.22
CA ALA B 98 6.83 -5.77 4.57
C ALA B 98 5.55 -6.46 5.01
N ALA B 99 4.63 -5.68 5.58
CA ALA B 99 3.35 -6.21 6.05
C ALA B 99 3.53 -7.62 6.59
N ARG B 100 3.34 -8.62 5.74
CA ARG B 100 3.48 -10.01 6.14
C ARG B 100 4.33 -10.78 5.13
N THR B 101 5.64 -10.59 5.17
CA THR B 101 6.52 -11.26 4.23
C THR B 101 7.80 -11.75 4.90
N LEU B 102 8.60 -12.49 4.14
CA LEU B 102 9.87 -13.01 4.64
C LEU B 102 10.97 -12.69 3.63
N LEU B 103 12.07 -12.14 4.10
CA LEU B 103 13.16 -11.77 3.20
C LEU B 103 14.27 -12.83 3.19
N ALA B 104 14.74 -13.16 1.99
CA ALA B 104 15.79 -14.14 1.80
C ALA B 104 16.97 -13.50 1.08
N LYS B 105 18.09 -13.35 1.77
CA LYS B 105 19.28 -12.72 1.19
C LYS B 105 20.28 -13.77 0.70
N ASN B 106 21.36 -13.29 0.10
CA ASN B 106 22.41 -14.15 -0.42
C ASN B 106 21.92 -14.94 -1.64
N LEU B 107 20.78 -14.50 -2.19
CA LEU B 107 20.21 -15.16 -3.35
C LEU B 107 21.05 -14.90 -4.59
N SER B 108 21.73 -15.94 -5.07
CA SER B 108 22.57 -15.82 -6.25
C SER B 108 21.82 -15.10 -7.37
N PHE B 109 22.52 -14.19 -8.05
CA PHE B 109 21.92 -13.44 -9.15
C PHE B 109 21.53 -14.36 -10.31
N ASN B 110 20.65 -15.32 -10.03
CA ASN B 110 20.20 -16.26 -11.04
C ASN B 110 18.92 -16.97 -10.58
N ILE B 111 19.01 -17.66 -9.45
CA ILE B 111 17.86 -18.38 -8.92
C ILE B 111 16.56 -17.62 -9.15
N THR B 112 15.45 -18.33 -9.11
CA THR B 112 14.14 -17.72 -9.30
C THR B 112 13.05 -18.52 -8.60
N GLU B 113 11.82 -18.04 -8.68
CA GLU B 113 10.69 -18.70 -8.05
C GLU B 113 10.85 -20.22 -8.11
N ASP B 114 11.45 -20.70 -9.19
CA ASP B 114 11.67 -22.12 -9.35
C ASP B 114 12.20 -22.74 -8.06
N GLU B 115 13.47 -22.46 -7.77
CA GLU B 115 14.11 -22.98 -6.56
C GLU B 115 13.46 -22.39 -5.31
N LEU B 116 13.22 -21.09 -5.33
CA LEU B 116 12.60 -20.41 -4.20
C LEU B 116 11.35 -21.15 -3.74
N LYS B 117 10.27 -21.00 -4.49
CA LYS B 117 9.01 -21.66 -4.15
C LYS B 117 9.22 -23.16 -4.04
N GLU B 118 10.21 -23.68 -4.76
CA GLU B 118 10.52 -25.10 -4.75
C GLU B 118 10.86 -25.57 -3.34
N VAL B 119 11.54 -24.72 -2.58
CA VAL B 119 11.92 -25.06 -1.21
C VAL B 119 10.81 -24.68 -0.23
N PHE B 120 9.91 -23.81 -0.66
CA PHE B 120 8.80 -23.37 0.18
C PHE B 120 7.46 -23.69 -0.48
N GLU B 121 6.44 -22.89 -0.16
CA GLU B 121 5.10 -23.10 -0.71
C GLU B 121 4.07 -22.25 0.01
N ASP B 122 3.96 -22.44 1.32
CA ASP B 122 3.01 -21.69 2.13
C ASP B 122 2.87 -20.25 1.62
N ALA B 123 3.95 -19.72 1.06
CA ALA B 123 3.95 -18.36 0.53
C ALA B 123 2.96 -18.22 -0.63
N LEU B 124 2.02 -17.30 -0.49
CA LEU B 124 1.02 -17.08 -1.53
C LEU B 124 1.60 -16.16 -2.62
N GLU B 125 2.52 -15.29 -2.22
CA GLU B 125 3.15 -14.37 -3.17
C GLU B 125 4.67 -14.43 -3.04
N ILE B 126 5.36 -14.35 -4.18
CA ILE B 126 6.81 -14.40 -4.19
C ILE B 126 7.39 -13.16 -4.89
N ARG B 127 8.34 -12.52 -4.24
CA ARG B 127 8.99 -11.32 -4.79
C ARG B 127 10.48 -11.32 -4.50
N LEU B 128 11.18 -10.33 -5.05
CA LEU B 128 12.62 -10.20 -4.85
C LEU B 128 13.03 -8.74 -4.88
N VAL B 129 14.20 -8.45 -4.31
CA VAL B 129 14.71 -7.08 -4.28
C VAL B 129 16.07 -6.98 -4.95
N SER B 130 16.22 -6.01 -5.84
CA SER B 130 17.47 -5.81 -6.56
C SER B 130 17.33 -4.69 -7.59
N GLN B 131 17.05 -3.49 -7.12
CA GLN B 131 16.90 -2.33 -7.99
C GLN B 131 17.15 -1.04 -7.23
N ASP B 132 17.63 -0.02 -7.93
CA ASP B 132 17.92 1.28 -7.32
C ASP B 132 19.22 1.23 -6.53
N GLY B 133 19.28 0.32 -5.56
CA GLY B 133 20.48 0.20 -4.74
C GLY B 133 21.51 -0.71 -5.38
N LYS B 134 21.69 -0.58 -6.68
CA LYS B 134 22.65 -1.41 -7.41
C LYS B 134 22.67 -2.83 -6.87
N SER B 135 21.88 -3.70 -7.49
CA SER B 135 21.80 -5.10 -7.07
C SER B 135 21.34 -5.21 -5.62
N LYS B 136 21.36 -6.43 -5.09
CA LYS B 136 20.94 -6.68 -3.72
C LYS B 136 20.93 -8.17 -3.43
N GLY B 137 20.37 -8.94 -4.36
CA GLY B 137 20.30 -10.38 -4.19
C GLY B 137 19.37 -10.80 -3.07
N ILE B 138 18.23 -10.13 -2.97
CA ILE B 138 17.26 -10.45 -1.94
C ILE B 138 15.99 -11.05 -2.54
N ALA B 139 15.30 -11.88 -1.76
CA ALA B 139 14.08 -12.51 -2.19
C ALA B 139 13.00 -12.35 -1.13
N TYR B 140 12.01 -11.49 -1.42
CA TYR B 140 10.94 -11.24 -0.46
C TYR B 140 9.70 -12.07 -0.79
N ILE B 141 9.48 -13.11 0.01
CA ILE B 141 8.32 -13.98 -0.18
C ILE B 141 7.24 -13.67 0.85
N GLU B 142 6.04 -13.39 0.38
CA GLU B 142 4.93 -13.04 1.27
C GLU B 142 4.04 -14.25 1.55
N PHE B 143 3.53 -14.31 2.77
CA PHE B 143 2.64 -15.38 3.20
C PHE B 143 1.47 -14.79 3.99
N LYS B 144 0.27 -15.35 3.79
CA LYS B 144 -0.92 -14.86 4.48
C LYS B 144 -0.57 -14.36 5.88
N SER B 145 0.39 -15.01 6.52
CA SER B 145 0.81 -14.63 7.87
C SER B 145 2.20 -15.17 8.17
N GLU B 146 2.88 -14.52 9.12
CA GLU B 146 4.23 -14.93 9.51
C GLU B 146 4.26 -16.42 9.86
N ALA B 147 3.18 -16.89 10.47
CA ALA B 147 3.08 -18.29 10.88
C ALA B 147 3.73 -19.20 9.83
N ASP B 148 3.29 -19.08 8.59
CA ASP B 148 3.83 -19.89 7.50
C ASP B 148 5.31 -19.60 7.29
N ALA B 149 5.63 -18.32 7.09
CA ALA B 149 7.00 -17.90 6.88
C ALA B 149 7.94 -18.52 7.91
N GLU B 150 7.62 -18.32 9.19
CA GLU B 150 8.42 -18.86 10.27
C GLU B 150 8.61 -20.37 10.12
N LYS B 151 7.52 -21.07 9.81
CA LYS B 151 7.57 -22.51 9.63
C LYS B 151 8.62 -22.90 8.60
N ASN B 152 8.31 -22.66 7.33
CA ASN B 152 9.23 -22.98 6.25
C ASN B 152 10.59 -22.33 6.48
N LEU B 153 10.61 -21.31 7.32
CA LEU B 153 11.85 -20.59 7.63
C LEU B 153 12.78 -21.46 8.47
N GLU B 154 12.29 -21.88 9.64
CA GLU B 154 13.08 -22.70 10.54
C GLU B 154 13.29 -24.11 9.97
N GLU B 155 12.48 -24.46 8.99
CA GLU B 155 12.57 -25.78 8.36
C GLU B 155 13.66 -25.80 7.28
N LYS B 156 13.43 -25.06 6.21
CA LYS B 156 14.39 -25.01 5.10
C LYS B 156 15.56 -24.08 5.43
N GLN B 157 15.38 -23.24 6.45
CA GLN B 157 16.42 -22.30 6.87
C GLN B 157 17.26 -21.83 5.69
N GLY B 158 18.49 -21.44 5.98
CA GLY B 158 19.38 -20.97 4.94
C GLY B 158 19.91 -22.09 4.07
N ALA B 159 19.04 -22.65 3.22
CA ALA B 159 19.42 -23.72 2.34
C ALA B 159 20.36 -23.24 1.26
N GLU B 160 21.41 -24.00 1.00
CA GLU B 160 22.39 -23.65 -0.01
C GLU B 160 21.93 -24.11 -1.39
N ILE B 161 20.65 -23.91 -1.70
CA ILE B 161 20.11 -24.30 -3.00
C ILE B 161 21.14 -24.08 -4.09
N ASP B 162 21.43 -22.81 -4.34
CA ASP B 162 22.41 -22.43 -5.35
C ASP B 162 23.78 -22.29 -4.68
N GLY B 163 24.04 -23.14 -3.70
CA GLY B 163 25.30 -23.08 -2.99
C GLY B 163 25.66 -21.66 -2.63
N ARG B 164 24.72 -20.97 -1.98
CA ARG B 164 24.94 -19.58 -1.60
C ARG B 164 24.50 -19.34 -0.16
N SER B 165 23.97 -20.37 0.48
CA SER B 165 23.50 -20.20 1.84
C SER B 165 22.54 -19.01 1.84
N VAL B 166 21.25 -19.31 1.76
CA VAL B 166 20.22 -18.28 1.75
C VAL B 166 19.96 -17.74 3.16
N SER B 167 19.81 -16.42 3.27
CA SER B 167 19.52 -15.79 4.54
C SER B 167 18.05 -15.45 4.61
N LEU B 168 17.27 -16.36 5.16
CA LEU B 168 15.82 -16.17 5.25
C LEU B 168 15.39 -15.67 6.62
N TYR B 169 14.31 -14.91 6.62
CA TYR B 169 13.74 -14.35 7.85
C TYR B 169 12.27 -14.00 7.63
N TYR B 170 11.46 -14.15 8.68
CA TYR B 170 10.05 -13.84 8.59
C TYR B 170 9.76 -12.45 9.13
N THR B 171 9.67 -11.48 8.22
CA THR B 171 9.43 -10.10 8.60
C THR B 171 8.08 -9.58 8.11
N GLY B 172 7.06 -9.64 8.96
CA GLY B 172 5.75 -9.17 8.57
C GLY B 172 4.64 -9.91 9.29
N GLU B 173 3.92 -9.20 10.14
CA GLU B 173 2.82 -9.80 10.90
C GLU B 173 1.65 -8.83 11.01
N LYS B 174 0.45 -9.39 11.18
CA LYS B 174 -0.75 -8.57 11.30
C LYS B 174 -0.87 -7.97 12.70
N GLY B 175 -0.58 -8.78 13.71
CA GLY B 175 -0.65 -8.32 15.08
C GLY B 175 -0.72 -9.45 16.08
N GLY B 1 -28.61 -8.32 6.33
CA GLY B 1 -27.33 -8.39 7.07
C GLY B 1 -26.34 -9.37 6.46
N SER B 2 -26.00 -10.41 7.22
CA SER B 2 -25.06 -11.42 6.75
C SER B 2 -23.63 -10.88 6.74
N HIS B 3 -22.67 -11.77 6.95
CA HIS B 3 -21.27 -11.38 6.97
C HIS B 3 -21.03 -10.22 7.92
N MET B 4 -19.94 -9.50 7.72
CA MET B 4 -19.61 -8.35 8.56
C MET B 4 -18.39 -7.62 8.01
N VAL B 5 -18.51 -6.30 7.87
CA VAL B 5 -17.42 -5.48 7.35
C VAL B 5 -17.28 -4.19 8.15
N GLU B 6 -18.39 -3.52 8.39
CA GLU B 6 -18.39 -2.27 9.14
C GLU B 6 -18.90 -2.49 10.56
N GLY B 7 -19.46 -1.43 11.16
CA GLY B 7 -19.98 -1.53 12.51
C GLY B 7 -18.90 -1.32 13.57
N SER B 8 -17.65 -1.37 13.13
CA SER B 8 -16.52 -1.18 14.05
C SER B 8 -15.61 -0.04 13.57
N GLU B 9 -15.76 1.12 14.19
CA GLU B 9 -14.95 2.28 13.83
C GLU B 9 -15.13 2.63 12.35
N SER B 10 -14.78 3.85 11.99
CA SER B 10 -14.89 4.31 10.62
C SER B 10 -16.30 4.81 10.33
N THR B 11 -16.48 5.41 9.15
CA THR B 11 -17.78 5.94 8.75
C THR B 11 -18.32 5.21 7.52
N THR B 12 -17.47 5.08 6.51
CA THR B 12 -17.85 4.40 5.28
C THR B 12 -16.63 3.90 4.52
N PRO B 13 -16.73 2.72 3.90
CA PRO B 13 -15.63 2.12 3.14
C PRO B 13 -15.42 2.80 1.78
N PHE B 14 -16.28 3.75 1.46
CA PHE B 14 -16.19 4.47 0.19
C PHE B 14 -14.91 5.30 0.14
N ASN B 15 -13.76 4.63 0.25
CA ASN B 15 -12.48 5.31 0.21
C ASN B 15 -11.86 5.21 -1.19
N LEU B 16 -10.85 6.05 -1.44
CA LEU B 16 -10.18 6.07 -2.72
C LEU B 16 -8.74 6.55 -2.58
N PHE B 17 -7.94 6.34 -3.61
CA PHE B 17 -6.54 6.75 -3.61
C PHE B 17 -6.36 8.08 -4.34
N ILE B 18 -5.61 8.98 -3.73
CA ILE B 18 -5.35 10.29 -4.32
C ILE B 18 -3.87 10.57 -4.45
N GLY B 19 -3.39 10.67 -5.68
CA GLY B 19 -1.98 10.93 -5.92
C GLY B 19 -1.76 12.16 -6.77
N ASN B 20 -0.49 12.54 -6.95
CA ASN B 20 -0.16 13.70 -7.75
C ASN B 20 -0.97 14.92 -7.31
N LEU B 21 -0.66 15.43 -6.12
CA LEU B 21 -1.35 16.59 -5.58
C LEU B 21 -0.53 17.87 -5.79
N ASN B 22 0.64 17.92 -5.17
CA ASN B 22 1.52 19.08 -5.29
C ASN B 22 2.59 19.06 -4.21
N PRO B 23 3.72 18.39 -4.45
CA PRO B 23 4.82 18.31 -3.50
C PRO B 23 5.60 19.61 -3.39
N ASN B 24 4.91 20.68 -2.97
CA ASN B 24 5.54 21.98 -2.83
C ASN B 24 4.64 22.92 -2.01
N LYS B 25 3.37 23.01 -2.40
CA LYS B 25 2.43 23.87 -1.71
C LYS B 25 2.30 23.49 -0.23
N SER B 26 2.83 22.31 0.11
CA SER B 26 2.78 21.80 1.48
C SER B 26 1.61 20.85 1.68
N VAL B 27 1.93 19.58 1.92
CA VAL B 27 0.90 18.56 2.12
C VAL B 27 -0.30 19.16 2.84
N ALA B 28 -0.06 19.64 4.07
CA ALA B 28 -1.12 20.25 4.86
C ALA B 28 -2.11 20.97 3.96
N GLU B 29 -1.61 21.85 3.09
CA GLU B 29 -2.47 22.58 2.19
C GLU B 29 -3.20 21.63 1.26
N LEU B 30 -2.45 20.75 0.60
CA LEU B 30 -3.04 19.78 -0.31
C LEU B 30 -4.35 19.26 0.26
N LYS B 31 -4.29 18.72 1.48
CA LYS B 31 -5.47 18.20 2.14
C LYS B 31 -6.58 19.24 2.18
N VAL B 32 -6.27 20.39 2.78
CA VAL B 32 -7.26 21.47 2.87
C VAL B 32 -7.84 21.77 1.50
N ALA B 33 -7.00 22.16 0.56
CA ALA B 33 -7.47 22.48 -0.78
C ALA B 33 -8.56 21.49 -1.20
N ILE B 34 -8.28 20.20 -1.00
CA ILE B 34 -9.24 19.16 -1.34
C ILE B 34 -10.44 19.24 -0.40
N SER B 35 -10.17 19.60 0.85
CA SER B 35 -11.21 19.75 1.85
C SER B 35 -12.15 20.88 1.46
N GLU B 36 -11.68 22.11 1.66
CA GLU B 36 -12.47 23.29 1.32
C GLU B 36 -13.23 23.08 0.02
N LEU B 37 -12.56 22.50 -0.97
CA LEU B 37 -13.18 22.22 -2.26
C LEU B 37 -14.33 21.24 -2.12
N PHE B 38 -14.05 20.10 -1.48
CA PHE B 38 -15.06 19.08 -1.28
C PHE B 38 -16.28 19.66 -0.56
N ALA B 39 -16.08 20.81 0.08
CA ALA B 39 -17.16 21.47 0.80
C ALA B 39 -18.04 22.27 -0.16
N LYS B 40 -17.42 23.09 -0.99
CA LYS B 40 -18.14 23.91 -1.95
C LYS B 40 -18.71 23.06 -3.09
N ASN B 41 -18.29 21.80 -3.14
CA ASN B 41 -18.77 20.87 -4.17
C ASN B 41 -19.99 20.11 -3.68
N ASP B 42 -20.53 20.53 -2.54
CA ASP B 42 -21.70 19.88 -1.96
C ASP B 42 -21.31 18.59 -1.27
N LEU B 43 -20.68 17.68 -2.00
CA LEU B 43 -20.26 16.40 -1.45
C LEU B 43 -19.31 16.62 -0.27
N ALA B 44 -19.89 16.70 0.93
CA ALA B 44 -19.10 16.91 2.14
C ALA B 44 -18.25 15.69 2.45
N VAL B 45 -17.05 15.66 1.87
CA VAL B 45 -16.13 14.54 2.09
C VAL B 45 -16.22 14.05 3.53
N VAL B 46 -16.02 12.74 3.72
CA VAL B 46 -16.09 12.15 5.04
C VAL B 46 -14.71 12.06 5.69
N ASP B 47 -13.76 11.46 4.98
CA ASP B 47 -12.41 11.31 5.50
C ASP B 47 -11.38 11.91 4.53
N VAL B 48 -10.34 12.51 5.09
CA VAL B 48 -9.28 13.12 4.29
C VAL B 48 -7.93 12.99 4.98
N ARG B 49 -7.17 11.98 4.57
CA ARG B 49 -5.85 11.75 5.15
C ARG B 49 -4.80 11.50 4.06
N THR B 50 -3.54 11.67 4.41
CA THR B 50 -2.43 11.47 3.47
C THR B 50 -1.43 10.47 4.01
N GLY B 51 -0.44 10.13 3.19
CA GLY B 51 0.57 9.19 3.61
C GLY B 51 1.98 9.73 3.44
N THR B 52 2.63 10.05 4.55
CA THR B 52 3.98 10.58 4.52
C THR B 52 4.06 11.86 3.68
N ASN B 53 4.93 12.78 4.10
CA ASN B 53 5.10 14.04 3.40
C ASN B 53 4.86 13.90 1.90
N ARG B 54 3.64 14.22 1.47
CA ARG B 54 3.28 14.12 0.06
C ARG B 54 3.07 12.68 -0.36
N LYS B 55 4.15 11.90 -0.36
CA LYS B 55 4.13 10.48 -0.74
C LYS B 55 2.86 10.12 -1.51
N PHE B 56 1.78 9.87 -0.78
CA PHE B 56 0.52 9.51 -1.39
C PHE B 56 -0.66 10.18 -0.67
N GLY B 57 -1.86 9.99 -1.21
CA GLY B 57 -3.05 10.57 -0.61
C GLY B 57 -4.18 9.57 -0.50
N TYR B 58 -5.14 9.85 0.36
CA TYR B 58 -6.29 8.98 0.56
C TYR B 58 -7.48 9.78 1.08
N VAL B 59 -8.69 9.39 0.67
CA VAL B 59 -9.89 10.10 1.10
C VAL B 59 -11.12 9.21 1.05
N ASP B 60 -12.02 9.42 2.01
CA ASP B 60 -13.27 8.65 2.08
C ASP B 60 -14.44 9.54 1.67
N PHE B 61 -15.42 8.93 1.01
CA PHE B 61 -16.59 9.67 0.55
C PHE B 61 -17.80 9.42 1.46
N GLU B 62 -18.85 10.20 1.24
CA GLU B 62 -20.08 10.07 2.02
C GLU B 62 -20.86 8.84 1.58
N SER B 63 -20.77 8.52 0.29
CA SER B 63 -21.47 7.37 -0.26
C SER B 63 -21.64 7.51 -1.77
N ALA B 64 -22.02 6.42 -2.43
CA ALA B 64 -22.22 6.40 -3.86
C ALA B 64 -22.79 7.72 -4.37
N GLU B 65 -23.54 8.42 -3.53
CA GLU B 65 -24.13 9.70 -3.89
C GLU B 65 -23.04 10.73 -4.14
N ASP B 66 -22.31 11.08 -3.08
CA ASP B 66 -21.23 12.05 -3.17
C ASP B 66 -20.22 11.62 -4.24
N LEU B 67 -20.01 10.31 -4.35
CA LEU B 67 -19.08 9.77 -5.33
C LEU B 67 -19.50 10.19 -6.73
N GLU B 68 -20.75 9.96 -7.07
CA GLU B 68 -21.27 10.33 -8.37
C GLU B 68 -21.00 11.80 -8.66
N LYS B 69 -21.31 12.64 -7.69
CA LYS B 69 -21.09 14.08 -7.83
C LYS B 69 -19.64 14.36 -8.18
N ALA B 70 -18.72 13.80 -7.39
CA ALA B 70 -17.29 13.98 -7.63
C ALA B 70 -16.97 13.77 -9.10
N LEU B 71 -17.18 12.55 -9.58
CA LEU B 71 -16.91 12.22 -10.98
C LEU B 71 -17.41 13.34 -11.88
N GLU B 72 -18.61 13.83 -11.61
CA GLU B 72 -19.19 14.91 -12.39
C GLU B 72 -18.28 16.13 -12.39
N LEU B 73 -17.58 16.33 -11.28
CA LEU B 73 -16.67 17.46 -11.14
C LEU B 73 -15.23 16.97 -10.98
N THR B 74 -14.75 16.28 -12.01
CA THR B 74 -13.38 15.74 -11.98
C THR B 74 -12.35 16.85 -11.78
N GLY B 75 -11.11 16.58 -12.17
CA GLY B 75 -10.05 17.56 -12.01
C GLY B 75 -10.21 18.41 -10.77
N LEU B 76 -10.23 17.75 -9.62
CA LEU B 76 -10.38 18.44 -8.34
C LEU B 76 -9.05 18.54 -7.60
N LYS B 77 -8.03 19.02 -8.29
CA LYS B 77 -6.70 19.17 -7.70
C LYS B 77 -6.76 20.06 -6.46
N VAL B 78 -5.59 20.34 -5.89
CA VAL B 78 -5.51 21.17 -4.70
C VAL B 78 -5.40 22.64 -5.08
N PHE B 79 -5.05 22.91 -6.34
CA PHE B 79 -4.92 24.28 -6.82
C PHE B 79 -5.22 24.36 -8.31
N GLY B 80 -4.27 23.89 -9.12
CA GLY B 80 -4.44 23.92 -10.57
C GLY B 80 -3.36 23.16 -11.30
N ASN B 81 -2.91 22.05 -10.71
CA ASN B 81 -1.87 21.24 -11.31
C ASN B 81 -2.39 19.85 -11.67
N GLU B 82 -3.72 19.71 -11.63
CA GLU B 82 -4.35 18.43 -11.94
C GLU B 82 -3.82 17.32 -11.03
N ILE B 83 -4.65 16.31 -10.80
CA ILE B 83 -4.26 15.19 -9.96
C ILE B 83 -4.61 13.86 -10.61
N LYS B 84 -4.37 12.77 -9.89
CA LYS B 84 -4.66 11.43 -10.40
C LYS B 84 -5.51 10.64 -9.40
N LEU B 85 -6.65 10.16 -9.86
CA LEU B 85 -7.56 9.38 -9.01
C LEU B 85 -7.38 7.89 -9.26
N GLU B 86 -7.47 7.10 -8.19
CA GLU B 86 -7.32 5.66 -8.31
C GLU B 86 -8.21 4.93 -7.31
N LYS B 87 -8.21 3.60 -7.39
CA LYS B 87 -9.02 2.78 -6.49
C LYS B 87 -8.18 2.23 -5.34
N PRO B 88 -8.80 2.05 -4.17
CA PRO B 88 -8.11 1.54 -2.98
C PRO B 88 -7.27 0.30 -3.28
N LYS B 89 -6.42 -0.08 -2.33
CA LYS B 89 -5.56 -1.24 -2.49
C LYS B 89 -5.59 -2.13 -1.26
N GLY B 90 -6.53 -3.06 -1.22
CA GLY B 90 -6.65 -3.96 -0.09
C GLY B 90 -6.29 -3.29 1.22
N ARG B 91 -5.55 -4.01 2.06
CA ARG B 91 -5.15 -3.48 3.37
C ARG B 91 -4.39 -2.17 3.20
N ASP B 92 -3.54 -1.85 4.18
CA ASP B 92 -2.76 -0.62 4.15
C ASP B 92 -1.37 -0.86 3.58
N SER B 93 -0.62 -1.75 4.23
CA SER B 93 0.74 -2.09 3.80
C SER B 93 1.77 -1.18 4.46
N LYS B 94 1.56 0.13 4.36
CA LYS B 94 2.48 1.11 4.95
C LYS B 94 2.25 1.23 6.46
N LYS B 95 3.35 1.20 7.21
CA LYS B 95 3.27 1.31 8.66
C LYS B 95 3.05 -0.06 9.31
N VAL B 96 2.19 -0.86 8.69
CA VAL B 96 1.89 -2.19 9.20
C VAL B 96 2.88 -3.22 8.68
N ARG B 97 4.03 -2.74 8.21
CA ARG B 97 5.06 -3.63 7.67
C ARG B 97 4.44 -4.70 6.77
N ALA B 98 3.38 -4.32 6.07
CA ALA B 98 2.68 -5.23 5.17
C ALA B 98 1.69 -6.11 5.93
N ALA B 99 2.06 -6.54 7.13
CA ALA B 99 1.18 -7.38 7.94
C ALA B 99 1.01 -8.76 7.31
N ARG B 100 1.33 -9.80 8.07
CA ARG B 100 1.22 -11.17 7.59
C ARG B 100 1.99 -11.35 6.29
N THR B 101 3.29 -11.10 6.33
CA THR B 101 4.14 -11.23 5.16
C THR B 101 5.51 -11.79 5.50
N LEU B 102 6.19 -12.28 4.47
CA LEU B 102 7.52 -12.86 4.63
C LEU B 102 8.48 -12.34 3.56
N LEU B 103 9.52 -11.67 4.00
CA LEU B 103 10.52 -11.12 3.08
C LEU B 103 11.74 -12.03 3.00
N ALA B 104 12.16 -12.34 1.77
CA ALA B 104 13.32 -13.20 1.55
C ALA B 104 14.56 -12.36 1.25
N LYS B 105 15.66 -12.66 1.95
CA LYS B 105 16.90 -11.93 1.77
C LYS B 105 17.88 -12.73 0.93
N ASN B 106 18.94 -12.06 0.46
CA ASN B 106 19.95 -12.71 -0.36
C ASN B 106 19.41 -13.05 -1.74
N LEU B 107 20.29 -13.06 -2.74
CA LEU B 107 19.89 -13.37 -4.11
C LEU B 107 21.09 -13.28 -5.05
N SER B 108 20.94 -13.83 -6.24
CA SER B 108 22.00 -13.82 -7.23
C SER B 108 21.67 -12.88 -8.39
N PHE B 109 20.48 -12.28 -8.33
CA PHE B 109 20.04 -11.36 -9.38
C PHE B 109 19.38 -12.13 -10.52
N ASN B 110 20.03 -13.21 -10.95
CA ASN B 110 19.50 -14.02 -12.03
C ASN B 110 18.24 -14.76 -11.60
N ILE B 111 18.18 -15.11 -10.32
CA ILE B 111 17.02 -15.82 -9.76
C ILE B 111 15.74 -15.03 -10.02
N THR B 112 14.60 -15.69 -9.88
CA THR B 112 13.32 -15.07 -10.10
C THR B 112 12.21 -15.78 -9.33
N GLU B 113 10.98 -15.68 -9.83
CA GLU B 113 9.84 -16.33 -9.20
C GLU B 113 10.01 -17.84 -9.19
N ASP B 114 10.75 -18.35 -10.18
CA ASP B 114 11.00 -19.79 -10.27
C ASP B 114 11.58 -20.31 -8.97
N GLU B 115 12.70 -19.75 -8.57
CA GLU B 115 13.36 -20.15 -7.33
C GLU B 115 12.64 -19.55 -6.13
N LEU B 116 12.21 -18.29 -6.25
CA LEU B 116 11.49 -17.62 -5.19
C LEU B 116 10.30 -18.45 -4.74
N LYS B 117 9.31 -18.56 -5.62
CA LYS B 117 8.12 -19.35 -5.32
C LYS B 117 8.52 -20.78 -4.98
N GLU B 118 9.41 -21.33 -5.78
CA GLU B 118 9.90 -22.69 -5.56
C GLU B 118 10.26 -22.91 -4.10
N VAL B 119 10.78 -21.85 -3.47
CA VAL B 119 11.17 -21.92 -2.06
C VAL B 119 9.97 -21.64 -1.16
N PHE B 120 9.09 -20.75 -1.60
CA PHE B 120 7.90 -20.39 -0.84
C PHE B 120 6.68 -20.30 -1.76
N GLU B 121 6.06 -21.43 -2.03
CA GLU B 121 4.88 -21.48 -2.90
C GLU B 121 3.61 -21.31 -2.09
N ASP B 122 3.75 -21.17 -0.77
CA ASP B 122 2.60 -21.01 0.11
C ASP B 122 2.22 -19.53 0.25
N ALA B 123 2.93 -18.67 -0.47
CA ALA B 123 2.67 -17.24 -0.44
C ALA B 123 1.72 -16.83 -1.55
N LEU B 124 1.28 -15.58 -1.51
CA LEU B 124 0.36 -15.06 -2.53
C LEU B 124 0.96 -13.85 -3.24
N GLU B 125 1.99 -13.28 -2.65
CA GLU B 125 2.64 -12.10 -3.24
C GLU B 125 4.14 -12.35 -3.44
N ILE B 126 4.54 -12.50 -4.70
CA ILE B 126 5.95 -12.73 -5.03
C ILE B 126 6.54 -11.54 -5.76
N ARG B 127 7.55 -10.91 -5.17
CA ARG B 127 8.20 -9.77 -5.77
C ARG B 127 9.70 -9.78 -5.49
N LEU B 128 10.49 -9.58 -6.55
CA LEU B 128 11.94 -9.57 -6.42
C LEU B 128 12.49 -8.14 -6.43
N VAL B 129 13.52 -7.90 -5.64
CA VAL B 129 14.13 -6.58 -5.56
C VAL B 129 15.65 -6.66 -5.48
N SER B 130 16.32 -6.58 -6.62
CA SER B 130 17.77 -6.64 -6.67
C SER B 130 18.33 -5.73 -7.77
N GLN B 131 17.84 -4.49 -7.79
CA GLN B 131 18.28 -3.52 -8.80
C GLN B 131 18.53 -2.16 -8.16
N ASP B 132 17.45 -1.46 -7.83
CA ASP B 132 17.55 -0.14 -7.22
C ASP B 132 18.76 0.63 -7.75
N GLY B 133 19.90 0.49 -7.06
CA GLY B 133 21.10 1.18 -7.49
C GLY B 133 21.99 0.31 -8.36
N LYS B 134 22.53 -0.75 -7.77
CA LYS B 134 23.41 -1.67 -8.50
C LYS B 134 22.95 -3.11 -8.34
N SER B 135 22.93 -3.59 -7.10
CA SER B 135 22.51 -4.96 -6.81
C SER B 135 21.42 -4.99 -5.74
N LYS B 136 21.75 -5.50 -4.56
CA LYS B 136 20.78 -5.58 -3.47
C LYS B 136 19.90 -6.80 -3.66
N GLY B 137 20.53 -7.97 -3.73
CA GLY B 137 19.79 -9.21 -3.92
C GLY B 137 18.84 -9.50 -2.77
N ILE B 138 17.65 -8.92 -2.84
CA ILE B 138 16.64 -9.14 -1.81
C ILE B 138 15.24 -9.21 -2.42
N ALA B 139 14.55 -10.32 -2.17
CA ALA B 139 13.20 -10.52 -2.68
C ALA B 139 12.19 -10.46 -1.54
N TYR B 140 11.06 -9.80 -1.78
CA TYR B 140 10.03 -9.68 -0.76
C TYR B 140 8.78 -10.49 -1.14
N ILE B 141 8.16 -11.11 -0.15
CA ILE B 141 6.97 -11.92 -0.38
C ILE B 141 5.92 -11.69 0.71
N GLU B 142 4.65 -11.73 0.31
CA GLU B 142 3.55 -11.53 1.24
C GLU B 142 2.72 -12.81 1.37
N PHE B 143 2.14 -13.02 2.55
CA PHE B 143 1.33 -14.21 2.78
C PHE B 143 -0.02 -13.82 3.39
N LYS B 144 -0.96 -14.75 3.34
CA LYS B 144 -2.30 -14.51 3.88
C LYS B 144 -2.28 -14.49 5.40
N SER B 145 -1.17 -14.95 5.98
CA SER B 145 -1.03 -14.97 7.43
C SER B 145 0.40 -15.35 7.83
N GLU B 146 0.71 -15.18 9.12
CA GLU B 146 2.04 -15.51 9.63
C GLU B 146 2.21 -17.02 9.76
N ALA B 147 1.10 -17.75 9.77
CA ALA B 147 1.14 -19.19 9.88
C ALA B 147 2.10 -19.80 8.86
N ASP B 148 1.80 -19.60 7.58
CA ASP B 148 2.63 -20.13 6.51
C ASP B 148 3.93 -19.35 6.41
N ALA B 149 3.91 -18.11 6.89
CA ALA B 149 5.09 -17.26 6.85
C ALA B 149 6.18 -17.80 7.77
N GLU B 150 5.82 -18.14 8.99
CA GLU B 150 6.77 -18.67 9.96
C GLU B 150 7.18 -20.08 9.57
N LYS B 151 6.23 -20.89 9.15
CA LYS B 151 6.51 -22.26 8.75
C LYS B 151 7.64 -22.31 7.73
N ASN B 152 7.48 -21.55 6.66
CA ASN B 152 8.49 -21.50 5.60
C ASN B 152 9.73 -20.76 6.07
N LEU B 153 9.55 -19.85 7.02
CA LEU B 153 10.66 -19.07 7.57
C LEU B 153 11.76 -19.97 8.11
N GLU B 154 11.38 -20.92 8.95
CA GLU B 154 12.34 -21.86 9.55
C GLU B 154 12.56 -23.06 8.65
N GLU B 155 11.60 -23.34 7.78
CA GLU B 155 11.70 -24.48 6.87
C GLU B 155 12.50 -24.11 5.63
N LYS B 156 11.87 -23.36 4.73
CA LYS B 156 12.51 -22.94 3.49
C LYS B 156 13.81 -22.19 3.77
N GLN B 157 13.97 -21.73 5.01
CA GLN B 157 15.16 -21.01 5.41
C GLN B 157 16.39 -21.55 4.69
N GLY B 158 17.36 -20.67 4.44
CA GLY B 158 18.57 -21.09 3.75
C GLY B 158 18.26 -22.00 2.57
N ALA B 159 17.92 -21.39 1.44
CA ALA B 159 17.60 -22.15 0.24
C ALA B 159 18.75 -22.08 -0.77
N GLU B 160 19.15 -23.24 -1.28
CA GLU B 160 20.23 -23.32 -2.25
C GLU B 160 20.27 -22.07 -3.12
N ILE B 161 19.57 -22.12 -4.25
CA ILE B 161 19.54 -20.98 -5.17
C ILE B 161 20.93 -20.68 -5.71
N ASP B 162 21.78 -20.13 -4.84
CA ASP B 162 23.15 -19.80 -5.21
C ASP B 162 24.11 -20.32 -4.16
N GLY B 163 25.25 -19.64 -4.00
CA GLY B 163 26.23 -20.06 -3.01
C GLY B 163 26.15 -19.26 -1.74
N ARG B 164 24.95 -18.78 -1.42
CA ARG B 164 24.73 -17.99 -0.21
C ARG B 164 23.45 -18.41 0.49
N SER B 165 22.85 -19.51 0.01
CA SER B 165 21.62 -20.01 0.60
C SER B 165 20.71 -18.85 1.05
N VAL B 166 19.93 -18.36 0.10
CA VAL B 166 19.02 -17.23 0.36
C VAL B 166 18.49 -17.25 1.79
N SER B 167 18.09 -16.08 2.27
CA SER B 167 17.54 -15.93 3.61
C SER B 167 16.04 -15.69 3.54
N LEU B 168 15.37 -15.68 4.69
CA LEU B 168 13.92 -15.47 4.71
C LEU B 168 13.45 -15.11 6.12
N TYR B 169 12.98 -13.86 6.26
CA TYR B 169 12.47 -13.38 7.53
C TYR B 169 10.99 -13.01 7.42
N TYR B 170 10.35 -12.75 8.54
CA TYR B 170 8.94 -12.39 8.54
C TYR B 170 8.78 -10.88 8.63
N THR B 171 7.64 -10.39 8.16
CA THR B 171 7.35 -8.96 8.19
C THR B 171 5.89 -8.70 8.54
N GLY B 172 5.66 -7.60 9.27
CA GLY B 172 4.31 -7.26 9.67
C GLY B 172 3.80 -8.11 10.81
N GLU B 173 3.30 -7.47 11.86
CA GLU B 173 2.78 -8.17 13.02
C GLU B 173 1.72 -9.19 12.62
N LYS B 174 1.03 -9.75 13.61
CA LYS B 174 -0.02 -10.73 13.36
C LYS B 174 -1.39 -10.07 13.29
N GLY B 175 -1.55 -8.99 14.06
CA GLY B 175 -2.82 -8.29 14.07
C GLY B 175 -2.67 -6.85 14.52
N GLY B 1 -19.10 -11.12 8.96
CA GLY B 1 -18.55 -11.18 10.34
C GLY B 1 -19.31 -10.32 11.32
N SER B 2 -18.77 -9.14 11.62
CA SER B 2 -19.41 -8.22 12.54
C SER B 2 -18.62 -6.92 12.65
N HIS B 3 -19.11 -5.87 11.99
CA HIS B 3 -18.44 -4.58 12.01
C HIS B 3 -19.02 -3.69 13.10
N MET B 4 -18.16 -2.87 13.71
CA MET B 4 -18.59 -1.97 14.78
C MET B 4 -17.90 -0.62 14.66
N VAL B 5 -18.09 0.03 13.51
CA VAL B 5 -17.47 1.34 13.28
C VAL B 5 -18.08 2.40 14.19
N GLU B 6 -19.34 2.20 14.56
CA GLU B 6 -20.04 3.14 15.44
C GLU B 6 -19.10 3.71 16.49
N GLY B 7 -18.52 4.87 16.19
CA GLY B 7 -17.60 5.50 17.12
C GLY B 7 -16.15 5.15 16.84
N SER B 8 -15.41 6.10 16.29
CA SER B 8 -14.00 5.88 15.98
C SER B 8 -13.84 4.93 14.79
N GLU B 9 -12.70 5.01 14.13
CA GLU B 9 -12.42 4.17 12.97
C GLU B 9 -13.24 4.60 11.76
N SER B 10 -13.18 5.90 11.45
CA SER B 10 -13.91 6.45 10.32
C SER B 10 -15.40 6.16 10.44
N THR B 11 -16.21 7.01 9.83
CA THR B 11 -17.66 6.85 9.87
C THR B 11 -18.14 5.92 8.76
N THR B 12 -17.30 5.74 7.74
CA THR B 12 -17.65 4.88 6.61
C THR B 12 -16.40 4.47 5.85
N PRO B 13 -16.28 3.16 5.53
CA PRO B 13 -15.13 2.63 4.80
C PRO B 13 -14.90 3.36 3.48
N PHE B 14 -15.98 3.87 2.88
CA PHE B 14 -15.88 4.59 1.62
C PHE B 14 -14.59 5.39 1.56
N ASN B 15 -13.57 4.82 0.93
CA ASN B 15 -12.29 5.49 0.81
C ASN B 15 -11.95 5.78 -0.66
N LEU B 16 -10.84 6.47 -0.87
CA LEU B 16 -10.41 6.82 -2.22
C LEU B 16 -8.91 7.09 -2.26
N PHE B 17 -8.26 6.67 -3.33
CA PHE B 17 -6.83 6.87 -3.49
C PHE B 17 -6.54 8.08 -4.37
N ILE B 18 -5.55 8.88 -3.98
CA ILE B 18 -5.18 10.08 -4.73
C ILE B 18 -3.67 10.31 -4.67
N GLY B 19 -3.07 10.53 -5.83
CA GLY B 19 -1.64 10.78 -5.90
C GLY B 19 -1.30 11.96 -6.79
N ASN B 20 -0.10 12.51 -6.62
CA ASN B 20 0.34 13.63 -7.42
C ASN B 20 -0.52 14.86 -7.14
N LEU B 21 -0.17 15.61 -6.10
CA LEU B 21 -0.92 16.81 -5.74
C LEU B 21 -0.17 18.08 -6.17
N ASN B 22 0.99 18.31 -5.58
CA ASN B 22 1.79 19.48 -5.90
C ASN B 22 3.06 19.53 -5.06
N PRO B 23 4.15 18.94 -5.58
CA PRO B 23 5.44 18.91 -4.87
C PRO B 23 6.14 20.26 -4.88
N ASN B 24 5.42 21.30 -4.47
CA ASN B 24 5.97 22.65 -4.43
C ASN B 24 5.27 23.49 -3.38
N LYS B 25 3.95 23.58 -3.47
CA LYS B 25 3.15 24.35 -2.53
C LYS B 25 3.25 23.77 -1.12
N SER B 26 2.42 22.77 -0.84
CA SER B 26 2.41 22.13 0.47
C SER B 26 1.26 21.13 0.57
N VAL B 27 1.61 19.84 0.62
CA VAL B 27 0.61 18.79 0.72
C VAL B 27 -0.55 19.23 1.61
N ALA B 28 -0.24 19.51 2.87
CA ALA B 28 -1.26 19.95 3.83
C ALA B 28 -2.30 20.82 3.15
N GLU B 29 -1.84 21.79 2.37
CA GLU B 29 -2.74 22.69 1.66
C GLU B 29 -3.42 21.96 0.50
N LEU B 30 -2.63 21.17 -0.22
CA LEU B 30 -3.17 20.41 -1.35
C LEU B 30 -4.39 19.61 -0.91
N LYS B 31 -4.24 18.84 0.16
CA LYS B 31 -5.33 18.04 0.68
C LYS B 31 -6.53 18.91 1.03
N VAL B 32 -6.29 19.93 1.86
CA VAL B 32 -7.36 20.84 2.24
C VAL B 32 -8.08 21.36 1.01
N ALA B 33 -7.32 21.89 0.05
CA ALA B 33 -7.93 22.39 -1.17
C ALA B 33 -8.96 21.40 -1.67
N ILE B 34 -8.57 20.13 -1.74
CA ILE B 34 -9.48 19.08 -2.18
C ILE B 34 -10.70 19.04 -1.25
N SER B 35 -10.47 19.43 0.00
CA SER B 35 -11.52 19.48 1.00
C SER B 35 -12.55 20.53 0.62
N GLU B 36 -12.20 21.79 0.85
CA GLU B 36 -13.07 22.91 0.53
C GLU B 36 -13.87 22.62 -0.73
N LEU B 37 -13.22 21.99 -1.70
CA LEU B 37 -13.86 21.64 -2.96
C LEU B 37 -14.99 20.65 -2.71
N PHE B 38 -14.69 19.58 -2.00
CA PHE B 38 -15.68 18.56 -1.68
C PHE B 38 -16.89 19.20 -1.01
N ALA B 39 -16.66 20.34 -0.37
CA ALA B 39 -17.73 21.06 0.32
C ALA B 39 -18.61 21.81 -0.66
N LYS B 40 -17.98 22.54 -1.58
CA LYS B 40 -18.71 23.31 -2.58
C LYS B 40 -19.48 22.40 -3.53
N ASN B 41 -18.99 21.17 -3.68
CA ASN B 41 -19.63 20.19 -4.56
C ASN B 41 -20.74 19.45 -3.82
N ASP B 42 -21.01 19.87 -2.58
CA ASP B 42 -22.04 19.25 -1.77
C ASP B 42 -21.47 18.05 -1.01
N LEU B 43 -20.70 17.22 -1.71
CA LEU B 43 -20.09 16.05 -1.10
C LEU B 43 -19.14 16.45 0.03
N ALA B 44 -19.72 16.74 1.19
CA ALA B 44 -18.96 17.15 2.35
C ALA B 44 -17.76 16.21 2.59
N VAL B 45 -17.83 15.01 2.05
CA VAL B 45 -16.78 14.02 2.21
C VAL B 45 -16.49 13.77 3.68
N VAL B 46 -16.03 12.57 4.01
CA VAL B 46 -15.74 12.21 5.39
C VAL B 46 -14.45 12.86 5.88
N ASP B 47 -13.33 12.51 5.24
CA ASP B 47 -12.04 13.07 5.63
C ASP B 47 -10.98 12.81 4.56
N VAL B 48 -9.80 13.36 4.78
CA VAL B 48 -8.69 13.21 3.83
C VAL B 48 -7.37 13.06 4.56
N ARG B 49 -6.72 11.91 4.39
CA ARG B 49 -5.43 11.65 5.01
C ARG B 49 -4.40 11.24 3.97
N THR B 50 -3.21 11.80 4.07
CA THR B 50 -2.14 11.50 3.12
C THR B 50 -1.13 10.54 3.72
N GLY B 51 -0.18 10.09 2.90
CA GLY B 51 0.83 9.18 3.36
C GLY B 51 2.23 9.63 3.00
N THR B 52 2.95 10.17 3.98
CA THR B 52 4.30 10.66 3.77
C THR B 52 4.31 11.89 2.88
N ASN B 53 5.14 12.87 3.23
CA ASN B 53 5.25 14.11 2.48
C ASN B 53 4.97 13.89 0.99
N ARG B 54 3.70 14.07 0.60
CA ARG B 54 3.31 13.89 -0.78
C ARG B 54 3.07 12.41 -1.09
N LYS B 55 4.17 11.64 -1.09
CA LYS B 55 4.12 10.20 -1.36
C LYS B 55 2.81 9.77 -2.00
N PHE B 56 1.80 9.58 -1.16
CA PHE B 56 0.48 9.16 -1.64
C PHE B 56 -0.62 9.90 -0.90
N GLY B 57 -1.86 9.67 -1.31
CA GLY B 57 -3.00 10.31 -0.67
C GLY B 57 -4.17 9.37 -0.46
N TYR B 58 -5.06 9.73 0.45
CA TYR B 58 -6.23 8.92 0.75
C TYR B 58 -7.33 9.78 1.37
N VAL B 59 -8.57 9.35 1.20
CA VAL B 59 -9.70 10.09 1.75
C VAL B 59 -10.95 9.22 1.85
N ASP B 60 -11.83 9.55 2.79
CA ASP B 60 -13.08 8.82 2.97
C ASP B 60 -14.24 9.69 2.51
N PHE B 61 -15.29 9.05 1.98
CA PHE B 61 -16.45 9.78 1.50
C PHE B 61 -17.67 9.54 2.38
N GLU B 62 -18.73 10.30 2.10
CA GLU B 62 -19.97 10.18 2.87
C GLU B 62 -20.71 8.90 2.48
N SER B 63 -20.56 8.49 1.23
CA SER B 63 -21.20 7.28 0.73
C SER B 63 -21.33 7.32 -0.79
N ALA B 64 -21.72 6.19 -1.37
CA ALA B 64 -21.87 6.09 -2.83
C ALA B 64 -22.57 7.31 -3.39
N GLU B 65 -23.34 8.00 -2.57
CA GLU B 65 -24.06 9.19 -3.00
C GLU B 65 -23.08 10.34 -3.24
N ASP B 66 -22.52 10.87 -2.14
CA ASP B 66 -21.56 11.96 -2.23
C ASP B 66 -20.39 11.58 -3.15
N LEU B 67 -19.97 10.33 -3.06
CA LEU B 67 -18.86 9.84 -3.87
C LEU B 67 -19.21 9.93 -5.36
N GLU B 68 -20.43 9.50 -5.69
CA GLU B 68 -20.89 9.53 -7.08
C GLU B 68 -20.76 10.94 -7.65
N LYS B 69 -21.28 11.91 -6.91
CA LYS B 69 -21.20 13.31 -7.35
C LYS B 69 -19.77 13.72 -7.65
N ALA B 70 -18.89 13.50 -6.68
CA ALA B 70 -17.48 13.84 -6.84
C ALA B 70 -16.96 13.37 -8.19
N LEU B 71 -16.90 12.05 -8.37
CA LEU B 71 -16.43 11.48 -9.62
C LEU B 71 -17.19 12.06 -10.81
N GLU B 72 -18.40 12.55 -10.55
CA GLU B 72 -19.23 13.14 -11.59
C GLU B 72 -18.58 14.40 -12.16
N LEU B 73 -18.08 15.25 -11.26
CA LEU B 73 -17.43 16.50 -11.68
C LEU B 73 -15.91 16.33 -11.71
N THR B 74 -15.37 16.27 -12.91
CA THR B 74 -13.92 16.12 -13.09
C THR B 74 -13.17 17.33 -12.55
N GLY B 75 -11.89 17.41 -12.88
CA GLY B 75 -11.08 18.52 -12.41
C GLY B 75 -11.08 18.64 -10.90
N LEU B 76 -10.47 17.68 -10.23
CA LEU B 76 -10.41 17.66 -8.77
C LEU B 76 -9.19 18.42 -8.26
N LYS B 77 -8.27 18.76 -9.16
CA LYS B 77 -7.07 19.50 -8.78
C LYS B 77 -7.35 20.49 -7.66
N VAL B 78 -6.30 20.85 -6.94
CA VAL B 78 -6.43 21.79 -5.82
C VAL B 78 -6.43 23.23 -6.32
N PHE B 79 -5.95 23.44 -7.54
CA PHE B 79 -5.89 24.77 -8.13
C PHE B 79 -5.76 24.69 -9.64
N GLY B 80 -4.87 23.81 -10.11
CA GLY B 80 -4.66 23.66 -11.54
C GLY B 80 -3.92 22.37 -11.87
N ASN B 81 -2.88 22.07 -11.11
CA ASN B 81 -2.09 20.86 -11.33
C ASN B 81 -2.95 19.61 -11.13
N GLU B 82 -3.33 18.99 -12.23
CA GLU B 82 -4.15 17.77 -12.18
C GLU B 82 -3.61 16.80 -11.14
N ILE B 83 -4.37 15.73 -10.88
CA ILE B 83 -3.95 14.72 -9.92
C ILE B 83 -4.31 13.32 -10.41
N LYS B 84 -3.86 12.31 -9.66
CA LYS B 84 -4.14 10.92 -10.02
C LYS B 84 -5.23 10.34 -9.13
N LEU B 85 -6.37 10.02 -9.73
CA LEU B 85 -7.49 9.45 -8.99
C LEU B 85 -7.53 7.93 -9.14
N GLU B 86 -7.67 7.23 -8.02
CA GLU B 86 -7.73 5.78 -8.03
C GLU B 86 -8.62 5.26 -6.91
N LYS B 87 -8.85 3.95 -6.89
CA LYS B 87 -9.69 3.33 -5.87
C LYS B 87 -8.84 2.73 -4.76
N PRO B 88 -9.49 2.32 -3.66
CA PRO B 88 -8.80 1.72 -2.51
C PRO B 88 -8.16 0.39 -2.86
N LYS B 89 -7.16 -0.01 -2.08
CA LYS B 89 -6.46 -1.27 -2.30
C LYS B 89 -6.33 -2.07 -1.01
N GLY B 90 -7.18 -3.08 -0.86
CA GLY B 90 -7.17 -3.92 0.33
C GLY B 90 -5.83 -3.94 1.03
N ARG B 91 -5.86 -3.94 2.36
CA ARG B 91 -4.64 -3.96 3.16
C ARG B 91 -4.07 -2.54 3.28
N ASP B 92 -3.38 -2.28 4.39
CA ASP B 92 -2.79 -0.97 4.63
C ASP B 92 -1.48 -0.80 3.87
N SER B 93 -0.61 -1.81 3.96
CA SER B 93 0.68 -1.77 3.29
C SER B 93 1.71 -1.03 4.13
N LYS B 94 1.59 0.29 4.19
CA LYS B 94 2.51 1.11 4.97
C LYS B 94 2.03 1.24 6.42
N LYS B 95 2.75 2.02 7.22
CA LYS B 95 2.40 2.21 8.62
C LYS B 95 2.56 0.91 9.40
N VAL B 96 1.81 -0.11 9.00
CA VAL B 96 1.87 -1.41 9.66
C VAL B 96 3.00 -2.26 9.10
N ARG B 97 4.16 -1.63 8.90
CA ARG B 97 5.33 -2.33 8.38
C ARG B 97 4.94 -3.23 7.21
N ALA B 98 4.59 -4.47 7.51
CA ALA B 98 4.20 -5.43 6.50
C ALA B 98 3.47 -6.61 7.13
N ALA B 99 2.59 -6.31 8.09
CA ALA B 99 1.84 -7.34 8.78
C ALA B 99 1.49 -8.50 7.86
N ARG B 100 1.79 -9.72 8.31
CA ARG B 100 1.52 -10.92 7.52
C ARG B 100 2.36 -10.94 6.24
N THR B 101 3.67 -10.91 6.40
CA THR B 101 4.57 -10.92 5.25
C THR B 101 5.85 -11.70 5.55
N LEU B 102 6.39 -12.34 4.52
CA LEU B 102 7.62 -13.11 4.65
C LEU B 102 8.73 -12.49 3.80
N LEU B 103 9.84 -12.15 4.45
CA LEU B 103 10.97 -11.54 3.77
C LEU B 103 12.07 -12.56 3.48
N ALA B 104 12.63 -12.49 2.28
CA ALA B 104 13.69 -13.39 1.86
C ALA B 104 15.00 -12.64 1.69
N LYS B 105 16.05 -13.13 2.33
CA LYS B 105 17.37 -12.50 2.24
C LYS B 105 18.34 -13.36 1.44
N ASN B 106 19.54 -12.83 1.21
CA ASN B 106 20.57 -13.55 0.47
C ASN B 106 20.06 -13.92 -0.93
N LEU B 107 20.17 -12.97 -1.86
CA LEU B 107 19.72 -13.19 -3.22
C LEU B 107 20.90 -13.08 -4.20
N SER B 108 20.88 -13.91 -5.24
CA SER B 108 21.94 -13.90 -6.23
C SER B 108 21.60 -12.95 -7.38
N PHE B 109 20.64 -12.06 -7.14
CA PHE B 109 20.22 -11.10 -8.15
C PHE B 109 19.55 -11.80 -9.33
N ASN B 110 20.30 -12.67 -10.00
CA ASN B 110 19.78 -13.41 -11.14
C ASN B 110 18.45 -14.06 -10.80
N ILE B 111 18.29 -14.46 -9.54
CA ILE B 111 17.05 -15.10 -9.09
C ILE B 111 15.85 -14.18 -9.30
N THR B 112 14.66 -14.76 -9.27
CA THR B 112 13.43 -14.00 -9.46
C THR B 112 12.23 -14.76 -8.90
N GLU B 113 11.03 -14.38 -9.35
CA GLU B 113 9.81 -15.03 -8.89
C GLU B 113 9.87 -16.53 -9.13
N ASP B 114 10.35 -16.92 -10.31
CA ASP B 114 10.47 -18.34 -10.64
C ASP B 114 11.06 -19.12 -9.47
N GLU B 115 12.30 -18.79 -9.13
CA GLU B 115 12.98 -19.45 -8.02
C GLU B 115 12.38 -19.03 -6.69
N LEU B 116 12.07 -17.75 -6.56
CA LEU B 116 11.48 -17.22 -5.34
C LEU B 116 10.26 -18.04 -4.95
N LYS B 117 9.14 -17.80 -5.64
CA LYS B 117 7.91 -18.54 -5.38
C LYS B 117 8.20 -20.04 -5.36
N GLU B 118 9.07 -20.46 -6.28
CA GLU B 118 9.44 -21.87 -6.38
C GLU B 118 9.74 -22.46 -5.00
N VAL B 119 10.43 -21.69 -4.17
CA VAL B 119 10.77 -22.14 -2.83
C VAL B 119 9.64 -21.86 -1.84
N PHE B 120 8.92 -20.76 -2.08
CA PHE B 120 7.80 -20.39 -1.22
C PHE B 120 6.70 -19.72 -2.03
N GLU B 121 5.95 -20.52 -2.78
CA GLU B 121 4.87 -20.00 -3.61
C GLU B 121 3.55 -20.00 -2.85
N ASP B 122 3.64 -19.97 -1.53
CA ASP B 122 2.45 -19.97 -0.68
C ASP B 122 2.11 -18.56 -0.22
N ALA B 123 2.52 -17.56 -1.00
CA ALA B 123 2.27 -16.17 -0.67
C ALA B 123 1.21 -15.57 -1.60
N LEU B 124 0.99 -14.26 -1.46
CA LEU B 124 0.01 -13.56 -2.29
C LEU B 124 0.70 -12.54 -3.18
N GLU B 125 1.86 -12.07 -2.77
CA GLU B 125 2.61 -11.08 -3.53
C GLU B 125 4.10 -11.40 -3.49
N ILE B 126 4.74 -11.37 -4.66
CA ILE B 126 6.17 -11.65 -4.76
C ILE B 126 6.91 -10.49 -5.43
N ARG B 127 8.00 -10.07 -4.81
CA ARG B 127 8.81 -8.97 -5.35
C ARG B 127 10.29 -9.17 -5.00
N LEU B 128 11.16 -8.63 -5.85
CA LEU B 128 12.60 -8.76 -5.64
C LEU B 128 13.25 -7.39 -5.45
N VAL B 129 14.28 -7.35 -4.60
CA VAL B 129 14.99 -6.10 -4.33
C VAL B 129 16.50 -6.36 -4.23
N SER B 130 17.20 -6.17 -5.34
CA SER B 130 18.65 -6.38 -5.36
C SER B 130 19.27 -5.80 -6.63
N GLN B 131 18.72 -6.20 -7.77
CA GLN B 131 19.21 -5.73 -9.06
C GLN B 131 19.24 -4.21 -9.11
N ASP B 132 19.26 -3.66 -10.32
CA ASP B 132 19.28 -2.21 -10.51
C ASP B 132 20.71 -1.68 -10.46
N GLY B 133 21.65 -2.55 -10.09
CA GLY B 133 23.04 -2.15 -10.01
C GLY B 133 23.38 -1.51 -8.67
N LYS B 134 22.35 -1.29 -7.85
CA LYS B 134 22.55 -0.67 -6.54
C LYS B 134 22.72 -1.74 -5.47
N SER B 135 23.02 -2.97 -5.89
CA SER B 135 23.22 -4.07 -4.97
C SER B 135 21.99 -4.26 -4.07
N LYS B 136 22.21 -4.86 -2.91
CA LYS B 136 21.13 -5.10 -1.96
C LYS B 136 20.44 -6.42 -2.26
N GLY B 137 21.20 -7.51 -2.24
CA GLY B 137 20.64 -8.82 -2.51
C GLY B 137 19.61 -9.23 -1.49
N ILE B 138 18.36 -8.87 -1.73
CA ILE B 138 17.28 -9.21 -0.81
C ILE B 138 15.92 -9.21 -1.51
N ALA B 139 15.19 -10.30 -1.35
CA ALA B 139 13.87 -10.43 -1.95
C ALA B 139 12.78 -10.29 -0.88
N TYR B 140 11.69 -9.62 -1.22
CA TYR B 140 10.61 -9.43 -0.27
C TYR B 140 9.31 -10.04 -0.78
N ILE B 141 8.60 -10.73 0.11
CA ILE B 141 7.34 -11.37 -0.24
C ILE B 141 6.31 -11.19 0.87
N GLU B 142 5.04 -11.14 0.47
CA GLU B 142 3.95 -10.96 1.44
C GLU B 142 2.93 -12.10 1.31
N PHE B 143 2.30 -12.44 2.43
CA PHE B 143 1.30 -13.50 2.44
C PHE B 143 -0.03 -13.00 2.99
N LYS B 144 -1.08 -13.80 2.82
CA LYS B 144 -2.41 -13.43 3.30
C LYS B 144 -2.50 -13.57 4.81
N SER B 145 -1.52 -14.26 5.39
CA SER B 145 -1.48 -14.46 6.84
C SER B 145 -0.13 -15.02 7.28
N GLU B 146 0.12 -14.98 8.58
CA GLU B 146 1.37 -15.47 9.13
C GLU B 146 1.42 -17.00 9.09
N ALA B 147 0.26 -17.62 8.92
CA ALA B 147 0.18 -19.07 8.86
C ALA B 147 1.10 -19.63 7.79
N ASP B 148 0.85 -19.27 6.54
CA ASP B 148 1.67 -19.73 5.43
C ASP B 148 3.05 -19.10 5.47
N ALA B 149 3.14 -17.92 6.05
CA ALA B 149 4.42 -17.21 6.16
C ALA B 149 5.41 -18.00 7.00
N GLU B 150 4.95 -18.49 8.14
CA GLU B 150 5.80 -19.28 9.03
C GLU B 150 6.06 -20.67 8.46
N LYS B 151 4.97 -21.37 8.13
CA LYS B 151 5.09 -22.72 7.57
C LYS B 151 6.18 -22.76 6.52
N ASN B 152 6.11 -21.84 5.56
CA ASN B 152 7.11 -21.77 4.49
C ASN B 152 8.47 -21.44 5.07
N LEU B 153 8.51 -20.49 5.99
CA LEU B 153 9.77 -20.08 6.62
C LEU B 153 10.42 -21.27 7.33
N GLU B 154 9.61 -22.25 7.70
CA GLU B 154 10.10 -23.43 8.39
C GLU B 154 10.55 -24.49 7.39
N GLU B 155 9.76 -24.70 6.36
CA GLU B 155 10.07 -25.69 5.33
C GLU B 155 11.05 -25.12 4.30
N LYS B 156 10.56 -24.19 3.49
CA LYS B 156 11.39 -23.57 2.45
C LYS B 156 12.69 -23.06 3.05
N GLN B 157 12.69 -22.83 4.36
CA GLN B 157 13.90 -22.35 5.04
C GLN B 157 15.15 -22.98 4.44
N GLY B 158 16.29 -22.33 4.66
CA GLY B 158 17.52 -22.86 4.12
C GLY B 158 17.35 -23.38 2.71
N ALA B 159 17.36 -22.47 1.75
CA ALA B 159 17.21 -22.83 0.34
C ALA B 159 18.48 -22.54 -0.43
N GLU B 160 19.07 -23.59 -1.00
CA GLU B 160 20.31 -23.44 -1.76
C GLU B 160 20.03 -23.09 -3.21
N ILE B 161 18.91 -22.40 -3.46
CA ILE B 161 18.57 -22.00 -4.82
C ILE B 161 19.80 -21.48 -5.54
N ASP B 162 20.54 -20.61 -4.84
CA ASP B 162 21.77 -20.05 -5.38
C ASP B 162 22.89 -20.16 -4.35
N GLY B 163 24.11 -20.42 -4.80
CA GLY B 163 25.22 -20.55 -3.89
C GLY B 163 25.21 -19.53 -2.78
N ARG B 164 24.55 -19.87 -1.67
CA ARG B 164 24.46 -18.98 -0.52
C ARG B 164 23.42 -19.45 0.49
N SER B 165 22.46 -20.25 0.03
CA SER B 165 21.41 -20.75 0.90
C SER B 165 20.49 -19.63 1.33
N VAL B 166 19.75 -19.10 0.36
CA VAL B 166 18.82 -18.00 0.58
C VAL B 166 18.34 -17.92 2.03
N SER B 167 18.17 -16.70 2.52
CA SER B 167 17.69 -16.48 3.88
C SER B 167 16.21 -16.12 3.85
N LEU B 168 15.60 -15.98 5.02
CA LEU B 168 14.18 -15.64 5.09
C LEU B 168 13.75 -15.38 6.53
N TYR B 169 12.60 -14.71 6.65
CA TYR B 169 12.04 -14.38 7.96
C TYR B 169 10.59 -13.93 7.80
N TYR B 170 9.81 -14.06 8.86
CA TYR B 170 8.41 -13.67 8.83
C TYR B 170 8.22 -12.29 9.44
N THR B 171 8.07 -11.28 8.58
CA THR B 171 7.90 -9.91 9.03
C THR B 171 6.43 -9.52 9.11
N GLY B 172 6.18 -8.29 9.57
CA GLY B 172 4.82 -7.81 9.70
C GLY B 172 4.22 -8.08 11.06
N GLU B 173 3.60 -7.07 11.65
CA GLU B 173 2.98 -7.22 12.96
C GLU B 173 1.88 -8.26 12.93
N LYS B 174 1.22 -8.47 14.06
CA LYS B 174 0.14 -9.44 14.16
C LYS B 174 -1.13 -8.79 14.69
N GLY B 175 -0.97 -7.89 15.65
CA GLY B 175 -2.12 -7.21 16.23
C GLY B 175 -1.93 -5.70 16.26
N GLY B 1 -11.12 4.93 11.99
CA GLY B 1 -11.43 5.38 13.38
C GLY B 1 -12.27 6.64 13.41
N SER B 2 -13.55 6.49 13.06
CA SER B 2 -14.48 7.62 13.05
C SER B 2 -15.16 7.78 14.41
N HIS B 3 -16.04 8.77 14.50
CA HIS B 3 -16.77 9.02 15.74
C HIS B 3 -18.28 8.96 15.52
N MET B 4 -18.71 7.99 14.72
CA MET B 4 -20.13 7.83 14.42
C MET B 4 -20.55 6.36 14.57
N VAL B 5 -19.81 5.62 15.38
CA VAL B 5 -20.10 4.21 15.61
C VAL B 5 -19.44 3.71 16.89
N GLU B 6 -19.57 2.41 17.14
CA GLU B 6 -18.98 1.81 18.34
C GLU B 6 -17.46 1.85 18.26
N GLY B 7 -16.91 1.52 17.10
CA GLY B 7 -15.47 1.53 16.93
C GLY B 7 -15.05 1.92 15.52
N SER B 8 -15.53 1.17 14.53
CA SER B 8 -15.20 1.44 13.14
C SER B 8 -15.78 0.37 12.22
N GLU B 9 -16.46 0.81 11.16
CA GLU B 9 -17.07 -0.11 10.21
C GLU B 9 -17.30 0.57 8.87
N SER B 10 -16.23 1.08 8.28
CA SER B 10 -16.32 1.76 6.98
C SER B 10 -17.60 2.60 6.88
N THR B 11 -17.47 3.90 7.12
CA THR B 11 -18.62 4.80 7.04
C THR B 11 -19.42 4.57 5.77
N THR B 12 -18.73 4.55 4.63
CA THR B 12 -19.38 4.33 3.35
C THR B 12 -18.36 4.00 2.26
N PRO B 13 -18.74 3.15 1.30
CA PRO B 13 -17.86 2.75 0.20
C PRO B 13 -17.32 3.93 -0.58
N PHE B 14 -18.17 4.93 -0.81
CA PHE B 14 -17.77 6.12 -1.55
C PHE B 14 -16.32 6.48 -1.24
N ASN B 15 -15.41 6.00 -2.07
CA ASN B 15 -13.98 6.27 -1.89
C ASN B 15 -13.28 6.53 -3.22
N LEU B 16 -12.05 7.04 -3.14
CA LEU B 16 -11.27 7.34 -4.34
C LEU B 16 -9.83 7.69 -3.97
N PHE B 17 -8.88 7.07 -4.67
CA PHE B 17 -7.47 7.33 -4.41
C PHE B 17 -6.86 8.22 -5.49
N ILE B 18 -6.32 9.36 -5.05
CA ILE B 18 -5.71 10.31 -5.98
C ILE B 18 -4.20 10.18 -5.97
N GLY B 19 -3.57 10.56 -7.09
CA GLY B 19 -2.14 10.48 -7.20
C GLY B 19 -1.57 11.58 -8.08
N ASN B 20 -0.25 11.77 -8.01
CA ASN B 20 0.42 12.80 -8.79
C ASN B 20 0.06 14.20 -8.28
N LEU B 21 -0.49 14.25 -7.07
CA LEU B 21 -0.87 15.52 -6.46
C LEU B 21 0.25 16.55 -6.60
N ASN B 22 1.49 16.06 -6.59
CA ASN B 22 2.65 16.94 -6.72
C ASN B 22 3.91 16.13 -7.00
N PRO B 23 4.94 16.76 -7.57
CA PRO B 23 6.20 16.10 -7.89
C PRO B 23 6.71 15.26 -6.73
N ASN B 24 6.71 15.84 -5.54
CA ASN B 24 7.16 15.16 -4.34
C ASN B 24 7.59 16.15 -3.27
N LYS B 25 6.87 17.26 -3.18
CA LYS B 25 7.17 18.30 -2.20
C LYS B 25 7.14 17.74 -0.78
N SER B 26 5.94 17.56 -0.25
CA SER B 26 5.76 17.05 1.10
C SER B 26 4.39 16.40 1.29
N VAL B 27 4.39 15.08 1.44
CA VAL B 27 3.14 14.36 1.63
C VAL B 27 2.23 15.18 2.53
N ALA B 28 2.67 15.39 3.77
CA ALA B 28 1.91 16.17 4.74
C ALA B 28 1.09 17.24 4.03
N GLU B 29 1.77 18.18 3.36
CA GLU B 29 1.07 19.24 2.65
C GLU B 29 -0.05 18.68 1.80
N LEU B 30 0.30 17.73 0.93
CA LEU B 30 -0.71 17.11 0.07
C LEU B 30 -2.00 16.92 0.84
N LYS B 31 -1.92 16.16 1.93
CA LYS B 31 -3.09 15.90 2.76
C LYS B 31 -3.85 17.19 3.04
N VAL B 32 -3.13 18.20 3.51
CA VAL B 32 -3.74 19.49 3.81
C VAL B 32 -4.36 20.10 2.56
N ALA B 33 -3.53 20.38 1.56
CA ALA B 33 -4.01 20.96 0.31
C ALA B 33 -5.42 20.47 -0.01
N ILE B 34 -5.60 19.15 0.00
CA ILE B 34 -6.90 18.55 -0.26
C ILE B 34 -7.86 18.94 0.86
N SER B 35 -7.38 18.84 2.10
CA SER B 35 -8.18 19.20 3.26
C SER B 35 -8.78 20.59 3.06
N GLU B 36 -7.99 21.49 2.52
CA GLU B 36 -8.43 22.85 2.24
C GLU B 36 -9.50 22.83 1.17
N LEU B 37 -9.33 21.96 0.19
CA LEU B 37 -10.29 21.82 -0.90
C LEU B 37 -11.60 21.25 -0.39
N PHE B 38 -11.51 20.12 0.32
CA PHE B 38 -12.68 19.46 0.88
C PHE B 38 -13.35 20.33 1.93
N ALA B 39 -12.61 21.33 2.42
CA ALA B 39 -13.15 22.24 3.42
C ALA B 39 -13.99 23.32 2.76
N LYS B 40 -13.35 24.10 1.90
CA LYS B 40 -14.04 25.18 1.19
C LYS B 40 -15.05 24.62 0.19
N ASN B 41 -15.02 23.30 -0.01
CA ASN B 41 -15.95 22.66 -0.93
C ASN B 41 -17.38 22.79 -0.42
N ASP B 42 -17.52 23.11 0.85
CA ASP B 42 -18.83 23.27 1.48
C ASP B 42 -19.36 21.94 1.98
N LEU B 43 -18.82 20.85 1.47
CA LEU B 43 -19.24 19.52 1.87
C LEU B 43 -18.65 19.13 3.21
N ALA B 44 -18.72 17.85 3.55
CA ALA B 44 -18.18 17.35 4.81
C ALA B 44 -17.40 16.06 4.61
N VAL B 45 -16.10 16.19 4.36
CA VAL B 45 -15.24 15.03 4.15
C VAL B 45 -15.43 14.00 5.26
N VAL B 46 -15.42 12.73 4.89
CA VAL B 46 -15.60 11.65 5.86
C VAL B 46 -14.27 10.94 6.14
N ASP B 47 -13.72 10.29 5.11
CA ASP B 47 -12.46 9.58 5.26
C ASP B 47 -11.32 10.32 4.57
N VAL B 48 -10.20 10.45 5.26
CA VAL B 48 -9.04 11.15 4.70
C VAL B 48 -7.74 10.44 5.10
N ARG B 49 -7.23 9.62 4.19
CA ARG B 49 -6.00 8.87 4.45
C ARG B 49 -4.96 9.13 3.37
N THR B 50 -3.69 9.17 3.78
CA THR B 50 -2.59 9.41 2.87
C THR B 50 -1.43 8.47 3.17
N GLY B 51 -0.37 8.53 2.38
CA GLY B 51 0.77 7.68 2.61
C GLY B 51 0.76 6.43 1.76
N THR B 52 1.33 5.35 2.29
CA THR B 52 1.39 4.08 1.59
C THR B 52 2.47 4.07 0.50
N ASN B 53 3.56 4.78 0.77
CA ASN B 53 4.68 4.87 -0.16
C ASN B 53 5.46 6.15 0.05
N ARG B 54 5.14 7.18 -0.74
CA ARG B 54 5.82 8.46 -0.62
C ARG B 54 4.83 9.61 -0.52
N LYS B 55 3.53 9.29 -0.68
CA LYS B 55 2.45 10.29 -0.61
C LYS B 55 1.28 9.90 -1.50
N PHE B 56 0.51 8.90 -1.09
CA PHE B 56 -0.65 8.48 -1.87
C PHE B 56 -1.92 8.99 -1.19
N GLY B 57 -2.95 9.29 -1.99
CA GLY B 57 -4.18 9.81 -1.43
C GLY B 57 -5.35 8.85 -1.50
N TYR B 58 -6.12 8.80 -0.42
CA TYR B 58 -7.30 7.94 -0.34
C TYR B 58 -8.32 8.57 0.60
N VAL B 59 -9.50 8.88 0.07
CA VAL B 59 -10.54 9.50 0.87
C VAL B 59 -11.93 9.02 0.47
N ASP B 60 -12.83 8.99 1.44
CA ASP B 60 -14.21 8.57 1.21
C ASP B 60 -15.17 9.74 1.41
N PHE B 61 -16.30 9.70 0.71
CA PHE B 61 -17.29 10.76 0.81
C PHE B 61 -18.42 10.37 1.76
N GLU B 62 -19.24 11.34 2.11
CA GLU B 62 -20.36 11.11 3.02
C GLU B 62 -21.45 10.31 2.32
N SER B 63 -21.72 10.63 1.06
CA SER B 63 -22.75 9.94 0.30
C SER B 63 -22.94 10.57 -1.08
N ALA B 64 -23.47 9.79 -2.00
CA ALA B 64 -23.71 10.25 -3.37
C ALA B 64 -24.07 11.74 -3.42
N GLU B 65 -24.70 12.24 -2.37
CA GLU B 65 -25.08 13.65 -2.31
C GLU B 65 -23.84 14.54 -2.45
N ASP B 66 -23.02 14.58 -1.40
CA ASP B 66 -21.81 15.38 -1.41
C ASP B 66 -20.91 14.98 -2.58
N LEU B 67 -20.85 13.69 -2.86
CA LEU B 67 -20.04 13.17 -3.95
C LEU B 67 -20.48 13.79 -5.28
N GLU B 68 -21.79 13.90 -5.47
CA GLU B 68 -22.34 14.48 -6.68
C GLU B 68 -21.86 15.92 -6.85
N LYS B 69 -22.02 16.71 -5.80
CA LYS B 69 -21.61 18.11 -5.83
C LYS B 69 -20.11 18.22 -6.06
N ALA B 70 -19.34 17.49 -5.27
CA ALA B 70 -17.88 17.50 -5.41
C ALA B 70 -17.47 17.13 -6.82
N LEU B 71 -17.72 15.87 -7.20
CA LEU B 71 -17.38 15.39 -8.53
C LEU B 71 -17.73 16.44 -9.58
N GLU B 72 -18.84 17.14 -9.37
CA GLU B 72 -19.28 18.17 -10.30
C GLU B 72 -18.20 19.25 -10.43
N LEU B 73 -17.71 19.73 -9.30
CA LEU B 73 -16.67 20.76 -9.29
C LEU B 73 -15.31 20.16 -9.61
N THR B 74 -14.67 20.69 -10.65
CA THR B 74 -13.36 20.22 -11.07
C THR B 74 -12.33 20.38 -9.96
N GLY B 75 -11.94 21.63 -9.71
CA GLY B 75 -10.96 21.93 -8.67
C GLY B 75 -9.97 20.81 -8.46
N LEU B 76 -9.81 20.38 -7.22
CA LEU B 76 -8.88 19.31 -6.88
C LEU B 76 -7.44 19.71 -7.21
N LYS B 77 -7.11 19.73 -8.50
CA LYS B 77 -5.76 20.09 -8.93
C LYS B 77 -5.15 21.15 -8.03
N VAL B 78 -4.38 20.70 -7.04
CA VAL B 78 -3.74 21.60 -6.09
C VAL B 78 -2.55 22.30 -6.75
N PHE B 79 -2.29 23.55 -6.34
CA PHE B 79 -1.19 24.32 -6.89
C PHE B 79 -1.14 24.21 -8.40
N GLY B 80 -2.28 23.91 -9.01
CA GLY B 80 -2.35 23.77 -10.45
C GLY B 80 -1.21 22.93 -11.01
N ASN B 81 -1.29 21.63 -10.80
CA ASN B 81 -0.27 20.71 -11.28
C ASN B 81 -0.88 19.43 -11.84
N GLU B 82 -2.19 19.48 -12.07
CA GLU B 82 -2.91 18.33 -12.62
C GLU B 82 -2.78 17.12 -11.69
N ILE B 83 -3.83 16.31 -11.64
CA ILE B 83 -3.84 15.13 -10.79
C ILE B 83 -4.69 14.02 -11.40
N LYS B 84 -4.67 12.85 -10.77
CA LYS B 84 -5.44 11.71 -11.24
C LYS B 84 -6.23 11.06 -10.11
N LEU B 85 -7.53 10.88 -10.32
CA LEU B 85 -8.40 10.28 -9.32
C LEU B 85 -8.99 8.98 -9.84
N GLU B 86 -8.94 7.94 -9.01
CA GLU B 86 -9.47 6.64 -9.39
C GLU B 86 -9.78 5.79 -8.16
N LYS B 87 -10.73 4.87 -8.30
CA LYS B 87 -11.12 4.00 -7.19
C LYS B 87 -10.44 2.64 -7.31
N PRO B 88 -9.53 2.33 -6.38
CA PRO B 88 -8.80 1.05 -6.39
C PRO B 88 -9.72 -0.14 -6.10
N LYS B 89 -10.14 -0.26 -4.84
CA LYS B 89 -11.02 -1.35 -4.41
C LYS B 89 -10.94 -1.53 -2.90
N GLY B 90 -11.07 -2.76 -2.41
CA GLY B 90 -11.00 -3.01 -0.99
C GLY B 90 -9.58 -3.26 -0.52
N ARG B 91 -9.38 -4.33 0.24
CA ARG B 91 -8.06 -4.67 0.75
C ARG B 91 -7.50 -3.54 1.59
N ASP B 92 -6.94 -3.88 2.75
CA ASP B 92 -6.37 -2.88 3.65
C ASP B 92 -4.86 -3.02 3.74
N SER B 93 -4.15 -2.34 2.85
CA SER B 93 -2.69 -2.39 2.83
C SER B 93 -2.13 -1.43 3.87
N LYS B 94 -0.84 -1.56 4.17
CA LYS B 94 -0.20 -0.71 5.16
C LYS B 94 -0.93 -0.80 6.49
N LYS B 95 -0.21 -0.54 7.58
CA LYS B 95 -0.80 -0.60 8.90
C LYS B 95 -0.81 -2.04 9.42
N VAL B 96 -1.15 -2.99 8.54
CA VAL B 96 -1.20 -4.41 8.90
C VAL B 96 0.17 -5.06 8.75
N ARG B 97 1.22 -4.28 9.01
CA ARG B 97 2.58 -4.78 8.90
C ARG B 97 2.71 -6.20 9.46
N ALA B 98 3.73 -6.90 9.00
CA ALA B 98 4.00 -8.26 9.44
C ALA B 98 2.76 -9.14 9.43
N ALA B 99 1.73 -8.73 8.68
CA ALA B 99 0.50 -9.50 8.60
C ALA B 99 0.80 -10.98 8.28
N ARG B 100 0.66 -11.37 7.01
CA ARG B 100 0.91 -12.75 6.62
C ARG B 100 1.88 -12.83 5.44
N THR B 101 2.82 -11.90 5.37
CA THR B 101 3.80 -11.88 4.28
C THR B 101 5.20 -11.68 4.84
N LEU B 102 6.21 -12.08 4.07
CA LEU B 102 7.60 -11.94 4.48
C LEU B 102 8.42 -11.25 3.39
N LEU B 103 9.33 -10.38 3.81
CA LEU B 103 10.18 -9.66 2.87
C LEU B 103 11.56 -10.32 2.76
N ALA B 104 12.10 -10.35 1.55
CA ALA B 104 13.40 -10.98 1.30
C ALA B 104 14.52 -9.96 1.08
N LYS B 105 15.57 -10.06 1.89
CA LYS B 105 16.71 -9.15 1.80
C LYS B 105 17.99 -9.94 1.53
N ASN B 106 19.02 -9.26 1.06
CA ASN B 106 20.30 -9.91 0.76
C ASN B 106 20.16 -10.89 -0.40
N LEU B 107 19.76 -10.36 -1.55
CA LEU B 107 19.59 -11.18 -2.74
C LEU B 107 20.92 -11.37 -3.47
N SER B 108 20.86 -11.95 -4.66
CA SER B 108 22.06 -12.20 -5.45
C SER B 108 21.92 -11.62 -6.86
N PHE B 109 20.94 -10.71 -7.01
CA PHE B 109 20.70 -10.08 -8.30
C PHE B 109 20.89 -11.09 -9.44
N ASN B 110 20.53 -12.34 -9.17
CA ASN B 110 20.67 -13.40 -10.18
C ASN B 110 19.71 -14.55 -9.88
N ILE B 111 19.62 -14.93 -8.60
CA ILE B 111 18.74 -16.01 -8.19
C ILE B 111 17.45 -16.01 -9.01
N THR B 112 16.78 -17.16 -9.03
CA THR B 112 15.54 -17.30 -9.78
C THR B 112 14.43 -17.92 -8.92
N GLU B 113 13.19 -17.67 -9.29
CA GLU B 113 12.05 -18.20 -8.55
C GLU B 113 12.16 -19.72 -8.45
N ASP B 114 12.82 -20.33 -9.42
CA ASP B 114 13.00 -21.77 -9.41
C ASP B 114 13.69 -22.21 -8.13
N GLU B 115 14.96 -21.87 -8.01
CA GLU B 115 15.74 -22.21 -6.82
C GLU B 115 15.21 -21.46 -5.60
N LEU B 116 14.83 -20.21 -5.81
CA LEU B 116 14.30 -19.38 -4.73
C LEU B 116 13.05 -20.03 -4.13
N LYS B 117 11.93 -19.95 -4.84
CA LYS B 117 10.69 -20.53 -4.37
C LYS B 117 10.93 -21.96 -3.87
N GLU B 118 11.89 -22.63 -4.51
CA GLU B 118 12.24 -24.00 -4.14
C GLU B 118 12.90 -24.02 -2.76
N VAL B 119 13.63 -22.96 -2.44
CA VAL B 119 14.30 -22.86 -1.14
C VAL B 119 13.26 -22.67 -0.05
N PHE B 120 12.09 -22.17 -0.46
CA PHE B 120 10.99 -21.94 0.47
C PHE B 120 9.84 -22.87 0.15
N GLU B 121 8.82 -22.87 1.00
CA GLU B 121 7.66 -23.71 0.78
C GLU B 121 6.67 -23.01 -0.12
N ASP B 122 7.08 -22.81 -1.36
CA ASP B 122 6.24 -22.16 -2.37
C ASP B 122 5.37 -21.09 -1.71
N ALA B 123 6.00 -20.24 -0.92
CA ALA B 123 5.31 -19.14 -0.22
C ALA B 123 3.98 -18.80 -0.87
N LEU B 124 4.05 -18.17 -2.03
CA LEU B 124 2.84 -17.79 -2.77
C LEU B 124 3.17 -16.70 -3.78
N GLU B 125 3.34 -15.48 -3.31
CA GLU B 125 3.65 -14.36 -4.20
C GLU B 125 5.13 -13.97 -4.07
N ILE B 126 5.93 -14.40 -5.04
CA ILE B 126 7.36 -14.09 -5.02
C ILE B 126 7.68 -12.91 -5.94
N ARG B 127 8.02 -11.78 -5.34
CA ARG B 127 8.35 -10.59 -6.10
C ARG B 127 9.84 -10.24 -5.92
N LEU B 128 10.36 -9.41 -6.83
CA LEU B 128 11.75 -9.01 -6.77
C LEU B 128 11.90 -7.52 -6.99
N VAL B 129 12.92 -6.92 -6.37
CA VAL B 129 13.17 -5.49 -6.49
C VAL B 129 14.64 -5.21 -6.83
N SER B 130 14.87 -4.55 -7.96
CA SER B 130 16.22 -4.23 -8.38
C SER B 130 16.22 -3.73 -9.83
N GLN B 131 15.96 -2.44 -9.99
CA GLN B 131 15.93 -1.83 -11.33
C GLN B 131 17.34 -1.57 -11.83
N ASP B 132 17.54 -1.76 -13.13
CA ASP B 132 18.85 -1.54 -13.74
C ASP B 132 19.38 -0.16 -13.40
N GLY B 133 18.59 0.87 -13.67
CA GLY B 133 19.00 2.23 -13.37
C GLY B 133 19.01 2.52 -11.89
N LYS B 134 18.12 1.86 -11.15
CA LYS B 134 18.02 2.06 -9.70
C LYS B 134 18.05 0.71 -8.98
N SER B 135 19.20 0.05 -9.00
CA SER B 135 19.36 -1.24 -8.34
C SER B 135 18.87 -1.17 -6.89
N LYS B 136 19.10 -2.25 -6.15
CA LYS B 136 18.70 -2.32 -4.75
C LYS B 136 19.14 -3.64 -4.13
N GLY B 137 18.84 -4.74 -4.81
CA GLY B 137 19.22 -6.05 -4.32
C GLY B 137 18.32 -6.54 -3.20
N ILE B 138 17.02 -6.57 -3.47
CA ILE B 138 16.05 -7.04 -2.47
C ILE B 138 14.81 -7.62 -3.14
N ALA B 139 13.95 -8.22 -2.33
CA ALA B 139 12.72 -8.82 -2.83
C ALA B 139 11.65 -8.90 -1.76
N TYR B 140 10.46 -9.35 -2.14
CA TYR B 140 9.34 -9.48 -1.22
C TYR B 140 8.55 -10.75 -1.53
N ILE B 141 8.08 -11.44 -0.50
CA ILE B 141 7.33 -12.68 -0.70
C ILE B 141 6.23 -12.85 0.35
N GLU B 142 4.99 -12.93 -0.12
CA GLU B 142 3.85 -13.10 0.78
C GLU B 142 3.48 -14.57 0.89
N PHE B 143 3.07 -14.99 2.08
CA PHE B 143 2.71 -16.38 2.32
C PHE B 143 1.30 -16.49 2.89
N LYS B 144 0.39 -17.09 2.13
CA LYS B 144 -0.96 -17.26 2.61
C LYS B 144 -0.93 -18.10 3.88
N SER B 145 -0.68 -17.45 5.01
CA SER B 145 -0.61 -18.11 6.31
C SER B 145 0.44 -17.43 7.19
N GLU B 146 -0.03 -16.64 8.15
CA GLU B 146 0.89 -15.96 9.06
C GLU B 146 1.96 -16.92 9.56
N ALA B 147 1.57 -18.18 9.71
CA ALA B 147 2.48 -19.22 10.18
C ALA B 147 3.46 -19.62 9.09
N ASP B 148 3.07 -19.39 7.83
CA ASP B 148 3.92 -19.73 6.70
C ASP B 148 5.10 -18.77 6.61
N ALA B 149 4.86 -17.51 6.91
CA ALA B 149 5.89 -16.49 6.88
C ALA B 149 6.83 -16.64 8.06
N GLU B 150 6.25 -16.71 9.25
CA GLU B 150 7.03 -16.86 10.48
C GLU B 150 7.81 -18.18 10.47
N LYS B 151 7.11 -19.26 10.15
CA LYS B 151 7.72 -20.58 10.10
C LYS B 151 8.91 -20.59 9.15
N ASN B 152 8.66 -20.26 7.89
CA ASN B 152 9.72 -20.23 6.89
C ASN B 152 10.76 -19.15 7.21
N LEU B 153 10.33 -18.15 7.99
CA LEU B 153 11.22 -17.07 8.38
C LEU B 153 12.37 -17.59 9.24
N GLU B 154 12.05 -18.47 10.19
CA GLU B 154 13.05 -19.04 11.07
C GLU B 154 13.68 -20.28 10.46
N GLU B 155 12.97 -20.89 9.51
CA GLU B 155 13.46 -22.10 8.86
C GLU B 155 14.44 -21.74 7.74
N LYS B 156 13.94 -21.10 6.69
CA LYS B 156 14.77 -20.70 5.56
C LYS B 156 15.65 -19.51 5.92
N GLN B 157 15.31 -18.85 7.03
CA GLN B 157 16.06 -17.68 7.51
C GLN B 157 17.50 -17.69 6.99
N GLY B 158 17.70 -17.12 5.81
CA GLY B 158 19.03 -17.06 5.22
C GLY B 158 19.67 -18.43 5.08
N ALA B 159 18.92 -19.37 4.52
CA ALA B 159 19.41 -20.73 4.32
C ALA B 159 20.68 -20.73 3.48
N GLU B 160 20.59 -20.20 2.27
CA GLU B 160 21.73 -20.13 1.37
C GLU B 160 21.47 -19.16 0.22
N ILE B 161 20.50 -19.49 -0.62
CA ILE B 161 20.15 -18.65 -1.76
C ILE B 161 21.40 -18.04 -2.38
N ASP B 162 22.23 -18.89 -2.99
CA ASP B 162 23.46 -18.43 -3.61
C ASP B 162 24.57 -18.29 -2.58
N GLY B 163 24.89 -19.41 -1.92
CA GLY B 163 25.93 -19.42 -0.90
C GLY B 163 26.17 -18.06 -0.27
N ARG B 164 25.08 -17.40 0.13
CA ARG B 164 25.19 -16.09 0.75
C ARG B 164 24.22 -15.93 1.91
N SER B 165 23.55 -17.02 2.28
CA SER B 165 22.59 -16.97 3.37
C SER B 165 21.80 -15.68 3.31
N VAL B 166 20.68 -15.71 2.58
CA VAL B 166 19.83 -14.54 2.44
C VAL B 166 19.39 -13.99 3.79
N SER B 167 18.73 -12.83 3.77
CA SER B 167 18.26 -12.20 4.99
C SER B 167 16.82 -11.73 4.81
N LEU B 168 15.88 -12.57 5.22
CA LEU B 168 14.46 -12.26 5.09
C LEU B 168 13.89 -11.74 6.40
N TYR B 169 12.66 -11.24 6.34
CA TYR B 169 11.97 -10.70 7.51
C TYR B 169 10.46 -10.83 7.34
N TYR B 170 9.72 -10.48 8.38
CA TYR B 170 8.26 -10.55 8.34
C TYR B 170 7.67 -9.19 8.02
N THR B 171 6.56 -9.18 7.29
CA THR B 171 5.89 -7.93 6.93
C THR B 171 4.45 -8.18 6.52
N GLY B 172 3.69 -7.09 6.36
CA GLY B 172 2.29 -7.21 6.00
C GLY B 172 1.97 -6.54 4.68
N GLU B 173 0.92 -5.73 4.69
CA GLU B 173 0.47 -5.00 3.51
C GLU B 173 -0.57 -5.82 2.74
N LYS B 174 -1.06 -6.88 3.36
CA LYS B 174 -2.06 -7.74 2.74
C LYS B 174 -3.40 -7.63 3.45
N GLY B 175 -3.38 -7.83 4.76
CA GLY B 175 -4.60 -7.76 5.54
C GLY B 175 -4.73 -8.90 6.53
N GLY B 1 0.72 11.59 26.40
CA GLY B 1 -0.71 11.18 26.49
C GLY B 1 -1.12 10.23 25.37
N SER B 2 -2.40 10.20 25.06
CA SER B 2 -2.91 9.32 24.00
C SER B 2 -4.13 9.94 23.34
N HIS B 3 -4.06 11.23 23.02
CA HIS B 3 -5.16 11.94 22.38
C HIS B 3 -4.65 12.81 21.24
N MET B 4 -5.41 12.87 20.16
CA MET B 4 -5.04 13.67 19.00
C MET B 4 -6.10 13.57 17.90
N VAL B 5 -6.18 12.42 17.26
CA VAL B 5 -7.15 12.20 16.19
C VAL B 5 -8.29 11.29 16.67
N GLU B 6 -9.48 11.54 16.15
CA GLU B 6 -10.65 10.76 16.52
C GLU B 6 -10.60 9.38 15.87
N GLY B 7 -10.87 9.32 14.58
CA GLY B 7 -10.85 8.06 13.86
C GLY B 7 -12.23 7.54 13.54
N SER B 8 -13.08 8.42 13.02
CA SER B 8 -14.45 8.05 12.66
C SER B 8 -14.50 6.66 12.06
N GLU B 9 -15.04 5.71 12.81
CA GLU B 9 -15.15 4.34 12.35
C GLU B 9 -15.81 4.26 10.98
N SER B 10 -14.98 4.16 9.94
CA SER B 10 -15.48 4.09 8.57
C SER B 10 -16.66 5.04 8.37
N THR B 11 -16.38 6.23 7.85
CA THR B 11 -17.42 7.22 7.60
C THR B 11 -18.48 6.68 6.64
N THR B 12 -18.03 6.20 5.49
CA THR B 12 -18.94 5.66 4.49
C THR B 12 -18.19 5.28 3.22
N PRO B 13 -18.72 4.31 2.46
CA PRO B 13 -18.09 3.86 1.21
C PRO B 13 -17.68 5.01 0.31
N PHE B 14 -18.60 5.94 0.07
CA PHE B 14 -18.32 7.10 -0.77
C PHE B 14 -16.90 7.60 -0.54
N ASN B 15 -16.10 7.58 -1.61
CA ASN B 15 -14.72 8.04 -1.53
C ASN B 15 -14.08 8.06 -2.91
N LEU B 16 -12.98 8.81 -3.02
CA LEU B 16 -12.25 8.91 -4.29
C LEU B 16 -10.76 8.68 -4.08
N PHE B 17 -10.04 8.41 -5.16
CA PHE B 17 -8.61 8.16 -5.08
C PHE B 17 -7.80 9.29 -5.72
N ILE B 18 -7.11 10.06 -4.90
CA ILE B 18 -6.30 11.17 -5.38
C ILE B 18 -4.83 10.75 -5.46
N GLY B 19 -4.09 11.36 -6.37
CA GLY B 19 -2.68 11.03 -6.51
C GLY B 19 -1.99 11.87 -7.57
N ASN B 20 -0.68 11.72 -7.69
CA ASN B 20 0.10 12.46 -8.67
C ASN B 20 0.55 13.80 -8.10
N LEU B 21 -0.41 14.55 -7.56
CA LEU B 21 -0.14 15.85 -6.97
C LEU B 21 0.73 16.72 -7.89
N ASN B 22 2.05 16.54 -7.84
CA ASN B 22 2.95 17.31 -8.68
C ASN B 22 4.39 17.19 -8.16
N PRO B 23 5.37 17.59 -8.99
CA PRO B 23 6.79 17.53 -8.63
C PRO B 23 7.08 18.23 -7.30
N ASN B 24 6.19 19.15 -6.92
CA ASN B 24 6.34 19.89 -5.68
C ASN B 24 5.08 19.75 -4.83
N LYS B 25 4.60 18.52 -4.69
CA LYS B 25 3.40 18.26 -3.91
C LYS B 25 3.68 18.27 -2.41
N SER B 26 2.70 17.87 -1.62
CA SER B 26 2.83 17.84 -0.17
C SER B 26 1.55 17.36 0.48
N VAL B 27 1.62 16.20 1.14
CA VAL B 27 0.46 15.62 1.81
C VAL B 27 -0.43 16.72 2.36
N ALA B 28 0.08 17.43 3.38
CA ALA B 28 -0.66 18.52 4.00
C ALA B 28 -1.55 19.22 3.00
N GLU B 29 -0.97 19.70 1.89
CA GLU B 29 -1.75 20.40 0.88
C GLU B 29 -2.81 19.49 0.27
N LEU B 30 -2.35 18.38 -0.30
CA LEU B 30 -3.26 17.42 -0.92
C LEU B 30 -4.58 17.34 -0.16
N LYS B 31 -4.48 17.08 1.14
CA LYS B 31 -5.66 16.98 1.99
C LYS B 31 -6.48 18.27 1.96
N VAL B 32 -5.83 19.39 2.24
CA VAL B 32 -6.51 20.68 2.25
C VAL B 32 -7.11 20.99 0.88
N ALA B 33 -6.27 21.12 -0.14
CA ALA B 33 -6.75 21.40 -1.48
C ALA B 33 -8.08 20.69 -1.74
N ILE B 34 -8.09 19.39 -1.44
CA ILE B 34 -9.30 18.60 -1.61
C ILE B 34 -10.35 19.00 -0.59
N SER B 35 -9.89 19.34 0.62
CA SER B 35 -10.79 19.76 1.69
C SER B 35 -11.50 21.05 1.30
N GLU B 36 -10.77 22.16 1.35
CA GLU B 36 -11.33 23.46 0.99
C GLU B 36 -12.13 23.36 -0.30
N LEU B 37 -11.63 22.56 -1.24
CA LEU B 37 -12.28 22.37 -2.52
C LEU B 37 -13.72 21.89 -2.31
N PHE B 38 -13.87 20.74 -1.67
CA PHE B 38 -15.18 20.18 -1.39
C PHE B 38 -15.97 21.09 -0.45
N ALA B 39 -15.24 21.92 0.30
CA ALA B 39 -15.87 22.85 1.23
C ALA B 39 -16.57 23.96 0.46
N LYS B 40 -15.95 24.42 -0.62
CA LYS B 40 -16.51 25.47 -1.44
C LYS B 40 -17.74 24.96 -2.20
N ASN B 41 -17.63 23.73 -2.70
CA ASN B 41 -18.73 23.11 -3.43
C ASN B 41 -19.83 22.66 -2.47
N ASP B 42 -19.56 22.78 -1.18
CA ASP B 42 -20.53 22.39 -0.15
C ASP B 42 -20.80 20.88 -0.19
N LEU B 43 -21.55 20.44 -1.20
CA LEU B 43 -21.89 19.03 -1.34
C LEU B 43 -22.05 18.37 0.03
N ALA B 44 -21.21 17.37 0.32
CA ALA B 44 -21.30 16.67 1.60
C ALA B 44 -20.06 15.81 1.84
N VAL B 45 -18.88 16.38 1.59
CA VAL B 45 -17.62 15.66 1.79
C VAL B 45 -17.38 15.38 3.25
N VAL B 46 -16.69 14.29 3.54
CA VAL B 46 -16.39 13.91 4.92
C VAL B 46 -14.94 14.25 5.27
N ASP B 47 -14.01 13.44 4.77
CA ASP B 47 -12.59 13.66 5.03
C ASP B 47 -11.73 13.11 3.91
N VAL B 48 -10.45 13.46 3.94
CA VAL B 48 -9.50 13.00 2.93
C VAL B 48 -8.21 12.49 3.56
N ARG B 49 -7.89 11.23 3.33
CA ARG B 49 -6.71 10.61 3.93
C ARG B 49 -5.50 10.65 3.01
N THR B 50 -4.38 10.15 3.53
CA THR B 50 -3.12 10.10 2.80
C THR B 50 -2.53 8.70 2.87
N GLY B 51 -1.75 8.32 1.87
CA GLY B 51 -1.15 6.99 1.86
C GLY B 51 0.32 6.99 1.51
N THR B 52 0.97 5.84 1.76
CA THR B 52 2.39 5.68 1.49
C THR B 52 2.71 5.90 0.01
N ASN B 53 3.72 5.20 -0.51
CA ASN B 53 4.12 5.36 -1.90
C ASN B 53 4.09 6.83 -2.29
N ARG B 54 4.38 7.67 -1.30
CA ARG B 54 4.37 9.12 -1.48
C ARG B 54 3.02 9.67 -1.08
N LYS B 55 3.03 10.76 -0.34
CA LYS B 55 1.79 11.37 0.11
C LYS B 55 0.74 11.34 -0.98
N PHE B 56 -0.08 10.28 -0.99
CA PHE B 56 -1.13 10.14 -1.97
C PHE B 56 -2.45 10.61 -1.35
N GLY B 57 -3.38 11.08 -2.19
CA GLY B 57 -4.62 11.61 -1.66
C GLY B 57 -5.78 10.63 -1.69
N TYR B 58 -6.69 10.81 -0.74
CA TYR B 58 -7.89 9.99 -0.61
C TYR B 58 -9.01 10.83 -0.03
N VAL B 59 -10.24 10.55 -0.44
CA VAL B 59 -11.38 11.32 0.05
C VAL B 59 -12.60 10.43 0.28
N ASP B 60 -13.42 10.84 1.24
CA ASP B 60 -14.65 10.12 1.58
C ASP B 60 -15.80 11.09 1.76
N PHE B 61 -16.87 10.89 0.99
CA PHE B 61 -18.04 11.75 1.06
C PHE B 61 -19.15 11.14 1.91
N GLU B 62 -20.22 11.89 2.10
CA GLU B 62 -21.35 11.41 2.90
C GLU B 62 -22.66 11.59 2.13
N SER B 63 -22.61 11.35 0.82
CA SER B 63 -23.79 11.48 -0.03
C SER B 63 -23.56 10.84 -1.39
N ALA B 64 -24.65 10.40 -2.02
CA ALA B 64 -24.57 9.77 -3.34
C ALA B 64 -24.62 10.82 -4.44
N GLU B 65 -25.64 11.66 -4.40
CA GLU B 65 -25.81 12.72 -5.40
C GLU B 65 -24.57 13.60 -5.46
N ASP B 66 -24.04 13.92 -4.29
CA ASP B 66 -22.84 14.76 -4.21
C ASP B 66 -21.65 14.06 -4.84
N LEU B 67 -21.56 12.75 -4.63
CA LEU B 67 -20.47 11.96 -5.19
C LEU B 67 -20.41 12.13 -6.70
N GLU B 68 -21.53 11.86 -7.37
CA GLU B 68 -21.60 11.98 -8.81
C GLU B 68 -21.36 13.42 -9.24
N LYS B 69 -22.00 14.35 -8.53
CA LYS B 69 -21.85 15.77 -8.84
C LYS B 69 -20.38 16.17 -8.83
N ALA B 70 -19.65 15.72 -7.80
CA ALA B 70 -18.23 16.02 -7.68
C ALA B 70 -17.47 15.53 -8.90
N LEU B 71 -17.42 14.21 -9.07
CA LEU B 71 -16.72 13.62 -10.21
C LEU B 71 -16.97 14.42 -11.47
N GLU B 72 -18.18 14.95 -11.61
CA GLU B 72 -18.54 15.74 -12.78
C GLU B 72 -17.82 17.09 -12.78
N LEU B 73 -17.65 17.65 -11.58
CA LEU B 73 -16.98 18.94 -11.43
C LEU B 73 -15.60 18.90 -12.10
N THR B 74 -14.76 19.88 -11.78
CA THR B 74 -13.42 19.96 -12.34
C THR B 74 -12.50 20.79 -11.46
N GLY B 75 -13.00 21.94 -11.02
CA GLY B 75 -12.20 22.82 -10.19
C GLY B 75 -11.60 22.10 -8.99
N LEU B 76 -10.37 21.63 -9.15
CA LEU B 76 -9.68 20.92 -8.08
C LEU B 76 -8.19 21.29 -8.06
N LYS B 77 -7.35 20.44 -8.66
CA LYS B 77 -5.91 20.66 -8.71
C LYS B 77 -5.33 20.96 -7.33
N VAL B 78 -4.35 20.15 -6.93
CA VAL B 78 -3.72 20.31 -5.63
C VAL B 78 -3.10 21.71 -5.50
N PHE B 79 -2.67 22.26 -6.63
CA PHE B 79 -2.08 23.59 -6.64
C PHE B 79 -2.46 24.34 -7.91
N GLY B 80 -1.83 23.98 -9.02
CA GLY B 80 -2.12 24.64 -10.29
C GLY B 80 -1.60 23.85 -11.48
N ASN B 81 -1.73 22.54 -11.42
CA ASN B 81 -1.26 21.68 -12.50
C ASN B 81 -2.11 20.41 -12.61
N GLU B 82 -3.35 20.51 -12.13
CA GLU B 82 -4.27 19.38 -12.17
C GLU B 82 -3.68 18.18 -11.43
N ILE B 83 -4.49 17.15 -11.25
CA ILE B 83 -4.06 15.95 -10.55
C ILE B 83 -4.70 14.69 -11.16
N LYS B 84 -4.34 13.54 -10.62
CA LYS B 84 -4.88 12.27 -11.11
C LYS B 84 -5.82 11.64 -10.09
N LEU B 85 -6.89 11.03 -10.57
CA LEU B 85 -7.87 10.38 -9.71
C LEU B 85 -7.90 8.88 -9.95
N GLU B 86 -8.69 8.18 -9.15
CA GLU B 86 -8.81 6.73 -9.26
C GLU B 86 -10.00 6.21 -8.45
N LYS B 87 -10.25 4.91 -8.56
CA LYS B 87 -11.35 4.29 -7.84
C LYS B 87 -10.86 3.62 -6.56
N PRO B 88 -11.23 4.18 -5.40
CA PRO B 88 -10.82 3.65 -4.09
C PRO B 88 -11.05 2.14 -3.97
N LYS B 89 -10.60 1.57 -2.87
CA LYS B 89 -10.75 0.14 -2.62
C LYS B 89 -10.46 -0.19 -1.16
N GLY B 90 -10.08 -1.45 -0.91
CA GLY B 90 -9.78 -1.86 0.45
C GLY B 90 -8.33 -2.29 0.62
N ARG B 91 -7.78 -2.04 1.80
CA ARG B 91 -6.40 -2.41 2.08
C ARG B 91 -6.00 -2.01 3.50
N ASP B 92 -4.75 -2.26 3.85
CA ASP B 92 -4.24 -1.94 5.18
C ASP B 92 -2.78 -2.36 5.32
N SER B 93 -1.87 -1.41 5.12
CA SER B 93 -0.45 -1.69 5.23
C SER B 93 0.35 -0.41 5.49
N LYS B 94 0.24 0.11 6.72
CA LYS B 94 0.95 1.32 7.09
C LYS B 94 2.05 1.01 8.11
N LYS B 95 1.69 0.21 9.12
CA LYS B 95 2.65 -0.16 10.16
C LYS B 95 2.88 -1.67 10.17
N VAL B 96 1.81 -2.42 9.92
CA VAL B 96 1.89 -3.88 9.89
C VAL B 96 3.23 -4.34 9.32
N ARG B 97 3.74 -3.56 8.36
CA ARG B 97 5.02 -3.86 7.71
C ARG B 97 5.32 -5.35 7.73
N ALA B 98 4.93 -6.04 6.65
CA ALA B 98 5.17 -7.47 6.54
C ALA B 98 4.02 -8.26 7.15
N ALA B 99 3.77 -8.03 8.45
CA ALA B 99 2.70 -8.74 9.15
C ALA B 99 2.99 -10.23 9.24
N ARG B 100 3.10 -10.87 8.07
CA ARG B 100 3.39 -12.30 8.02
C ARG B 100 4.18 -12.65 6.75
N THR B 101 5.43 -12.24 6.72
CA THR B 101 6.28 -12.49 5.57
C THR B 101 7.76 -12.42 5.91
N LEU B 102 8.55 -13.23 5.23
CA LEU B 102 10.00 -13.29 5.46
C LEU B 102 10.75 -12.71 4.27
N LEU B 103 11.84 -11.99 4.56
CA LEU B 103 12.65 -11.39 3.50
C LEU B 103 13.88 -12.24 3.20
N ALA B 104 14.49 -11.98 2.05
CA ALA B 104 15.68 -12.72 1.62
C ALA B 104 16.78 -11.76 1.21
N LYS B 105 18.03 -12.11 1.53
CA LYS B 105 19.16 -11.27 1.20
C LYS B 105 20.20 -12.02 0.39
N ASN B 106 20.67 -11.38 -0.68
CA ASN B 106 21.67 -11.98 -1.55
C ASN B 106 21.03 -12.89 -2.59
N LEU B 107 21.30 -12.63 -3.86
CA LEU B 107 20.75 -13.42 -4.95
C LEU B 107 21.59 -13.29 -6.21
N SER B 108 20.97 -13.51 -7.36
CA SER B 108 21.67 -13.40 -8.64
C SER B 108 21.37 -12.06 -9.31
N PHE B 109 20.95 -11.09 -8.52
CA PHE B 109 20.62 -9.77 -9.02
C PHE B 109 19.79 -9.86 -10.30
N ASN B 110 19.07 -10.97 -10.45
CA ASN B 110 18.23 -11.19 -11.61
C ASN B 110 17.48 -12.52 -11.51
N ILE B 111 17.15 -12.92 -10.29
CA ILE B 111 16.43 -14.17 -10.07
C ILE B 111 14.93 -13.98 -10.26
N THR B 112 14.36 -14.73 -11.19
CA THR B 112 12.93 -14.65 -11.48
C THR B 112 12.13 -15.50 -10.52
N GLU B 113 10.98 -14.99 -10.09
CA GLU B 113 10.09 -15.70 -9.17
C GLU B 113 10.21 -17.21 -9.35
N ASP B 114 10.38 -17.65 -10.59
CA ASP B 114 10.51 -19.07 -10.87
C ASP B 114 11.36 -19.74 -9.80
N GLU B 115 12.58 -19.24 -9.62
CA GLU B 115 13.49 -19.78 -8.62
C GLU B 115 12.99 -19.45 -7.22
N LEU B 116 12.57 -18.19 -7.03
CA LEU B 116 12.08 -17.75 -5.73
C LEU B 116 11.01 -18.72 -5.21
N LYS B 117 9.82 -18.65 -5.79
CA LYS B 117 8.72 -19.52 -5.39
C LYS B 117 9.18 -20.98 -5.43
N GLU B 118 10.05 -21.29 -6.38
CA GLU B 118 10.59 -22.64 -6.52
C GLU B 118 11.22 -23.10 -5.20
N VAL B 119 11.77 -22.15 -4.45
CA VAL B 119 12.40 -22.44 -3.18
C VAL B 119 11.36 -22.39 -2.05
N PHE B 120 10.30 -21.62 -2.28
CA PHE B 120 9.23 -21.48 -1.29
C PHE B 120 7.88 -21.78 -1.94
N GLU B 121 7.35 -22.97 -1.66
CA GLU B 121 6.06 -23.38 -2.21
C GLU B 121 4.91 -22.73 -1.45
N ASP B 122 4.80 -23.03 -0.17
CA ASP B 122 3.73 -22.48 0.66
C ASP B 122 3.53 -20.99 0.37
N ALA B 123 4.58 -20.33 -0.09
CA ALA B 123 4.52 -18.90 -0.41
C ALA B 123 3.15 -18.53 -0.97
N LEU B 124 2.39 -17.78 -0.18
CA LEU B 124 1.07 -17.34 -0.59
C LEU B 124 1.09 -15.87 -1.01
N GLU B 125 2.29 -15.34 -1.22
CA GLU B 125 2.48 -13.96 -1.63
C GLU B 125 3.96 -13.68 -1.85
N ILE B 126 4.37 -13.54 -3.11
CA ILE B 126 5.77 -13.28 -3.43
C ILE B 126 6.02 -11.80 -3.67
N ARG B 127 7.30 -11.42 -3.63
CA ARG B 127 7.72 -10.04 -3.86
C ARG B 127 9.24 -9.96 -3.79
N LEU B 128 9.81 -8.86 -4.26
CA LEU B 128 11.26 -8.68 -4.25
C LEU B 128 11.64 -7.21 -4.09
N VAL B 129 12.73 -6.96 -3.38
CA VAL B 129 13.21 -5.60 -3.16
C VAL B 129 14.52 -5.37 -3.91
N SER B 130 14.56 -4.32 -4.72
CA SER B 130 15.76 -4.00 -5.49
C SER B 130 15.48 -2.86 -6.48
N GLN B 131 15.19 -1.68 -5.93
CA GLN B 131 14.91 -0.52 -6.77
C GLN B 131 15.11 0.78 -5.97
N ASP B 132 16.15 0.80 -5.15
CA ASP B 132 16.46 1.97 -4.34
C ASP B 132 17.53 2.83 -5.00
N GLY B 133 18.27 2.23 -5.94
CA GLY B 133 19.32 2.96 -6.63
C GLY B 133 20.70 2.42 -6.32
N LYS B 134 20.82 1.76 -5.17
CA LYS B 134 22.09 1.19 -4.75
C LYS B 134 22.03 -0.33 -4.69
N SER B 135 21.01 -0.89 -5.34
CA SER B 135 20.83 -2.34 -5.36
C SER B 135 20.60 -2.87 -3.95
N LYS B 136 20.49 -4.20 -3.84
CA LYS B 136 20.29 -4.84 -2.55
C LYS B 136 20.12 -6.34 -2.71
N GLY B 137 19.56 -6.75 -3.84
CA GLY B 137 19.36 -8.17 -4.10
C GLY B 137 18.65 -8.87 -2.96
N ILE B 138 17.47 -8.38 -2.61
CA ILE B 138 16.69 -8.97 -1.52
C ILE B 138 15.31 -9.41 -2.04
N ALA B 139 14.94 -10.65 -1.75
CA ALA B 139 13.66 -11.20 -2.20
C ALA B 139 12.71 -11.36 -1.02
N TYR B 140 11.50 -10.84 -1.16
CA TYR B 140 10.49 -10.92 -0.11
C TYR B 140 9.53 -12.07 -0.35
N ILE B 141 9.36 -12.93 0.65
CA ILE B 141 8.47 -14.08 0.52
C ILE B 141 7.37 -14.10 1.58
N GLU B 142 6.26 -13.45 1.25
CA GLU B 142 5.13 -13.33 2.15
C GLU B 142 4.11 -14.45 1.92
N PHE B 143 3.42 -14.83 2.99
CA PHE B 143 2.43 -15.90 2.92
C PHE B 143 1.07 -15.42 3.46
N LYS B 144 0.63 -15.98 4.59
CA LYS B 144 -0.65 -15.61 5.18
C LYS B 144 -0.51 -15.31 6.67
N SER B 145 0.51 -15.87 7.31
CA SER B 145 0.74 -15.66 8.73
C SER B 145 2.20 -15.95 9.09
N GLU B 146 2.54 -15.69 10.35
CA GLU B 146 3.91 -15.92 10.83
C GLU B 146 4.28 -17.39 10.72
N ALA B 147 3.29 -18.26 10.85
CA ALA B 147 3.52 -19.70 10.76
C ALA B 147 4.37 -20.05 9.55
N ASP B 148 3.76 -20.03 8.37
CA ASP B 148 4.46 -20.35 7.14
C ASP B 148 5.89 -19.82 7.18
N ALA B 149 6.01 -18.49 7.25
CA ALA B 149 7.32 -17.85 7.29
C ALA B 149 8.29 -18.65 8.16
N GLU B 150 7.92 -18.86 9.41
CA GLU B 150 8.76 -19.60 10.34
C GLU B 150 9.13 -20.97 9.78
N LYS B 151 8.13 -21.71 9.31
CA LYS B 151 8.35 -23.02 8.74
C LYS B 151 9.39 -22.97 7.62
N ASN B 152 8.97 -22.50 6.45
CA ASN B 152 9.86 -22.39 5.31
C ASN B 152 11.19 -21.76 5.72
N LEU B 153 11.13 -20.78 6.60
CA LEU B 153 12.31 -20.08 7.08
C LEU B 153 13.39 -21.09 7.49
N GLU B 154 13.20 -21.69 8.65
CA GLU B 154 14.15 -22.68 9.17
C GLU B 154 14.33 -23.83 8.18
N GLU B 155 13.40 -23.95 7.25
CA GLU B 155 13.45 -25.02 6.25
C GLU B 155 14.53 -24.72 5.20
N LYS B 156 14.21 -23.82 4.29
CA LYS B 156 15.14 -23.45 3.22
C LYS B 156 16.36 -22.70 3.78
N GLN B 157 16.24 -22.24 5.02
CA GLN B 157 17.33 -21.50 5.67
C GLN B 157 18.68 -22.05 5.24
N GLY B 158 19.24 -21.44 4.19
CA GLY B 158 20.52 -21.87 3.68
C GLY B 158 20.42 -22.42 2.27
N ALA B 159 19.37 -22.02 1.57
CA ALA B 159 19.14 -22.47 0.20
C ALA B 159 19.88 -21.60 -0.80
N GLU B 160 20.83 -22.19 -1.52
CA GLU B 160 21.60 -21.48 -2.51
C GLU B 160 20.87 -21.43 -3.84
N ILE B 161 19.91 -20.51 -3.96
CA ILE B 161 19.14 -20.37 -5.19
C ILE B 161 20.03 -19.88 -6.34
N ASP B 162 21.06 -20.68 -6.65
CA ASP B 162 22.02 -20.39 -7.71
C ASP B 162 23.44 -20.70 -7.22
N GLY B 163 23.58 -20.84 -5.91
CA GLY B 163 24.88 -21.13 -5.33
C GLY B 163 25.46 -19.94 -4.60
N ARG B 164 24.59 -19.22 -3.87
CA ARG B 164 25.02 -18.05 -3.13
C ARG B 164 24.49 -18.08 -1.69
N SER B 165 23.75 -19.13 -1.35
CA SER B 165 23.19 -19.25 -0.01
C SER B 165 22.47 -17.96 0.37
N VAL B 166 21.20 -17.88 0.02
CA VAL B 166 20.39 -16.70 0.32
C VAL B 166 20.16 -16.53 1.82
N SER B 167 19.99 -15.28 2.24
CA SER B 167 19.74 -14.98 3.65
C SER B 167 18.25 -14.77 3.87
N LEU B 168 17.59 -15.81 4.36
CA LEU B 168 16.15 -15.74 4.60
C LEU B 168 15.83 -15.43 6.05
N TYR B 169 15.45 -14.17 6.30
CA TYR B 169 15.09 -13.73 7.64
C TYR B 169 13.58 -13.56 7.73
N TYR B 170 13.06 -13.40 8.94
CA TYR B 170 11.63 -13.24 9.13
C TYR B 170 11.26 -11.78 9.28
N THR B 171 10.02 -11.45 8.92
CA THR B 171 9.54 -10.08 9.02
C THR B 171 8.04 -10.03 9.31
N GLY B 172 7.62 -9.00 10.03
CA GLY B 172 6.22 -8.86 10.37
C GLY B 172 5.91 -9.39 11.75
N GLU B 173 6.47 -10.56 12.08
CA GLU B 173 6.26 -11.17 13.39
C GLU B 173 7.58 -11.64 13.99
N LYS B 174 7.85 -11.21 15.22
CA LYS B 174 9.08 -11.58 15.91
C LYS B 174 8.99 -13.01 16.44
N GLY B 175 7.83 -13.36 16.99
CA GLY B 175 7.65 -14.69 17.53
C GLY B 175 6.30 -15.28 17.18
N GLY B 1 -5.07 16.54 24.84
CA GLY B 1 -6.18 16.11 23.94
C GLY B 1 -5.89 16.41 22.48
N SER B 2 -6.17 15.45 21.62
CA SER B 2 -5.95 15.61 20.19
C SER B 2 -6.81 14.64 19.38
N HIS B 3 -8.12 14.68 19.63
CA HIS B 3 -9.05 13.82 18.93
C HIS B 3 -9.15 14.19 17.45
N MET B 4 -9.60 13.25 16.63
CA MET B 4 -9.73 13.48 15.20
C MET B 4 -10.24 12.23 14.49
N VAL B 5 -10.94 12.43 13.38
CA VAL B 5 -11.49 11.33 12.62
C VAL B 5 -12.46 10.50 13.45
N GLU B 6 -13.59 10.13 12.84
CA GLU B 6 -14.60 9.33 13.54
C GLU B 6 -15.30 8.38 12.57
N GLY B 7 -15.66 7.21 13.07
CA GLY B 7 -16.33 6.22 12.24
C GLY B 7 -15.47 5.02 11.95
N SER B 8 -16.03 3.82 12.11
CA SER B 8 -15.30 2.59 11.85
C SER B 8 -15.90 1.83 10.68
N GLU B 9 -17.23 1.83 10.60
CA GLU B 9 -17.94 1.14 9.53
C GLU B 9 -18.25 2.09 8.38
N SER B 10 -17.67 3.29 8.43
CA SER B 10 -17.90 4.29 7.40
C SER B 10 -19.36 4.70 7.35
N THR B 11 -19.73 5.42 6.29
CA THR B 11 -21.10 5.88 6.12
C THR B 11 -21.64 5.52 4.74
N THR B 12 -20.79 5.63 3.73
CA THR B 12 -21.16 5.31 2.36
C THR B 12 -19.98 4.78 1.56
N PRO B 13 -20.25 4.01 0.50
CA PRO B 13 -19.21 3.44 -0.35
C PRO B 13 -18.52 4.50 -1.20
N PHE B 14 -19.25 5.55 -1.55
CA PHE B 14 -18.71 6.64 -2.36
C PHE B 14 -17.26 6.90 -2.00
N ASN B 15 -16.35 6.25 -2.72
CA ASN B 15 -14.92 6.40 -2.48
C ASN B 15 -14.23 7.02 -3.69
N LEU B 16 -13.05 7.58 -3.46
CA LEU B 16 -12.27 8.20 -4.53
C LEU B 16 -10.82 8.38 -4.11
N PHE B 17 -9.90 8.01 -4.99
CA PHE B 17 -8.47 8.12 -4.71
C PHE B 17 -7.90 9.39 -5.34
N ILE B 18 -6.74 9.81 -4.85
CA ILE B 18 -6.09 11.00 -5.36
C ILE B 18 -4.57 10.79 -5.45
N GLY B 19 -4.03 10.95 -6.65
CA GLY B 19 -2.62 10.78 -6.86
C GLY B 19 -2.08 11.71 -7.93
N ASN B 20 -0.76 11.70 -8.12
CA ASN B 20 -0.10 12.54 -9.11
C ASN B 20 0.23 13.91 -8.52
N LEU B 21 -0.65 14.42 -7.67
CA LEU B 21 -0.45 15.70 -7.02
C LEU B 21 0.23 16.69 -7.97
N ASN B 22 1.56 16.76 -7.90
CA ASN B 22 2.33 17.66 -8.75
C ASN B 22 3.82 17.58 -8.38
N PRO B 23 4.70 18.28 -9.12
CA PRO B 23 6.14 18.26 -8.85
C PRO B 23 6.48 18.55 -7.39
N ASN B 24 5.69 19.42 -6.77
CA ASN B 24 5.91 19.76 -5.37
C ASN B 24 4.64 19.51 -4.55
N LYS B 25 4.80 19.08 -3.31
CA LYS B 25 3.66 18.80 -2.45
C LYS B 25 4.10 18.34 -1.07
N SER B 26 3.12 18.10 -0.20
CA SER B 26 3.38 17.67 1.17
C SER B 26 2.15 17.00 1.76
N VAL B 27 2.30 15.76 2.21
CA VAL B 27 1.19 15.03 2.82
C VAL B 27 0.34 16.00 3.62
N ALA B 28 0.91 16.50 4.72
CA ALA B 28 0.22 17.45 5.57
C ALA B 28 -0.69 18.33 4.73
N GLU B 29 -0.10 19.11 3.82
CA GLU B 29 -0.91 19.98 2.97
C GLU B 29 -2.10 19.24 2.39
N LEU B 30 -1.83 18.20 1.60
CA LEU B 30 -2.91 17.42 1.00
C LEU B 30 -4.11 17.36 1.94
N LYS B 31 -3.88 16.84 3.14
CA LYS B 31 -4.93 16.73 4.14
C LYS B 31 -5.71 18.04 4.24
N VAL B 32 -4.99 19.15 4.30
CA VAL B 32 -5.62 20.47 4.39
C VAL B 32 -6.15 20.91 3.03
N ALA B 33 -5.24 21.19 2.08
CA ALA B 33 -5.64 21.63 0.76
C ALA B 33 -6.95 20.98 0.34
N ILE B 34 -7.08 19.68 0.62
CA ILE B 34 -8.30 18.95 0.31
C ILE B 34 -9.40 19.33 1.28
N SER B 35 -9.03 19.40 2.56
CA SER B 35 -9.98 19.77 3.61
C SER B 35 -10.62 21.12 3.27
N GLU B 36 -9.81 22.02 2.74
CA GLU B 36 -10.26 23.35 2.36
C GLU B 36 -11.21 23.28 1.16
N LEU B 37 -10.82 22.47 0.17
CA LEU B 37 -11.63 22.31 -1.03
C LEU B 37 -12.94 21.61 -0.71
N PHE B 38 -12.87 20.46 -0.07
CA PHE B 38 -14.05 19.69 0.30
C PHE B 38 -14.86 20.41 1.38
N ALA B 39 -14.23 21.38 2.05
CA ALA B 39 -14.89 22.13 3.10
C ALA B 39 -15.76 23.23 2.51
N LYS B 40 -15.15 24.06 1.66
CA LYS B 40 -15.87 25.16 1.02
C LYS B 40 -16.86 24.65 -0.02
N ASN B 41 -16.65 23.43 -0.48
CA ASN B 41 -17.54 22.83 -1.48
C ASN B 41 -18.88 22.47 -0.86
N ASP B 42 -18.93 22.47 0.47
CA ASP B 42 -20.16 22.15 1.19
C ASP B 42 -20.52 20.67 1.03
N LEU B 43 -19.62 19.91 0.41
CA LEU B 43 -19.84 18.49 0.19
C LEU B 43 -19.66 17.70 1.47
N ALA B 44 -19.22 18.39 2.53
CA ALA B 44 -18.99 17.75 3.82
C ALA B 44 -18.33 16.38 3.65
N VAL B 45 -17.04 16.38 3.34
CA VAL B 45 -16.30 15.14 3.16
C VAL B 45 -16.51 14.21 4.35
N VAL B 46 -16.49 12.91 4.09
CA VAL B 46 -16.67 11.92 5.15
C VAL B 46 -15.36 11.22 5.50
N ASP B 47 -14.72 10.64 4.49
CA ASP B 47 -13.45 9.94 4.70
C ASP B 47 -12.30 10.67 4.01
N VAL B 48 -11.12 10.62 4.63
CA VAL B 48 -9.94 11.27 4.07
C VAL B 48 -8.66 10.71 4.67
N ARG B 49 -8.07 9.74 3.99
CA ARG B 49 -6.83 9.12 4.46
C ARG B 49 -5.72 9.30 3.44
N THR B 50 -4.52 9.63 3.95
CA THR B 50 -3.37 9.84 3.08
C THR B 50 -2.28 8.81 3.34
N GLY B 51 -1.22 8.86 2.53
CA GLY B 51 -0.12 7.92 2.69
C GLY B 51 1.18 8.61 3.05
N THR B 52 1.86 8.06 4.07
CA THR B 52 3.14 8.60 4.55
C THR B 52 4.29 8.24 3.61
N ASN B 53 5.49 8.72 3.96
CA ASN B 53 6.66 8.49 3.13
C ASN B 53 6.47 9.22 1.80
N ARG B 54 5.47 10.10 1.81
CA ARG B 54 5.08 10.91 0.66
C ARG B 54 3.67 11.39 0.93
N LYS B 55 2.91 11.68 -0.11
CA LYS B 55 1.55 12.15 0.12
C LYS B 55 0.54 11.47 -0.79
N PHE B 56 -0.09 10.42 -0.27
CA PHE B 56 -1.12 9.71 -1.01
C PHE B 56 -2.49 10.22 -0.57
N GLY B 57 -3.50 10.16 -1.44
CA GLY B 57 -4.81 10.66 -1.06
C GLY B 57 -5.96 9.71 -1.31
N TYR B 58 -6.88 9.65 -0.35
CA TYR B 58 -8.08 8.82 -0.43
C TYR B 58 -9.21 9.52 0.31
N VAL B 59 -10.43 9.37 -0.17
CA VAL B 59 -11.56 10.03 0.48
C VAL B 59 -12.91 9.51 0.00
N ASP B 60 -13.86 9.45 0.93
CA ASP B 60 -15.22 9.01 0.64
C ASP B 60 -16.18 10.18 0.77
N PHE B 61 -17.29 10.14 0.05
CA PHE B 61 -18.27 11.21 0.09
C PHE B 61 -19.44 10.85 1.00
N GLU B 62 -20.35 11.82 1.18
CA GLU B 62 -21.52 11.61 2.03
C GLU B 62 -22.80 11.57 1.19
N SER B 63 -22.68 11.95 -0.08
CA SER B 63 -23.83 11.96 -0.98
C SER B 63 -23.38 11.78 -2.42
N ALA B 64 -24.35 11.53 -3.31
CA ALA B 64 -24.06 11.34 -4.72
C ALA B 64 -24.05 12.67 -5.46
N GLU B 65 -24.67 13.68 -4.87
CA GLU B 65 -24.73 15.01 -5.48
C GLU B 65 -23.39 15.72 -5.35
N ASP B 66 -23.06 16.11 -4.12
CA ASP B 66 -21.79 16.80 -3.86
C ASP B 66 -20.62 16.02 -4.46
N LEU B 67 -20.83 14.73 -4.67
CA LEU B 67 -19.80 13.87 -5.24
C LEU B 67 -19.68 14.09 -6.74
N GLU B 68 -20.82 14.11 -7.42
CA GLU B 68 -20.84 14.32 -8.86
C GLU B 68 -20.20 15.66 -9.23
N LYS B 69 -20.53 16.70 -8.47
CA LYS B 69 -19.99 18.03 -8.71
C LYS B 69 -18.52 18.10 -8.31
N ALA B 70 -18.26 17.85 -7.03
CA ALA B 70 -16.89 17.89 -6.51
C ALA B 70 -15.94 17.14 -7.44
N LEU B 71 -16.38 15.98 -7.92
CA LEU B 71 -15.58 15.16 -8.82
C LEU B 71 -15.43 15.83 -10.18
N GLU B 72 -16.52 16.44 -10.65
CA GLU B 72 -16.51 17.12 -11.94
C GLU B 72 -15.34 18.10 -12.04
N LEU B 73 -15.19 18.94 -11.01
CA LEU B 73 -14.12 19.91 -10.98
C LEU B 73 -12.78 19.28 -11.31
N THR B 74 -12.36 19.42 -12.56
CA THR B 74 -11.09 18.86 -13.01
C THR B 74 -9.91 19.61 -12.41
N GLY B 75 -10.17 20.82 -11.94
CA GLY B 75 -9.12 21.63 -11.34
C GLY B 75 -9.12 21.55 -9.83
N LEU B 76 -9.23 20.33 -9.30
CA LEU B 76 -9.24 20.13 -7.86
C LEU B 76 -7.84 19.90 -7.32
N LYS B 77 -6.83 20.29 -8.10
CA LYS B 77 -5.44 20.11 -7.69
C LYS B 77 -5.10 21.00 -6.49
N VAL B 78 -4.69 20.37 -5.40
CA VAL B 78 -4.34 21.10 -4.19
C VAL B 78 -3.40 22.26 -4.48
N PHE B 79 -2.69 22.19 -5.61
CA PHE B 79 -1.76 23.24 -5.99
C PHE B 79 -2.18 23.90 -7.30
N GLY B 80 -1.62 23.41 -8.41
CA GLY B 80 -1.95 23.97 -9.71
C GLY B 80 -1.31 23.20 -10.85
N ASN B 81 -1.14 21.90 -10.67
CA ASN B 81 -0.54 21.06 -11.69
C ASN B 81 -1.57 20.11 -12.30
N GLU B 82 -2.69 19.96 -11.61
CA GLU B 82 -3.76 19.09 -12.09
C GLU B 82 -3.53 17.64 -11.66
N ILE B 83 -4.15 17.26 -10.55
CA ILE B 83 -4.02 15.91 -10.02
C ILE B 83 -4.92 14.94 -10.79
N LYS B 84 -5.05 13.72 -10.27
CA LYS B 84 -5.89 12.72 -10.92
C LYS B 84 -6.55 11.79 -9.89
N LEU B 85 -7.86 11.66 -9.98
CA LEU B 85 -8.61 10.80 -9.07
C LEU B 85 -8.90 9.45 -9.73
N GLU B 86 -9.15 8.43 -8.92
CA GLU B 86 -9.43 7.10 -9.45
C GLU B 86 -9.89 6.14 -8.36
N LYS B 87 -10.24 4.92 -8.77
CA LYS B 87 -10.68 3.90 -7.84
C LYS B 87 -9.62 2.80 -7.75
N PRO B 88 -8.73 2.90 -6.75
CA PRO B 88 -7.65 1.92 -6.55
C PRO B 88 -8.14 0.52 -6.25
N LYS B 89 -8.56 0.29 -4.99
CA LYS B 89 -9.05 -1.03 -4.55
C LYS B 89 -8.65 -1.29 -3.10
N GLY B 90 -9.62 -1.21 -2.19
CA GLY B 90 -9.39 -1.45 -0.77
C GLY B 90 -8.00 -1.97 -0.44
N ARG B 91 -7.93 -3.22 0.01
CA ARG B 91 -6.66 -3.84 0.36
C ARG B 91 -6.26 -3.54 1.81
N ASP B 92 -4.96 -3.60 2.08
CA ASP B 92 -4.42 -3.33 3.42
C ASP B 92 -2.99 -3.84 3.54
N SER B 93 -2.03 -2.92 3.52
CA SER B 93 -0.62 -3.27 3.62
C SER B 93 0.23 -2.04 3.93
N LYS B 94 -0.15 -1.32 4.99
CA LYS B 94 0.57 -0.12 5.40
C LYS B 94 1.73 -0.47 6.33
N LYS B 95 2.02 0.43 7.28
CA LYS B 95 3.10 0.22 8.24
C LYS B 95 3.22 -1.27 8.59
N VAL B 96 2.10 -1.99 8.54
CA VAL B 96 2.07 -3.42 8.85
C VAL B 96 3.35 -4.12 8.39
N ARG B 97 4.00 -3.58 7.35
CA ARG B 97 5.22 -4.17 6.83
C ARG B 97 4.96 -5.57 6.28
N ALA B 98 3.92 -5.69 5.46
CA ALA B 98 3.56 -6.97 4.87
C ALA B 98 2.65 -7.76 5.79
N ALA B 99 2.63 -7.39 7.07
CA ALA B 99 1.78 -8.07 8.05
C ALA B 99 2.24 -9.51 8.26
N ARG B 100 2.05 -10.35 7.26
CA ARG B 100 2.44 -11.76 7.34
C ARG B 100 3.33 -12.16 6.18
N THR B 101 4.49 -11.50 6.06
CA THR B 101 5.43 -11.80 5.00
C THR B 101 6.86 -11.59 5.47
N LEU B 102 7.82 -12.18 4.75
CA LEU B 102 9.22 -12.04 5.11
C LEU B 102 10.04 -11.58 3.92
N LEU B 103 11.06 -10.77 4.17
CA LEU B 103 11.92 -10.25 3.12
C LEU B 103 13.22 -11.06 3.02
N ALA B 104 13.49 -11.57 1.82
CA ALA B 104 14.69 -12.35 1.57
C ALA B 104 15.77 -11.48 0.94
N LYS B 105 16.91 -11.35 1.62
CA LYS B 105 18.01 -10.54 1.13
C LYS B 105 19.12 -11.42 0.54
N ASN B 106 20.15 -10.78 -0.01
CA ASN B 106 21.26 -11.51 -0.59
C ASN B 106 20.86 -12.15 -1.92
N LEU B 107 20.12 -11.39 -2.73
CA LEU B 107 19.67 -11.89 -4.03
C LEU B 107 20.83 -11.90 -5.03
N SER B 108 20.56 -12.37 -6.24
CA SER B 108 21.56 -12.44 -7.28
C SER B 108 21.07 -11.79 -8.57
N PHE B 109 19.96 -11.05 -8.46
CA PHE B 109 19.37 -10.37 -9.62
C PHE B 109 18.86 -11.39 -10.63
N ASN B 110 19.78 -12.21 -11.15
CA ASN B 110 19.42 -13.23 -12.14
C ASN B 110 18.32 -14.14 -11.59
N ILE B 111 18.48 -14.59 -10.36
CA ILE B 111 17.50 -15.48 -9.73
C ILE B 111 16.09 -15.05 -10.10
N THR B 112 15.13 -15.94 -9.87
CA THR B 112 13.74 -15.67 -10.19
C THR B 112 12.79 -16.43 -9.26
N GLU B 113 11.58 -16.67 -9.75
CA GLU B 113 10.58 -17.40 -8.96
C GLU B 113 10.94 -18.88 -8.86
N ASP B 114 11.69 -19.38 -9.84
CA ASP B 114 12.10 -20.76 -9.85
C ASP B 114 12.86 -21.09 -8.56
N GLU B 115 13.98 -20.41 -8.35
CA GLU B 115 14.78 -20.62 -7.16
C GLU B 115 14.03 -20.17 -5.91
N LEU B 116 13.42 -18.98 -5.98
CA LEU B 116 12.65 -18.46 -4.86
C LEU B 116 11.60 -19.46 -4.41
N LYS B 117 10.50 -19.53 -5.17
CA LYS B 117 9.44 -20.47 -4.86
C LYS B 117 10.04 -21.82 -4.49
N GLU B 118 11.15 -22.16 -5.13
CA GLU B 118 11.84 -23.42 -4.88
C GLU B 118 12.27 -23.50 -3.41
N VAL B 119 12.74 -22.36 -2.88
CA VAL B 119 13.20 -22.31 -1.50
C VAL B 119 12.02 -22.08 -0.55
N PHE B 120 11.17 -21.12 -0.91
CA PHE B 120 10.00 -20.79 -0.10
C PHE B 120 8.77 -21.54 -0.61
N GLU B 121 8.76 -22.86 -0.39
CA GLU B 121 7.64 -23.70 -0.83
C GLU B 121 6.32 -23.18 -0.27
N ASP B 122 6.11 -23.37 1.03
CA ASP B 122 4.89 -22.92 1.68
C ASP B 122 4.47 -21.53 1.19
N ALA B 123 5.46 -20.75 0.77
CA ALA B 123 5.21 -19.40 0.27
C ALA B 123 3.89 -19.34 -0.49
N LEU B 124 3.03 -18.41 -0.08
CA LEU B 124 1.74 -18.23 -0.72
C LEU B 124 1.77 -17.05 -1.69
N GLU B 125 2.75 -16.18 -1.52
CA GLU B 125 2.88 -15.01 -2.38
C GLU B 125 4.35 -14.70 -2.66
N ILE B 126 4.75 -14.80 -3.93
CA ILE B 126 6.14 -14.53 -4.32
C ILE B 126 6.27 -13.14 -4.94
N ARG B 127 6.96 -12.25 -4.22
CA ARG B 127 7.16 -10.89 -4.70
C ARG B 127 8.66 -10.58 -4.82
N LEU B 128 9.02 -9.84 -5.85
CA LEU B 128 10.42 -9.49 -6.07
C LEU B 128 10.68 -8.02 -5.75
N VAL B 129 11.55 -7.77 -4.78
CA VAL B 129 11.90 -6.41 -4.38
C VAL B 129 13.20 -5.97 -5.02
N SER B 130 13.10 -5.26 -6.14
CA SER B 130 14.28 -4.77 -6.85
C SER B 130 13.88 -4.06 -8.13
N GLN B 131 13.67 -2.74 -8.03
CA GLN B 131 13.28 -1.93 -9.17
C GLN B 131 13.72 -0.49 -8.99
N ASP B 132 13.05 0.43 -9.67
CA ASP B 132 13.37 1.85 -9.58
C ASP B 132 14.50 2.21 -10.55
N GLY B 133 15.55 1.40 -10.55
CA GLY B 133 16.67 1.66 -11.43
C GLY B 133 18.01 1.41 -10.74
N LYS B 134 18.06 1.70 -9.45
CA LYS B 134 19.28 1.52 -8.68
C LYS B 134 19.35 0.12 -8.08
N SER B 135 18.53 -0.78 -8.61
CA SER B 135 18.49 -2.16 -8.12
C SER B 135 18.27 -2.21 -6.62
N LYS B 136 18.22 -3.43 -6.07
CA LYS B 136 18.02 -3.61 -4.65
C LYS B 136 18.60 -4.95 -4.19
N GLY B 137 18.22 -6.02 -4.89
CA GLY B 137 18.72 -7.33 -4.56
C GLY B 137 17.97 -7.98 -3.41
N ILE B 138 16.65 -7.81 -3.39
CA ILE B 138 15.82 -8.38 -2.34
C ILE B 138 14.55 -9.00 -2.90
N ALA B 139 14.09 -10.07 -2.28
CA ALA B 139 12.87 -10.75 -2.70
C ALA B 139 11.92 -10.90 -1.52
N TYR B 140 10.69 -10.42 -1.69
CA TYR B 140 9.70 -10.50 -0.62
C TYR B 140 8.78 -11.69 -0.81
N ILE B 141 8.68 -12.52 0.22
CA ILE B 141 7.83 -13.71 0.18
C ILE B 141 6.86 -13.75 1.35
N GLU B 142 5.57 -13.72 1.04
CA GLU B 142 4.53 -13.77 2.06
C GLU B 142 3.98 -15.18 2.22
N PHE B 143 3.45 -15.48 3.41
CA PHE B 143 2.90 -16.80 3.68
C PHE B 143 1.43 -16.68 4.11
N LYS B 144 1.09 -17.19 5.29
CA LYS B 144 -0.28 -17.12 5.79
C LYS B 144 -0.34 -16.59 7.22
N SER B 145 0.83 -16.35 7.80
CA SER B 145 0.91 -15.83 9.16
C SER B 145 2.34 -15.90 9.69
N GLU B 146 2.49 -15.75 10.99
CA GLU B 146 3.81 -15.79 11.63
C GLU B 146 4.33 -17.23 11.71
N ALA B 147 3.42 -18.19 11.55
CA ALA B 147 3.77 -19.60 11.61
C ALA B 147 4.83 -19.94 10.56
N ASP B 148 4.44 -19.86 9.29
CA ASP B 148 5.36 -20.16 8.19
C ASP B 148 6.50 -19.15 8.14
N ALA B 149 6.18 -17.88 8.38
CA ALA B 149 7.17 -16.83 8.36
C ALA B 149 8.35 -17.17 9.26
N GLU B 150 8.07 -17.36 10.54
CA GLU B 150 9.12 -17.69 11.51
C GLU B 150 9.69 -19.08 11.23
N LYS B 151 8.83 -20.09 11.26
CA LYS B 151 9.25 -21.46 11.02
C LYS B 151 10.29 -21.51 9.90
N ASN B 152 9.83 -21.31 8.67
CA ASN B 152 10.71 -21.34 7.51
C ASN B 152 11.88 -20.38 7.71
N LEU B 153 11.57 -19.15 8.08
CA LEU B 153 12.61 -18.14 8.31
C LEU B 153 13.85 -18.76 8.92
N GLU B 154 13.65 -19.71 9.81
CA GLU B 154 14.77 -20.38 10.48
C GLU B 154 15.26 -21.58 9.67
N GLU B 155 14.33 -22.33 9.10
CA GLU B 155 14.68 -23.51 8.31
C GLU B 155 15.37 -23.11 7.01
N LYS B 156 14.64 -22.42 6.14
CA LYS B 156 15.18 -21.99 4.86
C LYS B 156 16.38 -21.05 5.04
N GLN B 157 16.53 -20.54 6.26
CA GLN B 157 17.65 -19.64 6.57
C GLN B 157 18.94 -20.15 5.94
N GLY B 158 19.34 -19.52 4.83
CA GLY B 158 20.55 -19.92 4.15
C GLY B 158 20.43 -21.29 3.51
N ALA B 159 20.04 -21.31 2.24
CA ALA B 159 19.88 -22.56 1.51
C ALA B 159 20.88 -22.64 0.36
N GLU B 160 20.75 -21.73 -0.60
CA GLU B 160 21.64 -21.70 -1.75
C GLU B 160 21.23 -20.60 -2.72
N ILE B 161 20.09 -20.79 -3.39
CA ILE B 161 19.59 -19.82 -4.34
C ILE B 161 20.67 -19.41 -5.34
N ASP B 162 21.68 -20.28 -5.48
CA ASP B 162 22.81 -20.05 -6.39
C ASP B 162 24.13 -20.44 -5.73
N GLY B 163 24.07 -20.81 -4.45
CA GLY B 163 25.26 -21.19 -3.72
C GLY B 163 25.85 -20.03 -2.95
N ARG B 164 24.98 -19.12 -2.52
CA ARG B 164 25.40 -17.96 -1.77
C ARG B 164 24.64 -17.85 -0.45
N SER B 165 23.85 -18.88 -0.14
CA SER B 165 23.06 -18.88 1.08
C SER B 165 22.37 -17.53 1.25
N VAL B 166 21.19 -17.41 0.65
CA VAL B 166 20.42 -16.18 0.71
C VAL B 166 20.03 -15.81 2.14
N SER B 167 19.58 -14.57 2.32
CA SER B 167 19.14 -14.08 3.61
C SER B 167 17.61 -14.00 3.66
N LEU B 168 17.05 -14.13 4.85
CA LEU B 168 15.61 -14.07 5.00
C LEU B 168 15.20 -13.53 6.37
N TYR B 169 14.53 -12.39 6.37
CA TYR B 169 14.07 -11.77 7.61
C TYR B 169 12.55 -11.76 7.65
N TYR B 170 11.99 -11.49 8.83
CA TYR B 170 10.55 -11.46 8.98
C TYR B 170 10.01 -10.04 8.87
N THR B 171 8.83 -9.90 8.29
CA THR B 171 8.20 -8.59 8.13
C THR B 171 6.72 -8.64 8.49
N GLY B 172 6.34 -7.85 9.48
CA GLY B 172 4.95 -7.82 9.91
C GLY B 172 4.76 -8.41 11.31
N GLU B 173 4.02 -9.51 11.38
CA GLU B 173 3.76 -10.16 12.66
C GLU B 173 2.88 -9.29 13.55
N LYS B 174 1.80 -9.86 14.05
CA LYS B 174 0.87 -9.14 14.90
C LYS B 174 0.45 -9.99 16.10
N GLY B 175 -0.08 -11.17 15.80
CA GLY B 175 -0.52 -12.08 16.86
C GLY B 175 -1.89 -11.72 17.38
N GLY B 1 -16.19 -8.04 0.18
CA GLY B 1 -16.65 -8.73 1.41
C GLY B 1 -18.16 -8.84 1.48
N SER B 2 -18.84 -7.70 1.50
CA SER B 2 -20.30 -7.67 1.57
C SER B 2 -20.79 -8.10 2.94
N HIS B 3 -20.55 -7.25 3.95
CA HIS B 3 -20.95 -7.54 5.31
C HIS B 3 -22.30 -6.89 5.62
N MET B 4 -22.27 -5.61 5.98
CA MET B 4 -23.49 -4.87 6.30
C MET B 4 -23.95 -4.03 5.12
N VAL B 5 -25.13 -3.46 5.23
CA VAL B 5 -25.69 -2.63 4.16
C VAL B 5 -25.75 -3.40 2.85
N GLU B 6 -26.06 -2.69 1.77
CA GLU B 6 -26.15 -3.30 0.45
C GLU B 6 -24.82 -3.21 -0.29
N GLY B 7 -23.73 -3.34 0.46
CA GLY B 7 -22.42 -3.27 -0.15
C GLY B 7 -21.53 -2.23 0.52
N SER B 8 -20.66 -2.68 1.42
CA SER B 8 -19.76 -1.77 2.13
C SER B 8 -18.91 -2.55 3.14
N GLU B 9 -17.59 -2.50 2.95
CA GLU B 9 -16.67 -3.19 3.84
C GLU B 9 -15.75 -2.20 4.55
N SER B 10 -15.50 -1.06 3.90
CA SER B 10 -14.64 -0.03 4.46
C SER B 10 -15.46 1.13 4.99
N THR B 11 -16.19 0.91 6.07
CA THR B 11 -17.03 1.95 6.66
C THR B 11 -18.10 2.41 5.69
N THR B 12 -17.77 3.43 4.90
CA THR B 12 -18.72 3.97 3.94
C THR B 12 -18.14 3.99 2.53
N PRO B 13 -18.98 3.76 1.52
CA PRO B 13 -18.55 3.75 0.11
C PRO B 13 -18.32 5.16 -0.43
N PHE B 14 -18.30 5.27 -1.75
CA PHE B 14 -18.09 6.57 -2.39
C PHE B 14 -16.77 7.19 -1.94
N ASN B 15 -15.66 6.52 -2.29
CA ASN B 15 -14.34 7.00 -1.92
C ASN B 15 -13.61 7.57 -3.12
N LEU B 16 -12.70 8.52 -2.86
CA LEU B 16 -11.93 9.15 -3.92
C LEU B 16 -10.57 9.58 -3.39
N PHE B 17 -9.60 9.72 -4.30
CA PHE B 17 -8.25 10.13 -3.92
C PHE B 17 -7.59 10.93 -5.04
N ILE B 18 -6.89 12.00 -4.65
CA ILE B 18 -6.22 12.85 -5.61
C ILE B 18 -4.74 12.51 -5.72
N GLY B 19 -4.22 12.55 -6.95
CA GLY B 19 -2.82 12.24 -7.19
C GLY B 19 -2.04 13.44 -7.68
N ASN B 20 -0.73 13.27 -7.83
CA ASN B 20 0.14 14.34 -8.30
C ASN B 20 0.38 15.38 -7.20
N LEU B 21 -0.62 16.23 -6.98
CA LEU B 21 -0.53 17.28 -5.98
C LEU B 21 0.86 17.91 -5.97
N ASN B 22 1.06 18.88 -6.85
CA ASN B 22 2.35 19.57 -6.95
C ASN B 22 3.02 19.69 -5.59
N PRO B 23 3.92 18.73 -5.27
CA PRO B 23 4.64 18.72 -3.99
C PRO B 23 5.77 19.74 -3.97
N ASN B 24 5.41 21.02 -4.03
CA ASN B 24 6.39 22.09 -4.01
C ASN B 24 6.22 22.97 -2.78
N LYS B 25 5.13 23.73 -2.75
CA LYS B 25 4.84 24.62 -1.63
C LYS B 25 4.90 23.87 -0.30
N SER B 26 3.82 23.17 0.01
CA SER B 26 3.74 22.42 1.26
C SER B 26 2.66 21.35 1.18
N VAL B 27 3.07 20.11 0.95
CA VAL B 27 2.11 19.00 0.89
C VAL B 27 1.02 19.20 1.91
N ALA B 28 1.41 19.26 3.18
CA ALA B 28 0.47 19.46 4.28
C ALA B 28 -0.71 20.31 3.81
N GLU B 29 -0.43 21.53 3.37
CA GLU B 29 -1.48 22.42 2.90
C GLU B 29 -2.35 21.72 1.87
N LEU B 30 -1.72 21.19 0.83
CA LEU B 30 -2.44 20.50 -0.22
C LEU B 30 -3.59 19.68 0.39
N LYS B 31 -3.24 18.78 1.29
CA LYS B 31 -4.23 17.93 1.95
C LYS B 31 -5.36 18.79 2.52
N VAL B 32 -5.01 19.84 3.25
CA VAL B 32 -6.01 20.72 3.83
C VAL B 32 -6.83 21.37 2.74
N ALA B 33 -6.19 22.13 1.84
CA ALA B 33 -6.90 22.80 0.76
C ALA B 33 -8.08 21.97 0.29
N ILE B 34 -7.85 20.71 -0.04
CA ILE B 34 -8.91 19.83 -0.49
C ILE B 34 -9.92 19.63 0.64
N SER B 35 -9.40 19.49 1.86
CA SER B 35 -10.22 19.32 3.04
C SER B 35 -11.20 20.49 3.15
N GLU B 36 -10.68 21.69 3.02
CA GLU B 36 -11.48 22.90 3.08
C GLU B 36 -12.58 22.85 2.02
N LEU B 37 -12.23 22.34 0.84
CA LEU B 37 -13.18 22.22 -0.26
C LEU B 37 -14.25 21.18 0.09
N PHE B 38 -13.79 19.95 0.37
CA PHE B 38 -14.71 18.87 0.72
C PHE B 38 -15.60 19.26 1.89
N ALA B 39 -15.22 20.31 2.61
CA ALA B 39 -16.00 20.78 3.74
C ALA B 39 -17.17 21.62 3.27
N LYS B 40 -16.86 22.69 2.54
CA LYS B 40 -17.89 23.60 2.04
C LYS B 40 -18.51 23.08 0.75
N ASN B 41 -18.15 21.87 0.34
CA ASN B 41 -18.69 21.28 -0.88
C ASN B 41 -19.68 20.18 -0.55
N ASP B 42 -20.25 20.24 0.65
CA ASP B 42 -21.21 19.24 1.11
C ASP B 42 -20.59 17.86 1.07
N LEU B 43 -21.41 16.83 1.24
CA LEU B 43 -20.95 15.45 1.24
C LEU B 43 -20.36 15.07 2.59
N ALA B 44 -20.24 16.06 3.48
CA ALA B 44 -19.69 15.83 4.81
C ALA B 44 -18.61 14.77 4.81
N VAL B 45 -17.41 15.14 4.34
CA VAL B 45 -16.29 14.20 4.31
C VAL B 45 -16.20 13.43 5.62
N VAL B 46 -16.15 12.11 5.54
CA VAL B 46 -16.08 11.28 6.73
C VAL B 46 -14.72 10.62 6.89
N ASP B 47 -14.20 10.03 5.81
CA ASP B 47 -12.91 9.37 5.85
C ASP B 47 -11.81 10.27 5.32
N VAL B 48 -10.76 10.45 6.12
CA VAL B 48 -9.62 11.29 5.74
C VAL B 48 -8.31 10.55 5.96
N ARG B 49 -7.81 9.91 4.91
CA ARG B 49 -6.56 9.16 4.99
C ARG B 49 -5.60 9.62 3.89
N THR B 50 -4.38 9.96 4.28
CA THR B 50 -3.38 10.41 3.32
C THR B 50 -2.40 9.30 2.98
N GLY B 51 -1.83 9.37 1.78
CA GLY B 51 -0.86 8.36 1.37
C GLY B 51 0.53 8.71 1.82
N THR B 52 0.89 8.24 3.02
CA THR B 52 2.20 8.50 3.62
C THR B 52 2.28 9.91 4.19
N ASN B 53 2.63 10.85 3.32
CA ASN B 53 2.75 12.25 3.69
C ASN B 53 3.33 13.04 2.53
N ARG B 54 2.86 12.69 1.34
CA ARG B 54 3.30 13.32 0.11
C ARG B 54 3.02 12.41 -1.08
N LYS B 55 2.83 11.12 -0.80
CA LYS B 55 2.55 10.14 -1.84
C LYS B 55 1.22 10.44 -2.53
N PHE B 56 0.13 10.36 -1.78
CA PHE B 56 -1.20 10.63 -2.35
C PHE B 56 -2.17 11.14 -1.30
N GLY B 57 -3.37 11.49 -1.74
CA GLY B 57 -4.39 11.99 -0.83
C GLY B 57 -5.67 11.17 -0.90
N TYR B 58 -5.89 10.34 0.10
CA TYR B 58 -7.06 9.47 0.14
C TYR B 58 -8.18 10.07 0.99
N VAL B 59 -9.42 9.89 0.53
CA VAL B 59 -10.59 10.41 1.23
C VAL B 59 -11.85 9.64 0.83
N ASP B 60 -12.75 9.43 1.79
CA ASP B 60 -13.99 8.70 1.54
C ASP B 60 -15.20 9.56 1.88
N PHE B 61 -16.26 9.42 1.09
CA PHE B 61 -17.49 10.17 1.30
C PHE B 61 -18.57 9.29 1.91
N GLU B 62 -19.70 9.91 2.27
CA GLU B 62 -20.80 9.19 2.87
C GLU B 62 -22.09 9.37 2.06
N SER B 63 -21.93 9.49 0.74
CA SER B 63 -23.07 9.68 -0.15
C SER B 63 -22.64 9.58 -1.61
N ALA B 64 -23.47 8.95 -2.43
CA ALA B 64 -23.19 8.80 -3.85
C ALA B 64 -23.36 10.11 -4.59
N GLU B 65 -24.55 10.70 -4.47
CA GLU B 65 -24.84 11.97 -5.13
C GLU B 65 -23.77 13.01 -4.82
N ASP B 66 -23.60 13.32 -3.54
CA ASP B 66 -22.61 14.29 -3.11
C ASP B 66 -21.29 14.10 -3.87
N LEU B 67 -20.79 12.87 -3.87
CA LEU B 67 -19.55 12.56 -4.55
C LEU B 67 -19.58 13.02 -5.99
N GLU B 68 -20.64 12.67 -6.70
CA GLU B 68 -20.80 13.05 -8.10
C GLU B 68 -20.71 14.56 -8.25
N LYS B 69 -21.15 15.30 -7.23
CA LYS B 69 -21.11 16.75 -7.26
C LYS B 69 -19.68 17.26 -7.16
N ALA B 70 -18.99 16.82 -6.10
CA ALA B 70 -17.60 17.23 -5.88
C ALA B 70 -16.75 16.94 -7.11
N LEU B 71 -17.06 15.86 -7.82
CA LEU B 71 -16.33 15.49 -9.01
C LEU B 71 -16.66 16.41 -10.17
N GLU B 72 -17.96 16.63 -10.39
CA GLU B 72 -18.43 17.49 -11.47
C GLU B 72 -17.70 18.83 -11.44
N LEU B 73 -17.62 19.43 -10.26
CA LEU B 73 -16.95 20.72 -10.11
C LEU B 73 -15.46 20.60 -10.39
N THR B 74 -14.98 21.37 -11.37
CA THR B 74 -13.57 21.34 -11.75
C THR B 74 -12.72 22.10 -10.74
N GLY B 75 -11.55 22.55 -11.18
CA GLY B 75 -10.67 23.29 -10.30
C GLY B 75 -10.54 22.66 -8.93
N LEU B 76 -10.68 21.34 -8.87
CA LEU B 76 -10.58 20.61 -7.61
C LEU B 76 -9.13 20.51 -7.15
N LYS B 77 -8.22 21.08 -7.93
CA LYS B 77 -6.80 21.05 -7.59
C LYS B 77 -6.57 21.65 -6.20
N VAL B 78 -5.36 22.16 -5.99
CA VAL B 78 -5.01 22.77 -4.70
C VAL B 78 -4.71 24.25 -4.87
N PHE B 79 -3.98 24.59 -5.93
CA PHE B 79 -3.62 25.97 -6.20
C PHE B 79 -3.74 26.29 -7.68
N GLY B 80 -3.22 25.40 -8.53
CA GLY B 80 -3.29 25.60 -9.96
C GLY B 80 -2.23 24.81 -10.71
N ASN B 81 -2.15 23.52 -10.41
CA ASN B 81 -1.17 22.65 -11.06
C ASN B 81 -1.83 21.35 -11.52
N GLU B 82 -3.15 21.32 -11.48
CA GLU B 82 -3.90 20.13 -11.91
C GLU B 82 -3.50 18.91 -11.07
N ILE B 83 -4.42 17.95 -10.98
CA ILE B 83 -4.16 16.74 -10.21
C ILE B 83 -4.75 15.52 -10.89
N LYS B 84 -4.51 14.34 -10.32
CA LYS B 84 -5.02 13.09 -10.88
C LYS B 84 -6.28 12.64 -10.14
N LEU B 85 -7.05 11.77 -10.79
CA LEU B 85 -8.29 11.26 -10.20
C LEU B 85 -8.29 9.74 -10.12
N GLU B 86 -8.43 9.23 -8.90
CA GLU B 86 -8.45 7.78 -8.67
C GLU B 86 -8.95 7.47 -7.27
N LYS B 87 -9.65 6.36 -7.10
CA LYS B 87 -10.18 5.97 -5.80
C LYS B 87 -9.28 4.96 -5.11
N PRO B 88 -9.60 4.62 -3.85
CA PRO B 88 -8.81 3.67 -3.06
C PRO B 88 -8.98 2.23 -3.51
N LYS B 89 -7.86 1.54 -3.70
CA LYS B 89 -7.88 0.15 -4.12
C LYS B 89 -8.23 -0.77 -2.95
N GLY B 90 -8.21 -2.08 -3.19
CA GLY B 90 -8.54 -3.03 -2.16
C GLY B 90 -7.35 -3.87 -1.73
N ARG B 91 -7.51 -4.62 -0.64
CA ARG B 91 -6.46 -5.48 -0.12
C ARG B 91 -5.57 -4.73 0.87
N ASP B 92 -4.71 -3.85 0.34
CA ASP B 92 -3.79 -3.07 1.16
C ASP B 92 -2.54 -2.70 0.36
N SER B 93 -1.52 -3.55 0.45
CA SER B 93 -0.27 -3.33 -0.26
C SER B 93 0.21 -1.89 -0.08
N LYS B 94 0.72 -1.58 1.11
CA LYS B 94 1.21 -0.25 1.41
C LYS B 94 1.58 -0.11 2.88
N LYS B 95 0.67 -0.52 3.75
CA LYS B 95 0.89 -0.44 5.20
C LYS B 95 0.88 -1.83 5.82
N VAL B 96 -0.17 -2.59 5.56
CA VAL B 96 -0.31 -3.93 6.10
C VAL B 96 0.52 -4.94 5.31
N ARG B 97 1.04 -4.50 4.17
CA ARG B 97 1.85 -5.36 3.31
C ARG B 97 2.69 -6.34 4.14
N ALA B 98 3.23 -5.85 5.25
CA ALA B 98 4.06 -6.68 6.12
C ALA B 98 3.25 -7.84 6.69
N ALA B 99 2.17 -7.52 7.40
CA ALA B 99 1.32 -8.53 8.01
C ALA B 99 2.13 -9.74 8.46
N ARG B 100 2.18 -10.78 7.62
CA ARG B 100 2.92 -11.98 7.93
C ARG B 100 3.77 -12.43 6.75
N THR B 101 4.94 -11.80 6.60
CA THR B 101 5.84 -12.12 5.50
C THR B 101 7.29 -12.21 6.00
N LEU B 102 8.19 -12.59 5.10
CA LEU B 102 9.61 -12.70 5.44
C LEU B 102 10.45 -12.27 4.24
N LEU B 103 11.50 -11.50 4.49
CA LEU B 103 12.34 -11.00 3.41
C LEU B 103 13.60 -11.86 3.23
N ALA B 104 13.82 -12.27 1.98
CA ALA B 104 14.98 -13.08 1.65
C ALA B 104 16.06 -12.22 1.01
N LYS B 105 17.24 -12.19 1.64
CA LYS B 105 18.35 -11.38 1.14
C LYS B 105 19.34 -12.24 0.36
N ASN B 106 19.73 -11.73 -0.81
CA ASN B 106 20.68 -12.41 -1.68
C ASN B 106 19.96 -13.27 -2.72
N LEU B 107 19.62 -12.66 -3.85
CA LEU B 107 18.93 -13.36 -4.92
C LEU B 107 19.79 -13.41 -6.17
N SER B 108 20.78 -14.30 -6.18
CA SER B 108 21.68 -14.44 -7.32
C SER B 108 20.91 -14.33 -8.63
N PHE B 109 20.97 -13.16 -9.25
CA PHE B 109 20.28 -12.92 -10.52
C PHE B 109 20.32 -14.15 -11.41
N ASN B 110 19.30 -15.00 -11.29
CA ASN B 110 19.22 -16.23 -12.08
C ASN B 110 18.32 -17.25 -11.39
N ILE B 111 18.26 -17.18 -10.06
CA ILE B 111 17.45 -18.10 -9.28
C ILE B 111 15.96 -17.79 -9.46
N THR B 112 15.50 -16.72 -8.82
CA THR B 112 14.11 -16.32 -8.91
C THR B 112 13.23 -17.14 -7.97
N GLU B 113 11.93 -17.13 -8.23
CA GLU B 113 10.97 -17.86 -7.41
C GLU B 113 11.29 -19.36 -7.40
N ASP B 114 12.12 -19.80 -8.34
CA ASP B 114 12.49 -21.20 -8.40
C ASP B 114 12.80 -21.73 -7.00
N GLU B 115 13.97 -21.40 -6.49
CA GLU B 115 14.38 -21.82 -5.16
C GLU B 115 13.47 -21.20 -4.09
N LEU B 116 13.15 -19.93 -4.26
CA LEU B 116 12.29 -19.23 -3.31
C LEU B 116 11.00 -20.01 -3.09
N LYS B 117 10.08 -19.93 -4.05
CA LYS B 117 8.82 -20.64 -3.97
C LYS B 117 9.06 -22.09 -3.54
N GLU B 118 10.21 -22.64 -3.94
CA GLU B 118 10.56 -24.00 -3.58
C GLU B 118 10.69 -24.12 -2.06
N VAL B 119 11.81 -23.66 -1.53
CA VAL B 119 12.05 -23.72 -0.08
C VAL B 119 10.75 -23.51 0.69
N PHE B 120 9.86 -22.68 0.14
CA PHE B 120 8.58 -22.40 0.77
C PHE B 120 7.45 -23.11 0.03
N GLU B 121 6.21 -22.91 0.47
CA GLU B 121 5.08 -23.56 -0.18
C GLU B 121 4.46 -22.65 -1.23
N ASP B 122 5.31 -21.88 -1.90
CA ASP B 122 4.86 -20.97 -2.94
C ASP B 122 4.40 -19.63 -2.37
N ALA B 123 4.11 -19.63 -1.07
CA ALA B 123 3.66 -18.41 -0.40
C ALA B 123 2.48 -17.80 -1.15
N LEU B 124 1.83 -16.83 -0.52
CA LEU B 124 0.68 -16.17 -1.13
C LEU B 124 1.10 -14.88 -1.83
N GLU B 125 2.33 -14.44 -1.59
CA GLU B 125 2.84 -13.22 -2.21
C GLU B 125 4.36 -13.24 -2.27
N ILE B 126 4.90 -13.58 -3.44
CA ILE B 126 6.34 -13.62 -3.65
C ILE B 126 6.79 -12.47 -4.54
N ARG B 127 7.22 -11.37 -3.91
CA ARG B 127 7.67 -10.20 -4.66
C ARG B 127 9.20 -10.17 -4.73
N LEU B 128 9.71 -9.69 -5.86
CA LEU B 128 11.15 -9.59 -6.07
C LEU B 128 11.62 -8.15 -6.05
N VAL B 129 12.87 -7.95 -5.64
CA VAL B 129 13.45 -6.61 -5.56
C VAL B 129 14.92 -6.62 -5.97
N SER B 130 15.20 -6.32 -7.23
CA SER B 130 16.57 -6.30 -7.73
C SER B 130 16.61 -5.76 -9.16
N GLN B 131 17.80 -5.36 -9.60
CA GLN B 131 17.99 -4.83 -10.95
C GLN B 131 17.61 -3.35 -11.00
N ASP B 132 18.33 -2.59 -11.82
CA ASP B 132 18.07 -1.16 -11.96
C ASP B 132 18.49 -0.40 -10.70
N GLY B 133 18.96 0.83 -10.89
CA GLY B 133 19.38 1.64 -9.76
C GLY B 133 20.75 1.23 -9.24
N LYS B 134 20.77 0.18 -8.42
CA LYS B 134 22.02 -0.31 -7.85
C LYS B 134 21.86 -1.73 -7.33
N SER B 135 21.69 -2.68 -8.25
CA SER B 135 21.52 -4.08 -7.88
C SER B 135 20.44 -4.24 -6.81
N LYS B 136 20.83 -4.52 -5.57
CA LYS B 136 19.88 -4.70 -4.49
C LYS B 136 19.13 -6.01 -4.68
N GLY B 137 19.88 -7.08 -4.89
CA GLY B 137 19.29 -8.39 -5.09
C GLY B 137 18.58 -8.91 -3.87
N ILE B 138 17.26 -8.77 -3.84
CA ILE B 138 16.46 -9.24 -2.71
C ILE B 138 15.09 -9.72 -3.18
N ALA B 139 14.32 -10.25 -2.25
CA ALA B 139 12.99 -10.76 -2.56
C ALA B 139 12.23 -11.09 -1.28
N TYR B 140 11.05 -10.51 -1.12
CA TYR B 140 10.24 -10.73 0.06
C TYR B 140 9.16 -11.77 -0.23
N ILE B 141 8.85 -12.61 0.76
CA ILE B 141 7.83 -13.65 0.59
C ILE B 141 6.81 -13.61 1.71
N GLU B 142 5.57 -13.23 1.36
CA GLU B 142 4.49 -13.16 2.32
C GLU B 142 3.62 -14.42 2.23
N PHE B 143 3.07 -14.85 3.36
CA PHE B 143 2.24 -16.05 3.39
C PHE B 143 0.85 -15.76 3.94
N LYS B 144 0.00 -16.78 3.92
CA LYS B 144 -1.36 -16.67 4.42
C LYS B 144 -1.43 -16.86 5.93
N SER B 145 -0.26 -16.82 6.58
CA SER B 145 -0.20 -16.99 8.03
C SER B 145 1.13 -16.49 8.58
N GLU B 146 1.18 -16.26 9.88
CA GLU B 146 2.39 -15.79 10.53
C GLU B 146 3.35 -16.95 10.77
N ALA B 147 2.82 -18.17 10.71
CA ALA B 147 3.62 -19.37 10.92
C ALA B 147 4.79 -19.42 9.95
N ASP B 148 4.50 -19.26 8.67
CA ASP B 148 5.55 -19.30 7.64
C ASP B 148 6.44 -18.05 7.72
N ALA B 149 5.94 -17.01 8.38
CA ALA B 149 6.69 -15.78 8.53
C ALA B 149 7.84 -15.95 9.51
N GLU B 150 7.52 -16.42 10.70
CA GLU B 150 8.52 -16.65 11.73
C GLU B 150 9.21 -17.99 11.50
N LYS B 151 8.42 -19.01 11.17
CA LYS B 151 8.96 -20.33 10.90
C LYS B 151 10.04 -20.24 9.82
N ASN B 152 9.75 -19.50 8.76
CA ASN B 152 10.71 -19.34 7.69
C ASN B 152 11.92 -18.56 8.18
N LEU B 153 11.67 -17.47 8.90
CA LEU B 153 12.74 -16.64 9.42
C LEU B 153 13.86 -17.46 10.06
N GLU B 154 13.57 -18.04 11.22
CA GLU B 154 14.58 -18.80 11.94
C GLU B 154 14.62 -20.27 11.54
N GLU B 155 13.47 -20.82 11.18
CA GLU B 155 13.38 -22.24 10.84
C GLU B 155 13.65 -22.56 9.37
N LYS B 156 13.58 -21.58 8.44
CA LYS B 156 13.81 -21.93 7.03
C LYS B 156 15.01 -22.86 6.93
N GLN B 157 16.23 -22.30 6.91
CA GLN B 157 17.43 -23.12 6.81
C GLN B 157 17.29 -24.17 5.73
N GLY B 158 16.43 -23.89 4.76
CA GLY B 158 16.23 -24.79 3.66
C GLY B 158 16.37 -24.06 2.33
N ALA B 159 17.27 -23.09 2.30
CA ALA B 159 17.50 -22.29 1.12
C ALA B 159 18.98 -22.12 0.82
N GLU B 160 19.66 -23.22 0.55
CA GLU B 160 21.08 -23.20 0.22
C GLU B 160 21.29 -22.78 -1.24
N ILE B 161 20.66 -21.69 -1.63
CA ILE B 161 20.78 -21.19 -3.00
C ILE B 161 22.24 -20.84 -3.31
N ASP B 162 22.68 -21.22 -4.50
CA ASP B 162 24.05 -20.94 -4.91
C ASP B 162 25.02 -21.30 -3.78
N GLY B 163 24.60 -22.24 -2.92
CA GLY B 163 25.45 -22.64 -1.81
C GLY B 163 25.76 -21.49 -0.87
N ARG B 164 24.72 -20.80 -0.42
CA ARG B 164 24.91 -19.67 0.48
C ARG B 164 23.79 -19.56 1.52
N SER B 165 22.92 -20.57 1.57
CA SER B 165 21.82 -20.56 2.51
C SER B 165 21.23 -19.16 2.60
N VAL B 166 20.27 -18.89 1.73
CA VAL B 166 19.59 -17.59 1.66
C VAL B 166 19.57 -16.85 2.99
N SER B 167 19.39 -15.54 2.91
CA SER B 167 19.31 -14.71 4.11
C SER B 167 17.85 -14.49 4.45
N LEU B 168 17.41 -15.04 5.57
CA LEU B 168 16.02 -14.96 5.96
C LEU B 168 15.78 -13.93 7.06
N TYR B 169 14.73 -13.13 6.88
CA TYR B 169 14.35 -12.11 7.84
C TYR B 169 12.83 -12.04 7.95
N TYR B 170 12.32 -11.80 9.15
CA TYR B 170 10.88 -11.74 9.36
C TYR B 170 10.37 -10.30 9.39
N THR B 171 9.32 -10.04 8.61
CA THR B 171 8.73 -8.71 8.53
C THR B 171 7.22 -8.78 8.75
N GLY B 172 6.73 -8.00 9.71
CA GLY B 172 5.32 -7.98 10.01
C GLY B 172 4.96 -6.96 11.08
N GLU B 173 3.94 -6.16 10.81
CA GLU B 173 3.51 -5.14 11.76
C GLU B 173 1.99 -5.03 11.79
N LYS B 174 1.44 -4.58 12.91
CA LYS B 174 0.00 -4.43 13.07
C LYS B 174 -0.33 -3.60 14.30
N GLY B 175 0.60 -2.71 14.68
CA GLY B 175 0.39 -1.87 15.84
C GLY B 175 1.57 -0.97 16.12
N GLY B 1 -27.85 -9.07 5.50
CA GLY B 1 -28.31 -8.03 6.46
C GLY B 1 -29.57 -8.41 7.19
N SER B 2 -30.01 -7.55 8.09
CA SER B 2 -31.23 -7.80 8.87
C SER B 2 -31.64 -6.57 9.66
N HIS B 3 -30.70 -6.02 10.43
CA HIS B 3 -30.97 -4.83 11.23
C HIS B 3 -29.75 -3.91 11.25
N MET B 4 -29.10 -3.76 10.10
CA MET B 4 -27.93 -2.91 9.99
C MET B 4 -26.78 -3.45 10.84
N VAL B 5 -25.58 -3.44 10.28
CA VAL B 5 -24.40 -3.92 10.99
C VAL B 5 -23.13 -3.25 10.47
N GLU B 6 -22.39 -2.62 11.37
CA GLU B 6 -21.16 -1.94 11.01
C GLU B 6 -20.34 -1.60 12.25
N GLY B 7 -19.47 -2.52 12.65
CA GLY B 7 -18.63 -2.31 13.81
C GLY B 7 -17.16 -2.32 13.48
N SER B 8 -16.78 -3.08 12.46
CA SER B 8 -15.39 -3.18 12.04
C SER B 8 -15.28 -3.11 10.52
N GLU B 9 -16.00 -2.17 9.92
CA GLU B 9 -15.98 -2.01 8.47
C GLU B 9 -15.92 -0.52 8.09
N SER B 10 -15.77 -0.25 6.80
CA SER B 10 -15.71 1.12 6.31
C SER B 10 -16.90 1.93 6.80
N THR B 11 -17.09 3.11 6.23
CA THR B 11 -18.18 3.99 6.60
C THR B 11 -19.30 3.96 5.56
N THR B 12 -18.95 4.25 4.32
CA THR B 12 -19.92 4.25 3.23
C THR B 12 -19.23 4.18 1.87
N PRO B 13 -19.89 3.58 0.87
CA PRO B 13 -19.33 3.44 -0.48
C PRO B 13 -18.86 4.78 -1.04
N PHE B 14 -19.78 5.73 -1.16
CA PHE B 14 -19.46 7.05 -1.68
C PHE B 14 -18.06 7.48 -1.23
N ASN B 15 -17.10 7.39 -2.13
CA ASN B 15 -15.73 7.77 -1.82
C ASN B 15 -14.95 8.11 -3.07
N LEU B 16 -14.11 9.15 -2.98
CA LEU B 16 -13.30 9.57 -4.11
C LEU B 16 -11.82 9.36 -3.82
N PHE B 17 -11.06 8.98 -4.84
CA PHE B 17 -9.63 8.74 -4.69
C PHE B 17 -8.81 9.83 -5.36
N ILE B 18 -7.77 10.29 -4.67
CA ILE B 18 -6.90 11.33 -5.19
C ILE B 18 -5.43 11.03 -4.89
N GLY B 19 -4.54 11.77 -5.51
CA GLY B 19 -3.12 11.55 -5.29
C GLY B 19 -2.27 12.66 -5.91
N ASN B 20 -0.95 12.59 -5.67
CA ASN B 20 -0.04 13.58 -6.21
C ASN B 20 -0.11 14.89 -5.40
N LEU B 21 -1.28 15.52 -5.42
CA LEU B 21 -1.48 16.76 -4.68
C LEU B 21 -0.60 17.88 -5.26
N ASN B 22 0.66 17.90 -4.84
CA ASN B 22 1.61 18.91 -5.32
C ASN B 22 2.92 18.83 -4.55
N PRO B 23 3.80 17.90 -4.94
CA PRO B 23 5.10 17.71 -4.29
C PRO B 23 5.98 18.94 -4.39
N ASN B 24 5.52 20.04 -3.81
CA ASN B 24 6.28 21.29 -3.83
C ASN B 24 5.78 22.25 -2.75
N LYS B 25 4.46 22.41 -2.68
CA LYS B 25 3.86 23.30 -1.69
C LYS B 25 3.69 22.59 -0.34
N SER B 26 3.00 23.25 0.57
CA SER B 26 2.77 22.69 1.90
C SER B 26 1.58 21.73 1.90
N VAL B 27 1.89 20.43 1.91
CA VAL B 27 0.84 19.42 1.92
C VAL B 27 -0.33 19.88 2.79
N ALA B 28 -0.01 20.31 4.00
CA ALA B 28 -1.03 20.78 4.92
C ALA B 28 -2.12 21.54 4.19
N GLU B 29 -1.71 22.52 3.39
CA GLU B 29 -2.67 23.31 2.62
C GLU B 29 -3.35 22.46 1.57
N LEU B 30 -2.59 21.53 0.99
CA LEU B 30 -3.12 20.63 -0.03
C LEU B 30 -4.30 19.83 0.52
N LYS B 31 -4.09 19.23 1.69
CA LYS B 31 -5.14 18.44 2.33
C LYS B 31 -6.38 19.29 2.58
N VAL B 32 -6.17 20.50 3.09
CA VAL B 32 -7.26 21.43 3.36
C VAL B 32 -7.97 21.81 2.07
N ALA B 33 -7.23 22.37 1.11
CA ALA B 33 -7.81 22.76 -0.16
C ALA B 33 -8.84 21.75 -0.61
N ILE B 34 -8.43 20.47 -0.61
CA ILE B 34 -9.33 19.40 -0.99
C ILE B 34 -10.48 19.29 0.00
N SER B 35 -10.16 19.54 1.27
CA SER B 35 -11.16 19.49 2.33
C SER B 35 -12.26 20.50 2.05
N GLU B 36 -11.97 21.77 2.31
CA GLU B 36 -12.93 22.84 2.08
C GLU B 36 -13.72 22.57 0.80
N LEU B 37 -13.00 22.17 -0.25
CA LEU B 37 -13.63 21.87 -1.53
C LEU B 37 -14.88 21.01 -1.32
N PHE B 38 -14.67 19.82 -0.76
CA PHE B 38 -15.77 18.90 -0.50
C PHE B 38 -16.75 19.51 0.50
N ALA B 39 -16.30 20.55 1.20
CA ALA B 39 -17.13 21.23 2.18
C ALA B 39 -18.11 22.16 1.50
N LYS B 40 -17.61 22.98 0.58
CA LYS B 40 -18.45 23.92 -0.15
C LYS B 40 -19.42 23.19 -1.08
N ASN B 41 -19.02 21.99 -1.50
CA ASN B 41 -19.85 21.19 -2.39
C ASN B 41 -21.04 20.61 -1.63
N ASP B 42 -21.05 20.81 -0.32
CA ASP B 42 -22.13 20.31 0.52
C ASP B 42 -22.35 18.82 0.31
N LEU B 43 -21.29 18.11 -0.04
CA LEU B 43 -21.37 16.68 -0.27
C LEU B 43 -21.19 15.91 1.04
N ALA B 44 -21.27 16.62 2.15
CA ALA B 44 -21.12 16.01 3.46
C ALA B 44 -20.02 14.96 3.45
N VAL B 45 -18.78 15.39 3.24
CA VAL B 45 -17.65 14.49 3.21
C VAL B 45 -17.49 13.76 4.55
N VAL B 46 -17.66 12.44 4.53
CA VAL B 46 -17.54 11.64 5.73
C VAL B 46 -16.16 11.80 6.35
N ASP B 47 -15.17 11.17 5.73
CA ASP B 47 -13.79 11.23 6.23
C ASP B 47 -12.81 11.42 5.08
N VAL B 48 -11.55 11.64 5.44
CA VAL B 48 -10.49 11.84 4.44
C VAL B 48 -9.13 11.48 5.04
N ARG B 49 -8.49 10.46 4.48
CA ARG B 49 -7.20 10.01 4.99
C ARG B 49 -6.05 10.58 4.17
N THR B 50 -4.88 10.62 4.79
CA THR B 50 -3.67 11.15 4.16
C THR B 50 -2.82 10.02 3.59
N GLY B 51 -2.02 10.36 2.58
CA GLY B 51 -1.17 9.38 1.96
C GLY B 51 0.29 9.57 2.30
N THR B 52 0.62 9.35 3.58
CA THR B 52 1.98 9.49 4.06
C THR B 52 2.36 10.96 4.27
N ASN B 53 2.09 11.78 3.27
CA ASN B 53 2.39 13.20 3.30
C ASN B 53 2.68 13.68 1.90
N ARG B 54 1.79 13.30 0.98
CA ARG B 54 1.89 13.62 -0.45
C ARG B 54 2.15 12.33 -1.23
N LYS B 55 1.87 11.19 -0.61
CA LYS B 55 2.07 9.90 -1.24
C LYS B 55 0.74 9.28 -1.67
N PHE B 56 -0.34 9.77 -1.08
CA PHE B 56 -1.69 9.30 -1.42
C PHE B 56 -2.76 10.23 -0.87
N GLY B 57 -3.94 10.18 -1.48
CA GLY B 57 -5.05 11.02 -1.04
C GLY B 57 -6.36 10.27 -1.11
N TYR B 58 -7.05 10.14 0.02
CA TYR B 58 -8.32 9.42 0.04
C TYR B 58 -9.40 10.18 0.80
N VAL B 59 -10.62 10.15 0.28
CA VAL B 59 -11.75 10.83 0.90
C VAL B 59 -13.03 10.01 0.69
N ASP B 60 -13.93 10.07 1.68
CA ASP B 60 -15.19 9.33 1.59
C ASP B 60 -16.37 10.24 1.92
N PHE B 61 -17.33 10.29 1.00
CA PHE B 61 -18.52 11.12 1.17
C PHE B 61 -19.69 10.29 1.68
N GLU B 62 -20.78 10.96 2.01
CA GLU B 62 -21.97 10.29 2.52
C GLU B 62 -23.16 10.52 1.59
N SER B 63 -22.91 10.41 0.28
CA SER B 63 -23.96 10.61 -0.71
C SER B 63 -23.48 10.19 -2.10
N ALA B 64 -24.38 9.62 -2.88
CA ALA B 64 -24.04 9.17 -4.23
C ALA B 64 -24.16 10.33 -5.22
N GLU B 65 -25.14 11.20 -5.00
CA GLU B 65 -25.34 12.35 -5.87
C GLU B 65 -24.22 13.37 -5.70
N ASP B 66 -24.03 13.82 -4.47
CA ASP B 66 -22.99 14.79 -4.16
C ASP B 66 -21.63 14.30 -4.64
N LEU B 67 -21.41 12.99 -4.53
CA LEU B 67 -20.15 12.39 -4.96
C LEU B 67 -19.95 12.57 -6.47
N GLU B 68 -20.98 12.18 -7.24
CA GLU B 68 -20.92 12.30 -8.69
C GLU B 68 -20.56 13.73 -9.10
N LYS B 69 -21.11 14.70 -8.38
CA LYS B 69 -20.84 16.10 -8.66
C LYS B 69 -19.39 16.45 -8.39
N ALA B 70 -18.93 16.17 -7.18
CA ALA B 70 -17.55 16.45 -6.79
C ALA B 70 -16.58 15.94 -7.85
N LEU B 71 -16.92 14.81 -8.46
CA LEU B 71 -16.08 14.21 -9.49
C LEU B 71 -16.32 14.89 -10.84
N GLU B 72 -17.51 15.45 -11.02
CA GLU B 72 -17.87 16.13 -12.25
C GLU B 72 -16.99 17.36 -12.46
N LEU B 73 -16.72 18.08 -11.38
CA LEU B 73 -15.89 19.28 -11.44
C LEU B 73 -14.76 19.11 -12.47
N THR B 74 -13.60 18.69 -12.00
CA THR B 74 -12.45 18.48 -12.86
C THR B 74 -11.31 17.80 -12.10
N GLY B 75 -11.15 18.19 -10.84
CA GLY B 75 -10.10 17.61 -10.01
C GLY B 75 -9.72 18.49 -8.84
N LEU B 76 -10.68 19.25 -8.32
CA LEU B 76 -10.42 20.14 -7.19
C LEU B 76 -9.36 21.18 -7.53
N LYS B 77 -8.11 20.73 -7.64
CA LYS B 77 -7.00 21.61 -7.96
C LYS B 77 -6.75 22.60 -6.83
N VAL B 78 -5.79 22.29 -5.98
CA VAL B 78 -5.44 23.15 -4.85
C VAL B 78 -5.59 24.63 -5.22
N PHE B 79 -4.59 25.17 -5.89
CA PHE B 79 -4.60 26.57 -6.30
C PHE B 79 -4.12 26.72 -7.74
N GLY B 80 -4.04 25.61 -8.45
CA GLY B 80 -3.60 25.65 -9.83
C GLY B 80 -2.42 24.73 -10.09
N ASN B 81 -2.43 23.57 -9.44
CA ASN B 81 -1.35 22.59 -9.61
C ASN B 81 -1.88 21.27 -10.13
N GLU B 82 -3.21 21.16 -10.23
CA GLU B 82 -3.84 19.95 -10.72
C GLU B 82 -3.46 18.75 -9.86
N ILE B 83 -4.29 17.71 -9.89
CA ILE B 83 -4.04 16.50 -9.11
C ILE B 83 -4.54 15.26 -9.84
N LYS B 84 -4.25 14.10 -9.27
CA LYS B 84 -4.68 12.84 -9.87
C LYS B 84 -5.93 12.30 -9.19
N LEU B 85 -6.99 12.12 -9.97
CA LEU B 85 -8.25 11.61 -9.45
C LEU B 85 -8.53 10.21 -9.96
N GLU B 86 -9.37 9.48 -9.23
CA GLU B 86 -9.72 8.11 -9.61
C GLU B 86 -10.77 7.53 -8.68
N LYS B 87 -11.25 6.34 -8.99
CA LYS B 87 -12.27 5.67 -8.18
C LYS B 87 -11.64 4.67 -7.23
N PRO B 88 -12.22 4.49 -6.04
CA PRO B 88 -11.73 3.56 -5.03
C PRO B 88 -11.48 2.17 -5.62
N LYS B 89 -10.44 1.50 -5.12
CA LYS B 89 -10.10 0.16 -5.58
C LYS B 89 -9.36 -0.62 -4.49
N GLY B 90 -8.99 -1.85 -4.81
CA GLY B 90 -8.30 -2.69 -3.85
C GLY B 90 -6.78 -2.57 -3.98
N ARG B 91 -6.11 -2.36 -2.86
CA ARG B 91 -4.66 -2.23 -2.85
C ARG B 91 -4.12 -2.15 -1.43
N ASP B 92 -2.83 -2.42 -1.27
CA ASP B 92 -2.20 -2.38 0.05
C ASP B 92 -0.68 -2.25 -0.08
N SER B 93 -0.16 -1.09 0.29
CA SER B 93 1.28 -0.84 0.21
C SER B 93 1.69 0.26 1.18
N LYS B 94 2.12 -0.15 2.38
CA LYS B 94 2.54 0.81 3.40
C LYS B 94 3.18 0.08 4.58
N LYS B 95 2.98 0.60 5.79
CA LYS B 95 3.55 -0.01 6.98
C LYS B 95 3.52 -1.53 6.89
N VAL B 96 2.55 -2.07 6.17
CA VAL B 96 2.41 -3.52 6.00
C VAL B 96 3.75 -4.18 5.77
N ARG B 97 4.72 -3.42 5.24
CA ARG B 97 6.05 -3.95 4.97
C ARG B 97 6.45 -5.00 6.00
N ALA B 98 5.98 -4.83 7.23
CA ALA B 98 6.30 -5.77 8.30
C ALA B 98 5.04 -6.45 8.83
N ALA B 99 4.36 -7.17 7.94
CA ALA B 99 3.14 -7.88 8.32
C ALA B 99 3.17 -9.33 7.84
N ARG B 100 3.19 -10.26 8.79
CA ARG B 100 3.22 -11.68 8.48
C ARG B 100 3.92 -11.96 7.16
N THR B 101 5.16 -11.45 7.03
CA THR B 101 5.93 -11.64 5.82
C THR B 101 7.39 -11.91 6.14
N LEU B 102 8.06 -12.67 5.27
CA LEU B 102 9.46 -13.01 5.46
C LEU B 102 10.30 -12.49 4.28
N LEU B 103 11.51 -12.03 4.59
CA LEU B 103 12.41 -11.52 3.56
C LEU B 103 13.44 -12.57 3.15
N ALA B 104 13.86 -12.50 1.89
CA ALA B 104 14.87 -13.42 1.37
C ALA B 104 16.10 -12.64 0.93
N LYS B 105 17.28 -13.14 1.29
CA LYS B 105 18.53 -12.47 0.94
C LYS B 105 19.38 -13.31 0.00
N ASN B 106 19.82 -12.69 -1.09
CA ASN B 106 20.65 -13.35 -2.09
C ASN B 106 19.78 -13.99 -3.17
N LEU B 107 19.62 -13.29 -4.29
CA LEU B 107 18.82 -13.79 -5.40
C LEU B 107 19.70 -14.49 -6.44
N SER B 108 20.81 -13.86 -6.78
CA SER B 108 21.74 -14.42 -7.76
C SER B 108 21.38 -13.95 -9.17
N PHE B 109 20.83 -12.74 -9.26
CA PHE B 109 20.45 -12.17 -10.55
C PHE B 109 19.94 -13.25 -11.49
N ASN B 110 19.21 -14.22 -10.94
CA ASN B 110 18.67 -15.31 -11.74
C ASN B 110 17.46 -15.94 -11.04
N ILE B 111 17.65 -16.35 -9.80
CA ILE B 111 16.58 -16.97 -9.03
C ILE B 111 15.26 -16.23 -9.23
N THR B 112 14.17 -16.88 -8.87
CA THR B 112 12.84 -16.28 -9.02
C THR B 112 11.76 -17.21 -8.47
N GLU B 113 10.50 -16.77 -8.60
CA GLU B 113 9.36 -17.54 -8.12
C GLU B 113 9.62 -19.04 -8.24
N ASP B 114 10.32 -19.44 -9.31
CA ASP B 114 10.65 -20.84 -9.51
C ASP B 114 11.26 -21.43 -8.25
N GLU B 115 12.51 -21.04 -7.98
CA GLU B 115 13.21 -21.52 -6.79
C GLU B 115 12.56 -20.96 -5.53
N LEU B 116 12.12 -19.71 -5.61
CA LEU B 116 11.46 -19.06 -4.48
C LEU B 116 10.31 -19.92 -3.97
N LYS B 117 9.21 -19.92 -4.70
CA LYS B 117 8.05 -20.71 -4.31
C LYS B 117 8.48 -22.15 -4.04
N GLU B 118 9.48 -22.60 -4.78
CA GLU B 118 10.01 -23.95 -4.62
C GLU B 118 10.48 -24.18 -3.19
N VAL B 119 10.95 -23.11 -2.55
CA VAL B 119 11.42 -23.19 -1.18
C VAL B 119 10.28 -22.99 -0.19
N PHE B 120 9.31 -22.14 -0.58
CA PHE B 120 8.16 -21.87 0.27
C PHE B 120 6.87 -21.94 -0.54
N GLU B 121 6.28 -23.13 -0.60
CA GLU B 121 5.04 -23.34 -1.34
C GLU B 121 3.89 -22.58 -0.69
N ASP B 122 3.50 -23.01 0.50
CA ASP B 122 2.41 -22.37 1.22
C ASP B 122 2.41 -20.85 1.00
N ALA B 123 3.60 -20.29 0.87
CA ALA B 123 3.74 -18.86 0.65
C ALA B 123 2.62 -18.32 -0.24
N LEU B 124 1.92 -17.31 0.26
CA LEU B 124 0.82 -16.71 -0.49
C LEU B 124 1.35 -15.82 -1.61
N GLU B 125 1.93 -14.68 -1.24
CA GLU B 125 2.48 -13.76 -2.22
C GLU B 125 3.99 -13.93 -2.34
N ILE B 126 4.50 -13.83 -3.57
CA ILE B 126 5.92 -13.98 -3.82
C ILE B 126 6.52 -12.71 -4.44
N ARG B 127 7.19 -11.93 -3.60
CA ARG B 127 7.83 -10.70 -4.04
C ARG B 127 9.33 -10.91 -4.22
N LEU B 128 10.04 -9.89 -4.68
CA LEU B 128 11.47 -9.99 -4.89
C LEU B 128 12.11 -8.61 -4.95
N VAL B 129 13.28 -8.47 -4.35
CA VAL B 129 14.00 -7.20 -4.34
C VAL B 129 15.20 -7.24 -5.29
N SER B 130 15.55 -6.07 -5.82
CA SER B 130 16.68 -5.96 -6.74
C SER B 130 16.56 -4.71 -7.59
N GLN B 131 16.11 -3.62 -6.98
CA GLN B 131 15.95 -2.35 -7.68
C GLN B 131 16.30 -1.18 -6.78
N ASP B 132 17.58 -0.98 -6.54
CA ASP B 132 18.05 0.11 -5.68
C ASP B 132 19.05 1.00 -6.42
N GLY B 133 19.21 0.75 -7.71
CA GLY B 133 20.13 1.53 -8.50
C GLY B 133 21.56 1.06 -8.36
N LYS B 134 21.78 0.08 -7.49
CA LYS B 134 23.11 -0.47 -7.27
C LYS B 134 23.04 -1.94 -6.86
N SER B 135 22.24 -2.71 -7.60
CA SER B 135 22.08 -4.13 -7.32
C SER B 135 21.52 -4.35 -5.92
N LYS B 136 21.52 -5.61 -5.49
CA LYS B 136 21.01 -5.98 -4.17
C LYS B 136 20.74 -7.48 -4.10
N GLY B 137 20.21 -8.02 -5.19
CA GLY B 137 19.92 -9.44 -5.25
C GLY B 137 19.23 -9.97 -4.01
N ILE B 138 17.99 -9.54 -3.79
CA ILE B 138 17.23 -9.99 -2.63
C ILE B 138 15.83 -10.45 -3.05
N ALA B 139 15.18 -11.19 -2.18
CA ALA B 139 13.83 -11.70 -2.44
C ALA B 139 12.91 -11.39 -1.27
N TYR B 140 11.63 -11.67 -1.44
CA TYR B 140 10.65 -11.41 -0.39
C TYR B 140 9.46 -12.35 -0.51
N ILE B 141 8.85 -12.67 0.63
CA ILE B 141 7.70 -13.56 0.66
C ILE B 141 6.65 -13.07 1.65
N GLU B 142 5.43 -13.57 1.51
CA GLU B 142 4.33 -13.17 2.39
C GLU B 142 3.36 -14.34 2.60
N PHE B 143 3.01 -14.58 3.86
CA PHE B 143 2.09 -15.66 4.20
C PHE B 143 0.81 -15.10 4.82
N LYS B 144 0.26 -15.81 5.80
CA LYS B 144 -0.96 -15.37 6.46
C LYS B 144 -0.76 -15.20 7.96
N SER B 145 0.42 -15.60 8.44
CA SER B 145 0.74 -15.48 9.85
C SER B 145 2.25 -15.62 10.09
N GLU B 146 2.68 -15.34 11.31
CA GLU B 146 4.09 -15.44 11.65
C GLU B 146 4.55 -16.89 11.71
N ALA B 147 3.59 -17.80 11.79
CA ALA B 147 3.89 -19.23 11.85
C ALA B 147 4.55 -19.71 10.56
N ASP B 148 3.84 -19.55 9.45
CA ASP B 148 4.35 -19.97 8.15
C ASP B 148 5.71 -19.31 7.87
N ALA B 149 5.84 -18.06 8.29
CA ALA B 149 7.09 -17.32 8.09
C ALA B 149 8.21 -17.92 8.90
N GLU B 150 7.91 -18.34 10.13
CA GLU B 150 8.89 -18.95 11.00
C GLU B 150 9.28 -20.35 10.51
N LYS B 151 8.29 -21.21 10.39
CA LYS B 151 8.53 -22.57 9.92
C LYS B 151 9.44 -22.58 8.71
N ASN B 152 9.02 -21.92 7.63
CA ASN B 152 9.80 -21.85 6.41
C ASN B 152 11.19 -21.27 6.71
N LEU B 153 11.23 -20.24 7.54
CA LEU B 153 12.49 -19.60 7.90
C LEU B 153 13.45 -20.61 8.54
N GLU B 154 12.88 -21.67 9.09
CA GLU B 154 13.68 -22.71 9.74
C GLU B 154 14.12 -23.76 8.73
N GLU B 155 13.18 -24.59 8.30
CA GLU B 155 13.49 -25.64 7.33
C GLU B 155 14.23 -25.08 6.13
N LYS B 156 13.62 -24.10 5.47
CA LYS B 156 14.22 -23.46 4.31
C LYS B 156 15.58 -22.85 4.65
N GLN B 157 15.83 -22.69 5.94
CA GLN B 157 17.09 -22.12 6.40
C GLN B 157 18.29 -22.92 5.87
N GLY B 158 18.76 -22.55 4.69
CA GLY B 158 19.89 -23.25 4.10
C GLY B 158 19.76 -23.44 2.60
N ALA B 159 18.61 -23.06 2.05
CA ALA B 159 18.37 -23.20 0.62
C ALA B 159 19.57 -22.67 -0.18
N GLU B 160 20.38 -23.60 -0.69
CA GLU B 160 21.56 -23.24 -1.47
C GLU B 160 21.30 -21.98 -2.31
N ILE B 161 20.48 -22.14 -3.34
CA ILE B 161 20.14 -21.02 -4.22
C ILE B 161 21.37 -20.20 -4.57
N ASP B 162 22.14 -20.69 -5.55
CA ASP B 162 23.35 -20.02 -6.00
C ASP B 162 24.58 -20.51 -5.22
N GLY B 163 24.34 -21.15 -4.08
CA GLY B 163 25.45 -21.67 -3.29
C GLY B 163 25.56 -20.98 -1.93
N ARG B 164 25.28 -19.68 -1.90
CA ARG B 164 25.35 -18.92 -0.67
C ARG B 164 24.38 -19.47 0.37
N SER B 165 23.35 -20.17 -0.10
CA SER B 165 22.35 -20.76 0.78
C SER B 165 21.36 -19.71 1.25
N VAL B 166 20.76 -19.02 0.28
CA VAL B 166 19.76 -17.97 0.53
C VAL B 166 19.52 -17.69 2.01
N SER B 167 19.71 -16.43 2.40
CA SER B 167 19.50 -16.03 3.79
C SER B 167 18.12 -15.44 3.98
N LEU B 168 17.26 -16.20 4.64
CA LEU B 168 15.89 -15.78 4.90
C LEU B 168 15.74 -15.23 6.32
N TYR B 169 14.87 -14.24 6.46
CA TYR B 169 14.62 -13.61 7.75
C TYR B 169 13.12 -13.39 7.97
N TYR B 170 12.76 -13.03 9.20
CA TYR B 170 11.36 -12.78 9.52
C TYR B 170 11.05 -11.28 9.50
N THR B 171 9.98 -10.92 8.81
CA THR B 171 9.59 -9.51 8.70
C THR B 171 8.18 -9.30 9.24
N GLY B 172 8.04 -8.35 10.16
CA GLY B 172 6.75 -8.07 10.75
C GLY B 172 6.65 -8.52 12.20
N GLU B 173 6.19 -7.61 13.06
CA GLU B 173 6.05 -7.92 14.48
C GLU B 173 5.40 -6.76 15.23
N LYS B 174 6.22 -5.80 15.66
CA LYS B 174 5.72 -4.64 16.38
C LYS B 174 5.28 -5.03 17.79
N GLY B 175 5.86 -6.11 18.31
CA GLY B 175 5.51 -6.56 19.65
C GLY B 175 4.31 -7.49 19.65
N GLY B 1 -23.92 -7.98 11.79
CA GLY B 1 -24.31 -7.56 10.42
C GLY B 1 -25.79 -7.69 10.17
N SER B 2 -26.56 -6.80 10.79
CA SER B 2 -28.02 -6.82 10.62
C SER B 2 -28.47 -5.71 9.68
N HIS B 3 -27.75 -4.60 9.68
CA HIS B 3 -28.07 -3.47 8.82
C HIS B 3 -26.86 -3.06 7.98
N MET B 4 -25.69 -3.06 8.61
CA MET B 4 -24.45 -2.69 7.92
C MET B 4 -23.32 -2.47 8.92
N VAL B 5 -23.68 -2.06 10.14
CA VAL B 5 -22.69 -1.81 11.18
C VAL B 5 -21.57 -0.91 10.69
N GLU B 6 -20.74 -0.45 11.61
CA GLU B 6 -19.62 0.42 11.26
C GLU B 6 -18.40 0.10 12.11
N GLY B 7 -17.22 0.38 11.56
CA GLY B 7 -15.99 0.12 12.27
C GLY B 7 -15.02 -0.74 11.47
N SER B 8 -15.43 -1.94 11.14
CA SER B 8 -14.60 -2.85 10.36
C SER B 8 -14.65 -2.50 8.88
N GLU B 9 -15.72 -1.83 8.46
CA GLU B 9 -15.89 -1.44 7.07
C GLU B 9 -16.00 0.07 6.94
N SER B 10 -15.44 0.61 5.87
CA SER B 10 -15.47 2.04 5.62
C SER B 10 -16.88 2.60 5.85
N THR B 11 -16.96 3.91 6.07
CA THR B 11 -18.24 4.57 6.30
C THR B 11 -19.17 4.39 5.10
N THR B 12 -18.64 4.63 3.91
CA THR B 12 -19.42 4.50 2.68
C THR B 12 -18.52 4.29 1.47
N PRO B 13 -19.02 3.59 0.45
CA PRO B 13 -18.26 3.33 -0.77
C PRO B 13 -17.65 4.60 -1.36
N PHE B 14 -18.46 5.65 -1.45
CA PHE B 14 -18.01 6.92 -1.98
C PHE B 14 -16.60 7.26 -1.48
N ASN B 15 -15.60 6.94 -2.31
CA ASN B 15 -14.21 7.20 -1.93
C ASN B 15 -13.38 7.52 -3.17
N LEU B 16 -12.30 8.28 -2.96
CA LEU B 16 -11.41 8.67 -4.05
C LEU B 16 -9.96 8.48 -3.66
N PHE B 17 -9.15 7.99 -4.59
CA PHE B 17 -7.74 7.77 -4.34
C PHE B 17 -6.90 8.92 -4.89
N ILE B 18 -5.92 9.36 -4.09
CA ILE B 18 -5.04 10.45 -4.50
C ILE B 18 -3.62 10.21 -4.03
N GLY B 19 -2.67 10.89 -4.64
CA GLY B 19 -1.26 10.73 -4.27
C GLY B 19 -0.38 11.77 -4.94
N ASN B 20 0.86 11.85 -4.49
CA ASN B 20 1.81 12.82 -5.06
C ASN B 20 1.56 14.20 -4.50
N LEU B 21 0.43 14.79 -4.87
CA LEU B 21 0.06 16.12 -4.41
C LEU B 21 1.30 17.02 -4.33
N ASN B 22 1.95 17.21 -5.46
CA ASN B 22 3.16 18.04 -5.52
C ASN B 22 4.00 17.87 -4.26
N PRO B 23 4.65 16.70 -4.12
CA PRO B 23 5.50 16.40 -2.96
C PRO B 23 6.63 17.40 -2.79
N ASN B 24 6.29 18.63 -2.45
CA ASN B 24 7.29 19.68 -2.26
C ASN B 24 6.67 20.90 -1.59
N LYS B 25 5.43 21.21 -1.95
CA LYS B 25 4.73 22.36 -1.38
C LYS B 25 4.26 22.06 0.04
N SER B 26 3.39 22.92 0.55
CA SER B 26 2.86 22.76 1.90
C SER B 26 1.69 21.78 1.91
N VAL B 27 1.98 20.53 2.26
CA VAL B 27 0.95 19.50 2.32
C VAL B 27 -0.33 20.09 2.88
N ALA B 28 -0.21 20.80 3.99
CA ALA B 28 -1.35 21.43 4.63
C ALA B 28 -2.33 21.94 3.58
N GLU B 29 -1.84 22.79 2.67
CA GLU B 29 -2.69 23.34 1.62
C GLU B 29 -3.32 22.22 0.80
N LEU B 30 -2.47 21.39 0.21
CA LEU B 30 -2.95 20.27 -0.60
C LEU B 30 -4.19 19.66 0.01
N LYS B 31 -4.11 19.30 1.29
CA LYS B 31 -5.24 18.71 1.99
C LYS B 31 -6.47 19.63 1.89
N VAL B 32 -6.25 20.91 2.14
CA VAL B 32 -7.34 21.89 2.07
C VAL B 32 -7.91 21.96 0.66
N ALA B 33 -7.05 22.27 -0.32
CA ALA B 33 -7.50 22.36 -1.71
C ALA B 33 -8.54 21.28 -1.99
N ILE B 34 -8.23 20.05 -1.61
CA ILE B 34 -9.15 18.93 -1.79
C ILE B 34 -10.36 19.12 -0.89
N SER B 35 -10.11 19.58 0.33
CA SER B 35 -11.17 19.83 1.29
C SER B 35 -12.17 20.83 0.73
N GLU B 36 -11.78 22.11 0.73
CA GLU B 36 -12.63 23.17 0.21
C GLU B 36 -13.33 22.70 -1.07
N LEU B 37 -12.59 21.98 -1.91
CA LEU B 37 -13.13 21.47 -3.16
C LEU B 37 -14.44 20.71 -2.90
N PHE B 38 -14.31 19.56 -2.23
CA PHE B 38 -15.47 18.73 -1.91
C PHE B 38 -16.45 19.52 -1.05
N ALA B 39 -15.99 20.63 -0.48
CA ALA B 39 -16.83 21.46 0.37
C ALA B 39 -17.76 22.32 -0.48
N LYS B 40 -17.20 22.98 -1.48
CA LYS B 40 -17.98 23.84 -2.37
C LYS B 40 -18.53 23.05 -3.55
N ASN B 41 -18.23 21.75 -3.58
CA ASN B 41 -18.71 20.89 -4.65
C ASN B 41 -20.11 20.38 -4.35
N ASP B 42 -20.71 20.92 -3.30
CA ASP B 42 -22.06 20.53 -2.90
C ASP B 42 -22.10 19.05 -2.52
N LEU B 43 -21.87 18.77 -1.24
CA LEU B 43 -21.88 17.41 -0.75
C LEU B 43 -21.48 17.36 0.72
N ALA B 44 -21.63 16.17 1.33
CA ALA B 44 -21.27 16.00 2.73
C ALA B 44 -20.04 15.12 2.88
N VAL B 45 -18.97 15.48 2.18
CA VAL B 45 -17.73 14.71 2.23
C VAL B 45 -17.49 14.16 3.63
N VAL B 46 -17.35 12.84 3.73
CA VAL B 46 -17.12 12.18 5.00
C VAL B 46 -15.83 12.69 5.63
N ASP B 47 -14.70 12.26 5.08
CA ASP B 47 -13.41 12.67 5.60
C ASP B 47 -12.27 12.29 4.65
N VAL B 48 -11.08 12.79 4.94
CA VAL B 48 -9.91 12.51 4.11
C VAL B 48 -8.72 12.14 4.98
N ARG B 49 -8.17 10.94 4.76
CA ARG B 49 -7.04 10.46 5.53
C ARG B 49 -5.72 10.67 4.77
N THR B 50 -4.67 10.99 5.53
CA THR B 50 -3.36 11.22 4.94
C THR B 50 -2.46 10.01 5.14
N GLY B 51 -1.44 9.89 4.30
CA GLY B 51 -0.52 8.78 4.42
C GLY B 51 0.93 9.19 4.20
N THR B 52 1.70 9.14 5.28
CA THR B 52 3.12 9.51 5.23
C THR B 52 3.30 11.02 5.38
N ASN B 53 2.87 11.75 4.37
CA ASN B 53 2.97 13.20 4.34
C ASN B 53 3.16 13.65 2.90
N ARG B 54 2.12 13.46 2.09
CA ARG B 54 2.14 13.79 0.67
C ARG B 54 2.56 12.55 -0.13
N LYS B 55 2.48 11.39 0.51
CA LYS B 55 2.85 10.12 -0.12
C LYS B 55 1.63 9.22 -0.26
N PHE B 56 0.56 9.56 0.46
CA PHE B 56 -0.67 8.80 0.40
C PHE B 56 -1.88 9.66 0.70
N GLY B 57 -2.85 9.64 -0.21
CA GLY B 57 -4.05 10.45 -0.03
C GLY B 57 -5.32 9.66 -0.29
N TYR B 58 -6.28 9.79 0.62
CA TYR B 58 -7.56 9.09 0.49
C TYR B 58 -8.70 9.93 1.04
N VAL B 59 -9.86 9.84 0.38
CA VAL B 59 -11.03 10.59 0.81
C VAL B 59 -12.30 9.78 0.60
N ASP B 60 -13.33 10.08 1.39
CA ASP B 60 -14.60 9.38 1.29
C ASP B 60 -15.76 10.35 1.44
N PHE B 61 -16.67 10.34 0.46
CA PHE B 61 -17.83 11.22 0.47
C PHE B 61 -19.06 10.48 1.00
N GLU B 62 -20.16 11.22 1.15
CA GLU B 62 -21.40 10.64 1.64
C GLU B 62 -22.55 10.88 0.66
N SER B 63 -22.26 10.73 -0.63
CA SER B 63 -23.26 10.92 -1.66
C SER B 63 -22.84 10.26 -2.96
N ALA B 64 -23.79 9.62 -3.64
CA ALA B 64 -23.50 8.95 -4.90
C ALA B 64 -23.48 9.94 -6.05
N GLU B 65 -24.47 10.83 -6.09
CA GLU B 65 -24.55 11.84 -7.13
C GLU B 65 -23.34 12.77 -7.09
N ASP B 66 -23.11 13.36 -5.93
CA ASP B 66 -21.97 14.27 -5.76
C ASP B 66 -20.67 13.59 -6.14
N LEU B 67 -20.58 12.29 -5.82
CA LEU B 67 -19.39 11.52 -6.13
C LEU B 67 -19.11 11.53 -7.63
N GLU B 68 -20.13 11.21 -8.42
CA GLU B 68 -20.01 11.19 -9.87
C GLU B 68 -19.53 12.54 -10.39
N LYS B 69 -20.12 13.61 -9.87
CA LYS B 69 -19.76 14.96 -10.29
C LYS B 69 -18.33 15.29 -9.87
N ALA B 70 -18.06 15.18 -8.57
CA ALA B 70 -16.74 15.46 -8.02
C ALA B 70 -15.65 14.78 -8.86
N LEU B 71 -15.93 13.55 -9.27
CA LEU B 71 -14.96 12.79 -10.07
C LEU B 71 -15.03 13.21 -11.53
N GLU B 72 -16.15 13.81 -11.92
CA GLU B 72 -16.34 14.26 -13.29
C GLU B 72 -15.51 15.50 -13.57
N LEU B 73 -15.26 16.29 -12.53
CA LEU B 73 -14.48 17.51 -12.66
C LEU B 73 -13.33 17.32 -13.65
N THR B 74 -12.15 17.00 -13.14
CA THR B 74 -10.98 16.79 -13.99
C THR B 74 -9.76 16.44 -13.14
N GLY B 75 -9.38 17.35 -12.25
CA GLY B 75 -8.23 17.12 -11.39
C GLY B 75 -8.15 18.14 -10.27
N LEU B 76 -7.97 17.64 -9.04
CA LEU B 76 -7.87 18.51 -7.87
C LEU B 76 -6.79 19.57 -8.08
N LYS B 77 -5.66 19.16 -8.65
CA LYS B 77 -4.56 20.08 -8.90
C LYS B 77 -4.33 20.99 -7.69
N VAL B 78 -3.42 20.59 -6.82
CA VAL B 78 -3.11 21.36 -5.62
C VAL B 78 -3.13 22.86 -5.93
N PHE B 79 -2.65 23.23 -7.10
CA PHE B 79 -2.62 24.63 -7.50
C PHE B 79 -2.42 24.77 -9.01
N GLY B 80 -1.33 24.20 -9.51
CA GLY B 80 -1.04 24.27 -10.93
C GLY B 80 -0.66 22.91 -11.51
N ASN B 81 0.10 22.15 -10.76
CA ASN B 81 0.54 20.83 -11.20
C ASN B 81 -0.49 19.76 -10.83
N GLU B 82 -0.90 18.97 -11.81
CA GLU B 82 -1.88 17.91 -11.58
C GLU B 82 -1.36 16.90 -10.57
N ILE B 83 -2.28 16.13 -9.99
CA ILE B 83 -1.91 15.12 -9.00
C ILE B 83 -2.23 13.72 -9.50
N LYS B 84 -1.97 12.72 -8.67
CA LYS B 84 -2.23 11.33 -9.02
C LYS B 84 -3.53 10.84 -8.41
N LEU B 85 -4.54 10.67 -9.26
CA LEU B 85 -5.85 10.20 -8.80
C LEU B 85 -6.07 8.75 -9.20
N GLU B 86 -7.10 8.13 -8.62
CA GLU B 86 -7.42 6.74 -8.92
C GLU B 86 -8.73 6.32 -8.25
N LYS B 87 -9.18 5.10 -8.55
CA LYS B 87 -10.41 4.58 -7.97
C LYS B 87 -10.12 3.66 -6.80
N PRO B 88 -10.81 3.89 -5.67
CA PRO B 88 -10.62 3.08 -4.46
C PRO B 88 -10.71 1.58 -4.73
N LYS B 89 -10.29 0.78 -3.76
CA LYS B 89 -10.33 -0.67 -3.90
C LYS B 89 -9.84 -1.35 -2.62
N GLY B 90 -10.07 -2.65 -2.53
CA GLY B 90 -9.65 -3.39 -1.36
C GLY B 90 -8.14 -3.57 -1.29
N ARG B 91 -7.59 -3.43 -0.10
CA ARG B 91 -6.14 -3.57 0.10
C ARG B 91 -5.78 -3.46 1.57
N ASP B 92 -4.54 -3.85 1.89
CA ASP B 92 -4.06 -3.79 3.27
C ASP B 92 -2.53 -3.91 3.30
N SER B 93 -1.86 -2.81 2.99
CA SER B 93 -0.40 -2.79 2.99
C SER B 93 0.13 -1.42 3.39
N LYS B 94 0.75 -1.36 4.56
CA LYS B 94 1.30 -0.10 5.08
C LYS B 94 2.09 -0.36 6.36
N LYS B 95 2.01 0.58 7.30
CA LYS B 95 2.73 0.45 8.57
C LYS B 95 2.75 -1.01 9.03
N VAL B 96 1.70 -1.75 8.67
CA VAL B 96 1.60 -3.16 9.04
C VAL B 96 2.79 -3.97 8.54
N ARG B 97 3.54 -3.38 7.61
CA ARG B 97 4.72 -4.05 7.05
C ARG B 97 5.39 -4.96 8.07
N ALA B 98 5.95 -6.06 7.59
CA ALA B 98 6.63 -7.02 8.46
C ALA B 98 5.65 -8.05 9.00
N ALA B 99 4.36 -7.77 8.84
CA ALA B 99 3.32 -8.67 9.33
C ALA B 99 3.57 -10.10 8.84
N ARG B 100 3.71 -11.03 9.80
CA ARG B 100 3.94 -12.43 9.50
C ARG B 100 4.58 -12.63 8.13
N THR B 101 5.74 -12.01 7.92
CA THR B 101 6.44 -12.12 6.65
C THR B 101 7.93 -12.33 6.85
N LEU B 102 8.54 -13.11 5.96
CA LEU B 102 9.97 -13.40 6.05
C LEU B 102 10.69 -12.77 4.86
N LEU B 103 11.93 -12.34 5.08
CA LEU B 103 12.71 -11.70 4.02
C LEU B 103 13.68 -12.68 3.37
N ALA B 104 13.97 -12.45 2.09
CA ALA B 104 14.89 -13.29 1.33
C ALA B 104 16.06 -12.45 0.84
N LYS B 105 17.27 -13.00 0.91
CA LYS B 105 18.46 -12.27 0.47
C LYS B 105 19.16 -12.96 -0.70
N ASN B 106 19.47 -12.16 -1.72
CA ASN B 106 20.13 -12.62 -2.95
C ASN B 106 19.21 -12.52 -4.15
N LEU B 107 19.76 -12.10 -5.28
CA LEU B 107 18.98 -11.95 -6.51
C LEU B 107 19.87 -11.52 -7.66
N SER B 108 19.43 -11.80 -8.88
CA SER B 108 20.18 -11.45 -10.07
C SER B 108 19.51 -10.32 -10.84
N PHE B 109 18.39 -9.84 -10.30
CA PHE B 109 17.65 -8.75 -10.93
C PHE B 109 16.67 -9.31 -11.97
N ASN B 110 16.85 -10.57 -12.33
CA ASN B 110 15.99 -11.22 -13.30
C ASN B 110 14.99 -12.15 -12.62
N ILE B 111 15.30 -12.51 -11.38
CA ILE B 111 14.42 -13.40 -10.61
C ILE B 111 13.15 -12.68 -10.17
N THR B 112 12.15 -13.45 -9.78
CA THR B 112 10.88 -12.88 -9.33
C THR B 112 10.05 -13.90 -8.57
N GLU B 113 8.99 -13.43 -7.93
CA GLU B 113 8.09 -14.29 -7.14
C GLU B 113 8.07 -15.71 -7.70
N ASP B 114 8.10 -15.84 -9.02
CA ASP B 114 8.10 -17.14 -9.65
C ASP B 114 9.03 -18.08 -8.91
N GLU B 115 10.31 -17.70 -8.83
CA GLU B 115 11.30 -18.50 -8.13
C GLU B 115 11.06 -18.47 -6.63
N LEU B 116 10.67 -17.30 -6.13
CA LEU B 116 10.39 -17.14 -4.70
C LEU B 116 9.40 -18.18 -4.24
N LYS B 117 8.12 -17.99 -4.58
CA LYS B 117 7.08 -18.93 -4.20
C LYS B 117 7.47 -20.34 -4.65
N GLU B 118 8.19 -20.42 -5.75
CA GLU B 118 8.64 -21.70 -6.30
C GLU B 118 9.44 -22.47 -5.25
N VAL B 119 10.20 -21.73 -4.45
CA VAL B 119 11.02 -22.35 -3.40
C VAL B 119 10.18 -22.62 -2.16
N PHE B 120 9.29 -21.69 -1.83
CA PHE B 120 8.44 -21.84 -0.65
C PHE B 120 6.97 -21.85 -1.06
N GLU B 121 6.42 -23.04 -1.26
CA GLU B 121 5.02 -23.19 -1.66
C GLU B 121 4.10 -22.63 -0.58
N ASP B 122 4.07 -23.27 0.57
CA ASP B 122 3.22 -22.85 1.68
C ASP B 122 3.09 -21.33 1.72
N ALA B 123 4.16 -20.64 1.33
CA ALA B 123 4.16 -19.18 1.31
C ALA B 123 3.09 -18.64 0.37
N LEU B 124 1.94 -18.25 0.93
CA LEU B 124 0.85 -17.71 0.14
C LEU B 124 1.16 -16.30 -0.33
N GLU B 125 1.68 -15.48 0.58
CA GLU B 125 1.99 -14.09 0.26
C GLU B 125 3.46 -13.95 -0.12
N ILE B 126 3.69 -13.32 -1.27
CA ILE B 126 5.04 -13.11 -1.78
C ILE B 126 5.42 -11.63 -1.75
N ARG B 127 6.66 -11.33 -2.12
CA ARG B 127 7.16 -9.97 -2.14
C ARG B 127 8.63 -9.96 -2.62
N LEU B 128 9.15 -8.79 -2.96
CA LEU B 128 10.53 -8.70 -3.43
C LEU B 128 11.09 -7.29 -3.26
N VAL B 129 12.38 -7.20 -2.94
CA VAL B 129 13.04 -5.93 -2.75
C VAL B 129 13.95 -5.60 -3.94
N SER B 130 13.44 -4.76 -4.85
CA SER B 130 14.21 -4.38 -6.03
C SER B 130 13.43 -3.36 -6.86
N GLN B 131 13.05 -2.25 -6.23
CA GLN B 131 12.30 -1.20 -6.92
C GLN B 131 12.38 0.11 -6.14
N ASP B 132 13.58 0.44 -5.67
CA ASP B 132 13.78 1.67 -4.91
C ASP B 132 14.42 2.74 -5.79
N GLY B 133 14.22 2.62 -7.10
CA GLY B 133 14.79 3.59 -8.02
C GLY B 133 15.85 2.98 -8.92
N LYS B 134 16.73 2.17 -8.32
CA LYS B 134 17.80 1.53 -9.07
C LYS B 134 17.95 0.07 -8.64
N SER B 135 16.85 -0.55 -8.28
CA SER B 135 16.86 -1.95 -7.85
C SER B 135 17.72 -2.14 -6.61
N LYS B 136 17.75 -3.37 -6.10
CA LYS B 136 18.54 -3.68 -4.91
C LYS B 136 19.17 -5.06 -5.03
N GLY B 137 18.35 -6.09 -5.00
CA GLY B 137 18.85 -7.45 -5.11
C GLY B 137 18.47 -8.31 -3.92
N ILE B 138 17.25 -8.14 -3.43
CA ILE B 138 16.78 -8.93 -2.29
C ILE B 138 15.36 -9.43 -2.53
N ALA B 139 15.08 -10.64 -2.04
CA ALA B 139 13.77 -11.24 -2.18
C ALA B 139 12.97 -11.05 -0.89
N TYR B 140 11.67 -11.30 -0.94
CA TYR B 140 10.84 -11.12 0.25
C TYR B 140 9.61 -12.03 0.22
N ILE B 141 9.52 -12.93 1.19
CA ILE B 141 8.39 -13.85 1.29
C ILE B 141 7.42 -13.42 2.39
N GLU B 142 6.25 -14.05 2.43
CA GLU B 142 5.25 -13.73 3.44
C GLU B 142 4.23 -14.87 3.60
N PHE B 143 3.95 -15.22 4.85
CA PHE B 143 3.00 -16.30 5.14
C PHE B 143 1.79 -15.75 5.91
N LYS B 144 1.34 -16.48 6.94
CA LYS B 144 0.19 -16.05 7.72
C LYS B 144 0.58 -15.83 9.18
N SER B 145 1.73 -16.37 9.57
CA SER B 145 2.21 -16.23 10.94
C SER B 145 3.69 -16.59 11.04
N GLU B 146 4.30 -16.26 12.18
CA GLU B 146 5.71 -16.56 12.40
C GLU B 146 5.97 -18.05 12.27
N ALA B 147 4.99 -18.86 12.65
CA ALA B 147 5.11 -20.31 12.58
C ALA B 147 5.53 -20.75 11.19
N ASP B 148 4.65 -20.53 10.21
CA ASP B 148 4.93 -20.90 8.83
C ASP B 148 6.28 -20.38 8.39
N ALA B 149 6.51 -19.08 8.58
CA ALA B 149 7.76 -18.45 8.20
C ALA B 149 8.95 -19.22 8.76
N GLU B 150 8.86 -19.60 10.03
CA GLU B 150 9.92 -20.34 10.68
C GLU B 150 10.10 -21.71 10.03
N LYS B 151 9.02 -22.46 9.94
CA LYS B 151 9.06 -23.79 9.33
C LYS B 151 9.91 -23.77 8.06
N ASN B 152 9.41 -23.09 7.04
CA ASN B 152 10.12 -23.00 5.77
C ASN B 152 11.47 -22.32 5.96
N LEU B 153 11.50 -21.29 6.81
CA LEU B 153 12.72 -20.56 7.08
C LEU B 153 13.87 -21.52 7.39
N GLU B 154 13.59 -22.54 8.18
CA GLU B 154 14.60 -23.53 8.55
C GLU B 154 14.68 -24.65 7.51
N GLU B 155 13.58 -24.85 6.79
CA GLU B 155 13.52 -25.89 5.77
C GLU B 155 14.25 -25.47 4.51
N LYS B 156 13.60 -24.61 3.71
CA LYS B 156 14.19 -24.13 2.46
C LYS B 156 15.44 -23.30 2.74
N GLN B 157 15.59 -22.88 4.00
CA GLN B 157 16.74 -22.07 4.42
C GLN B 157 17.94 -22.25 3.50
N GLY B 158 17.96 -21.45 2.43
CA GLY B 158 19.06 -21.52 1.47
C GLY B 158 18.84 -22.56 0.40
N ALA B 159 18.21 -22.15 -0.71
CA ALA B 159 17.95 -23.05 -1.81
C ALA B 159 18.88 -22.75 -2.99
N GLU B 160 18.76 -21.54 -3.53
CA GLU B 160 19.59 -21.13 -4.65
C GLU B 160 19.09 -19.83 -5.26
N ILE B 161 18.21 -19.93 -6.26
CA ILE B 161 17.65 -18.76 -6.91
C ILE B 161 18.74 -17.86 -7.49
N ASP B 162 19.92 -18.44 -7.71
CA ASP B 162 21.05 -17.70 -8.26
C ASP B 162 22.37 -18.38 -7.93
N GLY B 163 22.48 -18.90 -6.72
CA GLY B 163 23.71 -19.56 -6.31
C GLY B 163 24.18 -19.14 -4.93
N ARG B 164 23.65 -18.01 -4.44
CA ARG B 164 24.03 -17.50 -3.13
C ARG B 164 23.27 -18.22 -2.02
N SER B 165 22.54 -19.27 -2.39
CA SER B 165 21.77 -20.05 -1.43
C SER B 165 20.82 -19.16 -0.64
N VAL B 166 20.11 -18.31 -1.37
CA VAL B 166 19.14 -17.36 -0.81
C VAL B 166 19.02 -17.45 0.71
N SER B 167 19.27 -16.34 1.39
CA SER B 167 19.18 -16.29 2.84
C SER B 167 17.84 -15.75 3.29
N LEU B 168 17.08 -16.59 3.97
CA LEU B 168 15.75 -16.20 4.46
C LEU B 168 15.80 -15.81 5.93
N TYR B 169 15.11 -14.72 6.26
CA TYR B 169 15.06 -14.22 7.63
C TYR B 169 13.61 -14.04 8.06
N TYR B 170 13.41 -13.80 9.36
CA TYR B 170 12.06 -13.63 9.89
C TYR B 170 11.73 -12.14 10.03
N THR B 171 10.53 -11.76 9.61
CA THR B 171 10.09 -10.37 9.70
C THR B 171 8.69 -10.28 10.29
N GLY B 172 8.53 -9.38 11.25
CA GLY B 172 7.23 -9.21 11.89
C GLY B 172 7.30 -9.37 13.40
N GLU B 173 7.50 -10.60 13.86
CA GLU B 173 7.59 -10.88 15.28
C GLU B 173 6.32 -10.42 16.01
N LYS B 174 6.46 -9.65 17.08
CA LYS B 174 5.31 -9.17 17.84
C LYS B 174 5.26 -7.65 17.85
N GLY B 175 6.16 -7.02 17.10
CA GLY B 175 6.19 -5.57 17.04
C GLY B 175 7.29 -5.05 16.12
N GLY B 1 -30.63 14.62 10.03
CA GLY B 1 -29.74 14.48 11.21
C GLY B 1 -28.67 13.42 11.01
N SER B 2 -27.80 13.64 10.04
CA SER B 2 -26.72 12.70 9.75
C SER B 2 -25.39 13.43 9.61
N HIS B 3 -24.65 13.52 10.71
CA HIS B 3 -23.36 14.18 10.71
C HIS B 3 -22.25 13.23 11.14
N MET B 4 -22.35 11.97 10.70
CA MET B 4 -21.36 10.96 11.03
C MET B 4 -19.96 11.42 10.64
N VAL B 5 -19.29 12.14 11.54
CA VAL B 5 -17.95 12.63 11.27
C VAL B 5 -16.89 11.68 11.83
N GLU B 6 -15.94 11.31 10.98
CA GLU B 6 -14.87 10.40 11.40
C GLU B 6 -15.41 9.29 12.29
N GLY B 7 -15.90 8.22 11.67
CA GLY B 7 -16.43 7.10 12.43
C GLY B 7 -15.36 6.28 13.08
N SER B 8 -14.12 6.49 12.67
CA SER B 8 -12.98 5.76 13.23
C SER B 8 -13.22 4.25 13.14
N GLU B 9 -13.89 3.82 12.08
CA GLU B 9 -14.18 2.40 11.89
C GLU B 9 -14.46 2.10 10.41
N SER B 10 -15.70 2.28 10.00
CA SER B 10 -16.09 2.02 8.61
C SER B 10 -16.36 3.33 7.87
N THR B 11 -17.29 4.12 8.39
CA THR B 11 -17.65 5.39 7.77
C THR B 11 -17.86 5.24 6.27
N THR B 12 -18.24 4.03 5.85
CA THR B 12 -18.50 3.75 4.44
C THR B 12 -17.24 3.26 3.73
N PRO B 13 -17.35 2.18 2.94
CA PRO B 13 -16.22 1.61 2.20
C PRO B 13 -15.68 2.54 1.12
N PHE B 14 -16.59 3.10 0.32
CA PHE B 14 -16.22 4.00 -0.77
C PHE B 14 -14.90 4.74 -0.47
N ASN B 15 -13.79 4.13 -0.87
CA ASN B 15 -12.48 4.71 -0.64
C ASN B 15 -11.76 4.97 -1.95
N LEU B 16 -11.21 6.17 -2.09
CA LEU B 16 -10.48 6.54 -3.30
C LEU B 16 -9.09 7.07 -2.96
N PHE B 17 -8.18 7.03 -3.93
CA PHE B 17 -6.82 7.50 -3.73
C PHE B 17 -6.57 8.79 -4.48
N ILE B 18 -5.77 9.67 -3.88
CA ILE B 18 -5.44 10.95 -4.50
C ILE B 18 -3.95 11.23 -4.43
N GLY B 19 -3.31 11.26 -5.60
CA GLY B 19 -1.89 11.52 -5.65
C GLY B 19 -1.54 12.75 -6.46
N ASN B 20 -0.28 13.17 -6.41
CA ASN B 20 0.17 14.34 -7.15
C ASN B 20 -0.64 15.56 -6.75
N LEU B 21 -0.46 16.02 -5.52
CA LEU B 21 -1.17 17.18 -5.01
C LEU B 21 -0.24 18.38 -4.87
N ASN B 22 1.00 18.11 -4.50
CA ASN B 22 1.99 19.16 -4.32
C ASN B 22 3.41 18.61 -4.39
N PRO B 23 4.36 19.40 -4.90
CA PRO B 23 5.76 19.01 -5.00
C PRO B 23 6.37 18.71 -3.64
N ASN B 24 6.11 19.61 -2.68
CA ASN B 24 6.62 19.44 -1.33
C ASN B 24 6.12 20.56 -0.41
N LYS B 25 4.95 21.09 -0.71
CA LYS B 25 4.36 22.16 0.09
C LYS B 25 3.83 21.62 1.42
N SER B 26 3.02 22.44 2.10
CA SER B 26 2.44 22.05 3.38
C SER B 26 1.30 21.07 3.20
N VAL B 27 1.62 19.78 3.29
CA VAL B 27 0.61 18.73 3.15
C VAL B 27 -0.70 19.17 3.79
N ALA B 28 -0.64 19.50 5.07
CA ALA B 28 -1.81 19.94 5.81
C ALA B 28 -2.78 20.71 4.90
N GLU B 29 -2.25 21.74 4.23
CA GLU B 29 -3.08 22.53 3.33
C GLU B 29 -3.74 21.64 2.30
N LEU B 30 -2.93 20.84 1.60
CA LEU B 30 -3.46 19.94 0.59
C LEU B 30 -4.77 19.32 1.08
N LYS B 31 -4.70 18.67 2.23
CA LYS B 31 -5.88 18.03 2.81
C LYS B 31 -7.05 18.99 2.83
N VAL B 32 -6.82 20.18 3.39
CA VAL B 32 -7.85 21.20 3.46
C VAL B 32 -8.37 21.54 2.08
N ALA B 33 -7.47 22.00 1.20
CA ALA B 33 -7.86 22.35 -0.15
C ALA B 33 -8.94 21.40 -0.66
N ILE B 34 -8.64 20.10 -0.59
CA ILE B 34 -9.59 19.09 -1.01
C ILE B 34 -10.83 19.16 -0.13
N SER B 35 -10.61 19.36 1.16
CA SER B 35 -11.71 19.47 2.12
C SER B 35 -12.63 20.60 1.70
N GLU B 36 -12.20 21.83 1.98
CA GLU B 36 -12.96 23.02 1.63
C GLU B 36 -13.68 22.80 0.30
N LEU B 37 -13.02 22.09 -0.61
CA LEU B 37 -13.58 21.79 -1.92
C LEU B 37 -14.76 20.83 -1.79
N PHE B 38 -14.53 19.72 -1.10
CA PHE B 38 -15.58 18.72 -0.90
C PHE B 38 -16.78 19.34 -0.20
N ALA B 39 -16.55 20.49 0.43
CA ALA B 39 -17.62 21.19 1.14
C ALA B 39 -18.49 21.97 0.15
N LYS B 40 -17.85 22.76 -0.69
CA LYS B 40 -18.55 23.56 -1.69
C LYS B 40 -19.06 22.69 -2.83
N ASN B 41 -18.65 21.43 -2.83
CA ASN B 41 -19.07 20.49 -3.86
C ASN B 41 -20.48 19.99 -3.61
N ASP B 42 -21.08 20.43 -2.50
CA ASP B 42 -22.44 20.04 -2.14
C ASP B 42 -22.42 18.75 -1.33
N LEU B 43 -22.15 17.63 -2.01
CA LEU B 43 -22.12 16.33 -1.34
C LEU B 43 -21.55 16.45 0.07
N ALA B 44 -20.22 16.33 0.18
CA ALA B 44 -19.50 16.43 1.45
C ALA B 44 -18.71 15.15 1.72
N VAL B 45 -17.39 15.28 1.77
CA VAL B 45 -16.51 14.14 2.02
C VAL B 45 -16.81 13.52 3.38
N VAL B 46 -16.59 12.22 3.49
CA VAL B 46 -16.83 11.51 4.74
C VAL B 46 -15.53 11.16 5.45
N ASP B 47 -14.51 10.80 4.67
CA ASP B 47 -13.21 10.45 5.23
C ASP B 47 -12.08 11.17 4.50
N VAL B 48 -11.12 11.67 5.26
CA VAL B 48 -9.98 12.38 4.69
C VAL B 48 -8.69 12.04 5.44
N ARG B 49 -7.95 11.07 4.92
CA ARG B 49 -6.70 10.64 5.55
C ARG B 49 -5.53 10.89 4.60
N THR B 50 -4.36 11.18 5.18
CA THR B 50 -3.16 11.43 4.39
C THR B 50 -2.17 10.28 4.49
N GLY B 51 -1.09 10.37 3.72
CA GLY B 51 -0.08 9.33 3.74
C GLY B 51 1.31 9.90 3.87
N THR B 52 1.85 9.87 5.09
CA THR B 52 3.19 10.38 5.34
C THR B 52 3.30 11.85 4.94
N ASN B 53 4.07 12.61 5.74
CA ASN B 53 4.27 14.04 5.51
C ASN B 53 3.94 14.44 4.08
N ARG B 54 4.46 13.71 3.11
CA ARG B 54 4.21 14.00 1.70
C ARG B 54 4.37 12.75 0.85
N LYS B 55 3.45 11.81 0.99
CA LYS B 55 3.48 10.57 0.22
C LYS B 55 2.26 10.45 -0.69
N PHE B 56 1.09 10.34 -0.07
CA PHE B 56 -0.16 10.22 -0.83
C PHE B 56 -1.33 10.75 0.00
N GLY B 57 -2.51 10.77 -0.61
CA GLY B 57 -3.69 11.26 0.08
C GLY B 57 -4.90 10.37 -0.15
N TYR B 58 -5.40 9.75 0.93
CA TYR B 58 -6.55 8.86 0.84
C TYR B 58 -7.81 9.58 1.31
N VAL B 59 -8.94 9.19 0.73
CA VAL B 59 -10.23 9.79 1.08
C VAL B 59 -11.39 8.84 0.79
N ASP B 60 -12.40 8.88 1.66
CA ASP B 60 -13.58 8.04 1.51
C ASP B 60 -14.78 8.90 1.13
N PHE B 61 -15.65 8.35 0.29
CA PHE B 61 -16.84 9.07 -0.16
C PHE B 61 -18.09 8.56 0.55
N GLU B 62 -19.10 9.42 0.63
CA GLU B 62 -20.35 9.07 1.29
C GLU B 62 -21.00 7.86 0.61
N SER B 63 -21.07 7.90 -0.72
CA SER B 63 -21.65 6.80 -1.47
C SER B 63 -21.67 7.12 -2.96
N ALA B 64 -21.90 6.10 -3.78
CA ALA B 64 -21.93 6.26 -5.23
C ALA B 64 -22.59 7.58 -5.61
N GLU B 65 -23.53 8.04 -4.78
CA GLU B 65 -24.24 9.28 -5.05
C GLU B 65 -23.27 10.44 -5.17
N ASP B 66 -22.64 10.81 -4.06
CA ASP B 66 -21.68 11.91 -4.06
C ASP B 66 -20.50 11.60 -4.96
N LEU B 67 -20.11 10.32 -5.00
CA LEU B 67 -19.00 9.89 -5.83
C LEU B 67 -19.24 10.23 -7.29
N GLU B 68 -20.45 9.96 -7.77
CA GLU B 68 -20.81 10.24 -9.15
C GLU B 68 -20.79 11.74 -9.41
N LYS B 69 -21.57 12.49 -8.64
CA LYS B 69 -21.64 13.94 -8.79
C LYS B 69 -20.24 14.55 -8.71
N ALA B 70 -19.44 14.04 -7.78
CA ALA B 70 -18.08 14.53 -7.59
C ALA B 70 -17.29 14.45 -8.90
N LEU B 71 -17.08 13.23 -9.39
CA LEU B 71 -16.34 13.02 -10.63
C LEU B 71 -16.82 13.97 -11.71
N GLU B 72 -18.13 14.20 -11.75
CA GLU B 72 -18.72 15.09 -12.74
C GLU B 72 -18.25 16.53 -12.54
N LEU B 73 -18.04 16.90 -11.27
CA LEU B 73 -17.59 18.24 -10.93
C LEU B 73 -16.07 18.30 -10.85
N THR B 74 -15.43 18.31 -12.02
CA THR B 74 -13.98 18.37 -12.09
C THR B 74 -13.43 19.52 -11.26
N GLY B 75 -12.14 19.80 -11.41
CA GLY B 75 -11.51 20.87 -10.68
C GLY B 75 -10.47 20.36 -9.70
N LEU B 76 -10.88 20.11 -8.47
CA LEU B 76 -9.96 19.61 -7.44
C LEU B 76 -8.68 20.45 -7.40
N LYS B 77 -7.54 19.79 -7.21
CA LYS B 77 -6.26 20.48 -7.16
C LYS B 77 -6.15 21.32 -5.88
N VAL B 78 -4.92 21.47 -5.38
CA VAL B 78 -4.68 22.24 -4.17
C VAL B 78 -4.30 23.68 -4.51
N PHE B 79 -3.38 23.84 -5.46
CA PHE B 79 -2.92 25.15 -5.87
C PHE B 79 -2.57 25.17 -7.35
N GLY B 80 -3.53 24.78 -8.18
CA GLY B 80 -3.31 24.76 -9.61
C GLY B 80 -2.72 23.45 -10.09
N ASN B 81 -1.77 22.91 -9.32
CA ASN B 81 -1.13 21.65 -9.67
C ASN B 81 -2.16 20.54 -9.82
N GLU B 82 -2.27 20.01 -11.04
CA GLU B 82 -3.22 18.95 -11.32
C GLU B 82 -2.99 17.75 -10.41
N ILE B 83 -4.05 16.99 -10.16
CA ILE B 83 -3.95 15.81 -9.30
C ILE B 83 -4.37 14.55 -10.05
N LYS B 84 -4.44 13.44 -9.32
CA LYS B 84 -4.83 12.16 -9.92
C LYS B 84 -5.72 11.36 -8.97
N LEU B 85 -6.94 11.08 -9.40
CA LEU B 85 -7.88 10.31 -8.59
C LEU B 85 -7.89 8.85 -9.02
N GLU B 86 -7.48 7.97 -8.11
CA GLU B 86 -7.44 6.54 -8.40
C GLU B 86 -8.31 5.76 -7.42
N LYS B 87 -8.45 4.46 -7.69
CA LYS B 87 -9.26 3.59 -6.84
C LYS B 87 -8.38 2.81 -5.87
N PRO B 88 -8.99 2.18 -4.86
CA PRO B 88 -8.28 1.41 -3.84
C PRO B 88 -7.24 0.47 -4.47
N LYS B 89 -6.06 0.43 -3.87
CA LYS B 89 -4.98 -0.42 -4.36
C LYS B 89 -4.17 -0.99 -3.20
N GLY B 90 -4.84 -1.25 -2.08
CA GLY B 90 -4.16 -1.80 -0.92
C GLY B 90 -5.08 -1.92 0.28
N ARG B 91 -4.69 -2.75 1.23
CA ARG B 91 -5.49 -2.97 2.44
C ARG B 91 -4.96 -2.12 3.60
N ASP B 92 -3.73 -1.65 3.47
CA ASP B 92 -3.11 -0.83 4.50
C ASP B 92 -1.60 -0.72 4.27
N SER B 93 -0.89 -1.81 4.50
CA SER B 93 0.56 -1.84 4.33
C SER B 93 1.23 -0.76 5.17
N LYS B 94 1.42 0.41 4.57
CA LYS B 94 2.06 1.53 5.28
C LYS B 94 1.66 1.55 6.75
N LYS B 95 2.63 1.80 7.61
CA LYS B 95 2.39 1.86 9.05
C LYS B 95 2.44 0.46 9.65
N VAL B 96 1.78 -0.50 9.00
CA VAL B 96 1.76 -1.87 9.48
C VAL B 96 2.95 -2.66 8.93
N ARG B 97 3.98 -1.94 8.49
CA ARG B 97 5.17 -2.58 7.95
C ARG B 97 4.80 -3.74 7.03
N ALA B 98 3.84 -3.51 6.15
CA ALA B 98 3.40 -4.54 5.21
C ALA B 98 2.32 -5.41 5.84
N ALA B 99 2.55 -5.82 7.09
CA ALA B 99 1.60 -6.66 7.80
C ALA B 99 1.57 -8.07 7.25
N ARG B 100 2.10 -9.01 8.03
CA ARG B 100 2.13 -10.42 7.63
C ARG B 100 2.94 -10.60 6.34
N THR B 101 4.16 -10.09 6.33
CA THR B 101 5.03 -10.21 5.17
C THR B 101 6.41 -10.70 5.55
N LEU B 102 7.25 -10.95 4.55
CA LEU B 102 8.60 -11.44 4.78
C LEU B 102 9.53 -10.98 3.65
N LEU B 103 10.67 -10.41 4.03
CA LEU B 103 11.64 -9.91 3.05
C LEU B 103 12.76 -10.93 2.85
N ALA B 104 13.34 -10.93 1.64
CA ALA B 104 14.43 -11.86 1.31
C ALA B 104 15.69 -11.10 0.93
N LYS B 105 16.83 -11.78 0.97
CA LYS B 105 18.11 -11.17 0.64
C LYS B 105 19.01 -12.14 -0.13
N ASN B 106 19.80 -11.59 -1.03
CA ASN B 106 20.74 -12.38 -1.86
C ASN B 106 20.14 -12.70 -3.21
N LEU B 107 19.16 -13.61 -3.22
CA LEU B 107 18.50 -14.00 -4.46
C LEU B 107 19.37 -14.97 -5.27
N SER B 108 20.62 -14.59 -5.50
CA SER B 108 21.56 -15.41 -6.26
C SER B 108 21.50 -15.07 -7.74
N PHE B 109 20.79 -14.00 -8.07
CA PHE B 109 20.65 -13.56 -9.45
C PHE B 109 20.62 -14.74 -10.41
N ASN B 110 19.97 -15.82 -9.99
CA ASN B 110 19.87 -17.02 -10.81
C ASN B 110 18.81 -17.97 -10.27
N ILE B 111 17.82 -17.40 -9.58
CA ILE B 111 16.74 -18.20 -9.00
C ILE B 111 15.38 -17.79 -9.58
N THR B 112 15.10 -16.49 -9.55
CA THR B 112 13.85 -15.97 -10.07
C THR B 112 12.66 -16.58 -9.34
N GLU B 113 11.45 -16.15 -9.72
CA GLU B 113 10.23 -16.67 -9.11
C GLU B 113 10.09 -18.17 -9.33
N ASP B 114 10.76 -18.67 -10.36
CA ASP B 114 10.70 -20.11 -10.67
C ASP B 114 10.80 -20.91 -9.38
N GLU B 115 12.01 -21.04 -8.86
CA GLU B 115 12.25 -21.80 -7.63
C GLU B 115 11.87 -20.97 -6.41
N LEU B 116 12.33 -19.72 -6.37
CA LEU B 116 12.04 -18.83 -5.26
C LEU B 116 10.54 -18.84 -4.95
N LYS B 117 9.73 -18.51 -5.95
CA LYS B 117 8.29 -18.49 -5.78
C LYS B 117 7.76 -19.90 -5.51
N GLU B 118 8.25 -20.86 -6.27
CA GLU B 118 7.82 -22.25 -6.10
C GLU B 118 7.74 -22.58 -4.62
N VAL B 119 8.90 -22.84 -4.01
CA VAL B 119 8.96 -23.18 -2.59
C VAL B 119 7.89 -22.45 -1.80
N PHE B 120 7.54 -21.24 -2.24
CA PHE B 120 6.53 -20.44 -1.56
C PHE B 120 5.19 -20.57 -2.28
N GLU B 121 4.50 -21.69 -2.05
CA GLU B 121 3.20 -21.94 -2.66
C GLU B 121 2.11 -21.15 -1.95
N ASP B 122 2.44 -20.60 -0.78
CA ASP B 122 1.50 -19.81 -0.01
C ASP B 122 1.78 -18.33 -0.14
N ALA B 123 3.03 -18.00 -0.47
CA ALA B 123 3.44 -16.61 -0.63
C ALA B 123 2.37 -15.81 -1.35
N LEU B 124 1.58 -15.07 -0.59
CA LEU B 124 0.51 -14.26 -1.16
C LEU B 124 1.02 -13.48 -2.38
N GLU B 125 2.07 -12.70 -2.18
CA GLU B 125 2.64 -11.90 -3.26
C GLU B 125 4.15 -12.08 -3.35
N ILE B 126 4.67 -12.15 -4.56
CA ILE B 126 6.10 -12.31 -4.78
C ILE B 126 6.70 -11.07 -5.45
N ARG B 127 7.61 -10.41 -4.74
CA ARG B 127 8.25 -9.21 -5.26
C ARG B 127 9.75 -9.22 -4.96
N LEU B 128 10.55 -9.38 -6.00
CA LEU B 128 12.01 -9.40 -5.87
C LEU B 128 12.60 -8.06 -6.30
N VAL B 129 13.70 -7.68 -5.66
CA VAL B 129 14.34 -6.40 -5.99
C VAL B 129 15.84 -6.57 -6.22
N SER B 130 16.22 -6.78 -7.49
CA SER B 130 17.61 -6.95 -7.85
C SER B 130 18.11 -5.76 -8.66
N GLN B 131 17.18 -4.91 -9.07
CA GLN B 131 17.53 -3.71 -9.85
C GLN B 131 17.93 -4.08 -11.27
N ASP B 132 17.07 -3.76 -12.23
CA ASP B 132 17.34 -4.04 -13.63
C ASP B 132 18.30 -3.00 -14.22
N GLY B 133 18.51 -1.92 -13.48
CA GLY B 133 19.41 -0.88 -13.94
C GLY B 133 20.82 -1.04 -13.41
N LYS B 134 20.93 -1.44 -12.15
CA LYS B 134 22.23 -1.63 -11.52
C LYS B 134 22.31 -3.01 -10.87
N SER B 135 21.94 -3.08 -9.59
CA SER B 135 21.99 -4.34 -8.85
C SER B 135 21.34 -4.18 -7.48
N LYS B 136 21.46 -5.21 -6.65
CA LYS B 136 20.90 -5.21 -5.31
C LYS B 136 20.87 -6.62 -4.73
N GLY B 137 20.56 -7.58 -5.59
CA GLY B 137 20.51 -8.97 -5.17
C GLY B 137 19.67 -9.19 -3.93
N ILE B 138 18.51 -8.54 -3.87
CA ILE B 138 17.62 -8.70 -2.72
C ILE B 138 16.20 -9.03 -3.19
N ALA B 139 15.50 -9.83 -2.41
CA ALA B 139 14.14 -10.23 -2.75
C ALA B 139 13.15 -9.82 -1.66
N TYR B 140 11.86 -10.02 -1.94
CA TYR B 140 10.82 -9.67 -0.98
C TYR B 140 9.54 -10.45 -1.27
N ILE B 141 8.86 -10.90 -0.21
CA ILE B 141 7.63 -11.65 -0.36
C ILE B 141 6.60 -11.23 0.69
N GLU B 142 5.39 -11.77 0.58
CA GLU B 142 4.32 -11.44 1.51
C GLU B 142 3.40 -12.64 1.72
N PHE B 143 3.07 -12.92 2.98
CA PHE B 143 2.20 -14.04 3.30
C PHE B 143 0.88 -13.56 3.90
N LYS B 144 0.06 -14.51 4.34
CA LYS B 144 -1.23 -14.19 4.93
C LYS B 144 -1.15 -14.18 6.45
N SER B 145 0.01 -14.58 6.98
CA SER B 145 0.22 -14.62 8.42
C SER B 145 1.68 -14.91 8.76
N GLU B 146 2.02 -14.84 10.03
CA GLU B 146 3.38 -15.10 10.48
C GLU B 146 3.63 -16.59 10.62
N ALA B 147 2.56 -17.36 10.75
CA ALA B 147 2.66 -18.81 10.88
C ALA B 147 3.50 -19.40 9.75
N ASP B 148 3.07 -19.15 8.52
CA ASP B 148 3.77 -19.66 7.35
C ASP B 148 5.00 -18.81 7.05
N ALA B 149 4.94 -17.53 7.43
CA ALA B 149 6.04 -16.61 7.23
C ALA B 149 7.29 -17.08 7.96
N GLU B 150 7.14 -17.31 9.27
CA GLU B 150 8.26 -17.77 10.09
C GLU B 150 8.52 -19.26 9.86
N LYS B 151 7.49 -20.07 10.01
CA LYS B 151 7.62 -21.51 9.81
C LYS B 151 8.56 -21.79 8.64
N ASN B 152 8.15 -21.34 7.45
CA ASN B 152 8.96 -21.53 6.26
C ASN B 152 10.30 -20.81 6.41
N LEU B 153 10.24 -19.60 6.95
CA LEU B 153 11.45 -18.79 7.16
C LEU B 153 12.65 -19.66 7.50
N GLU B 154 12.58 -20.32 8.65
CA GLU B 154 13.67 -21.17 9.11
C GLU B 154 13.67 -22.53 8.41
N GLU B 155 12.51 -22.96 7.92
CA GLU B 155 12.42 -24.26 7.26
C GLU B 155 12.76 -24.16 5.77
N LYS B 156 11.78 -23.74 4.98
CA LYS B 156 11.97 -23.60 3.54
C LYS B 156 12.41 -22.19 3.16
N GLN B 157 11.42 -21.29 3.14
CA GLN B 157 11.61 -19.87 2.79
C GLN B 157 13.00 -19.61 2.23
N GLY B 158 13.34 -20.30 1.15
CA GLY B 158 14.64 -20.14 0.54
C GLY B 158 15.69 -21.02 1.17
N ALA B 159 15.65 -22.31 0.82
CA ALA B 159 16.60 -23.28 1.36
C ALA B 159 17.87 -23.32 0.53
N GLU B 160 18.55 -24.46 0.55
CA GLU B 160 19.79 -24.62 -0.21
C GLU B 160 19.59 -24.21 -1.66
N ILE B 161 19.76 -22.91 -1.93
CA ILE B 161 19.59 -22.38 -3.27
C ILE B 161 20.88 -21.70 -3.75
N ASP B 162 21.51 -20.94 -2.86
CA ASP B 162 22.74 -20.25 -3.17
C ASP B 162 23.86 -20.67 -2.23
N GLY B 163 23.50 -21.40 -1.19
CA GLY B 163 24.48 -21.87 -0.21
C GLY B 163 24.10 -21.51 1.20
N ARG B 164 24.20 -20.22 1.54
CA ARG B 164 23.85 -19.76 2.88
C ARG B 164 22.41 -20.12 3.22
N SER B 165 21.64 -20.45 2.19
CA SER B 165 20.24 -20.82 2.36
C SER B 165 19.36 -19.59 2.44
N VAL B 166 19.57 -18.68 1.49
CA VAL B 166 18.80 -17.44 1.40
C VAL B 166 18.83 -16.65 2.71
N SER B 167 18.96 -15.34 2.61
CA SER B 167 18.96 -14.48 3.79
C SER B 167 17.58 -13.85 3.94
N LEU B 168 16.73 -14.49 4.71
CA LEU B 168 15.36 -14.02 4.91
C LEU B 168 15.20 -13.22 6.20
N TYR B 169 14.01 -12.65 6.37
CA TYR B 169 13.68 -11.86 7.55
C TYR B 169 12.18 -11.62 7.61
N TYR B 170 11.66 -11.36 8.81
CA TYR B 170 10.24 -11.12 8.99
C TYR B 170 9.93 -9.63 9.04
N THR B 171 8.89 -9.22 8.32
CA THR B 171 8.49 -7.83 8.27
C THR B 171 6.99 -7.68 8.49
N GLY B 172 6.60 -6.71 9.31
CA GLY B 172 5.19 -6.50 9.60
C GLY B 172 4.96 -6.07 11.04
N GLU B 173 4.86 -7.06 11.93
CA GLU B 173 4.62 -6.78 13.34
C GLU B 173 5.94 -6.52 14.07
N LYS B 174 7.00 -6.30 13.29
CA LYS B 174 8.32 -6.03 13.86
C LYS B 174 8.39 -4.62 14.43
N GLY B 175 7.76 -3.67 13.73
CA GLY B 175 7.77 -2.30 14.18
C GLY B 175 6.54 -1.96 15.02
#